data_6S87
#
_entry.id   6S87
#
_cell.length_a   51.640
_cell.length_b   86.760
_cell.length_c   161.840
_cell.angle_alpha   90.000
_cell.angle_beta   95.890
_cell.angle_gamma   90.000
#
_symmetry.space_group_name_H-M   'P 1 21 1'
#
loop_
_entity.id
_entity.type
_entity.pdbx_description
1 polymer 'Citrate synthase'
2 non-polymer GLYCEROL
3 non-polymer 'OXALOACETATE ION'
4 water water
#
_entity_poly.entity_id   1
_entity_poly.type   'polypeptide(L)'
_entity_poly.pdbx_seq_one_letter_code
;MAEAKVLSGAGLRGQVAGQTALSTVGQEGAGLTYRGYDVRDLAAAAIFEEVAYLLLYGELPNKQQLDAYLKKLQGQRDLP
QALKEVLERIPKDAHPMDVMRTGASVLGTLEPELSFDQQRDVADRLLAAFPAIMTYWYRFTHEGQRIDCNSDEPTIGGHF
LALLHGKKPSELHVKVMNVSLILYAEHEFNASTFTARVCASTLSDLYSCVTGAIGSLRGPLHGGANEAAMELIERFSSPQ
EATAELLKMLERKDKIMGFGHAIYKDSDPRNEVIKGWSKQLADEVGDKVLFAVSEAIDKTMWEQKKLFPNADFYHASAYH
FMGIPTKLFTPIFVCSRTSGWTAHVFEQRANNRIIRPSAEYTGVEQRAFVPLEQR
;
_entity_poly.pdbx_strand_id   A,B,C,D
#
# COMPACT_ATOMS: atom_id res chain seq x y z
N ALA A 17 32.12 -14.76 -14.35
CA ALA A 17 31.32 -14.41 -15.58
C ALA A 17 32.20 -13.80 -16.68
N GLY A 18 33.42 -13.39 -16.33
CA GLY A 18 34.44 -12.90 -17.27
C GLY A 18 35.78 -12.73 -16.56
N GLN A 19 36.79 -12.21 -17.25
CA GLN A 19 38.13 -11.92 -16.66
C GLN A 19 38.45 -10.45 -16.88
N THR A 20 39.10 -9.80 -15.90
CA THR A 20 39.49 -8.38 -16.05
C THR A 20 40.85 -8.07 -15.44
N ALA A 21 41.57 -7.10 -16.01
CA ALA A 21 42.83 -6.60 -15.42
C ALA A 21 42.64 -5.17 -14.91
N LEU A 22 41.44 -4.60 -15.07
CA LEU A 22 41.20 -3.18 -14.74
C LEU A 22 41.20 -2.84 -13.24
N SER A 23 40.59 -3.66 -12.39
CA SER A 23 40.43 -3.27 -10.97
C SER A 23 40.16 -4.45 -10.03
N THR A 24 40.46 -4.27 -8.74
CA THR A 24 40.16 -5.25 -7.66
C THR A 24 39.49 -4.46 -6.53
N VAL A 25 38.46 -5.04 -5.93
CA VAL A 25 37.63 -4.36 -4.90
C VAL A 25 37.57 -5.22 -3.65
N GLY A 26 37.94 -4.66 -2.51
CA GLY A 26 37.81 -5.38 -1.22
C GLY A 26 38.95 -6.32 -0.92
N GLN A 27 40.01 -6.30 -1.71
CA GLN A 27 41.12 -7.24 -1.43
C GLN A 27 42.10 -6.57 -0.45
N GLU A 28 42.99 -7.36 0.15
CA GLU A 28 43.96 -6.88 1.17
C GLU A 28 44.88 -5.77 0.63
N GLY A 29 45.30 -4.85 1.50
CA GLY A 29 46.18 -3.72 1.11
C GLY A 29 45.32 -2.55 0.71
N ALA A 30 45.47 -2.03 -0.50
CA ALA A 30 44.55 -0.97 -0.94
C ALA A 30 43.19 -1.63 -1.24
N GLY A 31 42.12 -1.06 -0.67
CA GLY A 31 40.76 -1.60 -0.80
C GLY A 31 40.28 -1.52 -2.23
N LEU A 32 40.71 -0.48 -2.95
CA LEU A 32 40.32 -0.32 -4.37
C LEU A 32 41.54 0.09 -5.19
N THR A 33 41.86 -0.70 -6.20
CA THR A 33 43.00 -0.43 -7.12
C THR A 33 42.49 -0.37 -8.57
N TYR A 34 43.10 0.50 -9.37
CA TYR A 34 42.91 0.61 -10.82
C TYR A 34 44.28 0.22 -11.46
N ARG A 35 44.31 -0.91 -12.17
CA ARG A 35 45.55 -1.53 -12.72
C ARG A 35 46.66 -1.44 -11.65
N GLY A 36 46.32 -1.83 -10.42
CA GLY A 36 47.30 -1.96 -9.32
C GLY A 36 47.58 -0.68 -8.51
N TYR A 37 47.11 0.51 -8.93
CA TYR A 37 47.32 1.77 -8.19
C TYR A 37 46.16 2.03 -7.21
N ASP A 38 46.51 2.39 -5.98
CA ASP A 38 45.53 2.77 -4.92
C ASP A 38 44.69 3.97 -5.39
N VAL A 39 43.34 3.83 -5.39
CA VAL A 39 42.43 4.95 -5.79
C VAL A 39 42.72 6.18 -4.91
N ARG A 40 43.16 6.00 -3.66
CA ARG A 40 43.39 7.17 -2.76
C ARG A 40 44.64 7.93 -3.27
N ASP A 41 45.65 7.26 -3.81
CA ASP A 41 46.87 7.96 -4.34
C ASP A 41 46.47 8.70 -5.63
N LEU A 42 45.71 8.05 -6.52
CA LEU A 42 45.24 8.67 -7.78
C LEU A 42 44.41 9.93 -7.46
N ALA A 43 43.46 9.85 -6.54
CA ALA A 43 42.54 11.00 -6.30
C ALA A 43 43.31 12.19 -5.69
N ALA A 44 44.38 11.91 -4.94
CA ALA A 44 45.23 12.94 -4.30
C ALA A 44 46.10 13.61 -5.35
N ALA A 45 46.77 12.83 -6.19
CA ALA A 45 47.92 13.34 -6.99
C ALA A 45 47.61 13.48 -8.48
N ALA A 46 46.46 13.03 -9.00
CA ALA A 46 46.19 12.99 -10.48
C ALA A 46 44.99 13.87 -10.89
N ILE A 47 44.94 14.27 -12.16
CA ILE A 47 43.68 14.77 -12.81
C ILE A 47 42.91 13.56 -13.37
N PHE A 48 41.58 13.68 -13.59
CA PHE A 48 40.77 12.57 -14.16
C PHE A 48 41.38 12.05 -15.47
N GLU A 49 41.90 12.96 -16.30
CA GLU A 49 42.43 12.60 -17.63
C GLU A 49 43.57 11.57 -17.45
N GLU A 50 44.32 11.64 -16.36
CA GLU A 50 45.43 10.66 -16.13
C GLU A 50 44.84 9.29 -15.86
N VAL A 51 43.75 9.25 -15.10
CA VAL A 51 43.04 7.96 -14.78
C VAL A 51 42.26 7.41 -15.99
N ALA A 52 41.57 8.24 -16.79
CA ALA A 52 40.92 7.82 -18.04
C ALA A 52 41.99 7.20 -18.97
N TYR A 53 43.12 7.87 -19.15
CA TYR A 53 44.25 7.33 -19.92
C TYR A 53 44.72 5.95 -19.39
N LEU A 54 44.88 5.79 -18.09
CA LEU A 54 45.31 4.52 -17.45
C LEU A 54 44.33 3.41 -17.80
N LEU A 55 43.04 3.70 -17.70
CA LEU A 55 42.00 2.66 -17.97
C LEU A 55 41.97 2.33 -19.48
N LEU A 56 41.93 3.33 -20.37
CA LEU A 56 41.64 3.16 -21.80
C LEU A 56 42.93 2.70 -22.54
N TYR A 57 44.11 3.22 -22.13
CA TYR A 57 45.41 3.02 -22.83
C TYR A 57 46.40 2.08 -22.09
N GLY A 58 46.25 1.82 -20.80
CA GLY A 58 46.96 0.73 -20.08
C GLY A 58 48.03 1.14 -19.09
N GLU A 59 48.50 2.39 -19.10
CA GLU A 59 49.54 2.90 -18.17
C GLU A 59 49.28 4.36 -17.81
N LEU A 60 49.88 4.84 -16.73
CA LEU A 60 49.75 6.29 -16.43
C LEU A 60 50.51 7.02 -17.53
N PRO A 61 50.00 8.14 -18.10
CA PRO A 61 50.68 8.80 -19.19
C PRO A 61 51.86 9.63 -18.69
N ASN A 62 52.88 9.76 -19.52
CA ASN A 62 54.03 10.64 -19.21
C ASN A 62 53.66 12.07 -19.59
N LYS A 63 54.54 13.02 -19.35
CA LYS A 63 54.16 14.43 -19.60
C LYS A 63 53.80 14.71 -21.06
N GLN A 64 54.57 14.18 -22.01
CA GLN A 64 54.25 14.42 -23.43
C GLN A 64 52.92 13.75 -23.77
N GLN A 65 52.69 12.55 -23.27
CA GLN A 65 51.42 11.83 -23.56
C GLN A 65 50.22 12.59 -22.96
N LEU A 66 50.35 13.10 -21.75
CA LEU A 66 49.22 13.81 -21.08
C LEU A 66 48.92 15.12 -21.82
N ASP A 67 49.95 15.85 -22.18
CA ASP A 67 49.80 17.15 -22.87
C ASP A 67 48.99 16.94 -24.16
N ALA A 68 49.34 15.92 -24.93
CA ALA A 68 48.67 15.61 -26.21
C ALA A 68 47.26 15.07 -25.95
N TYR A 69 47.05 14.31 -24.89
CA TYR A 69 45.69 13.79 -24.61
C TYR A 69 44.75 14.93 -24.23
N LEU A 70 45.23 15.86 -23.41
CA LEU A 70 44.41 17.03 -22.99
C LEU A 70 44.07 17.85 -24.24
N LYS A 71 45.04 18.09 -25.13
CA LYS A 71 44.73 18.86 -26.36
C LYS A 71 43.70 18.11 -27.21
N LYS A 72 43.81 16.80 -27.32
CA LYS A 72 42.84 16.03 -28.13
C LYS A 72 41.42 16.14 -27.54
N LEU A 73 41.27 15.94 -26.23
CA LEU A 73 39.94 15.98 -25.55
C LEU A 73 39.34 17.39 -25.63
N GLN A 74 40.20 18.40 -25.57
CA GLN A 74 39.79 19.83 -25.67
C GLN A 74 39.12 20.11 -27.01
N GLY A 75 39.52 19.43 -28.10
CA GLY A 75 38.92 19.67 -29.43
C GLY A 75 37.72 18.78 -29.72
N GLN A 76 37.28 18.00 -28.74
CA GLN A 76 36.14 17.08 -28.93
C GLN A 76 34.98 17.43 -27.99
N ARG A 77 34.89 18.67 -27.53
CA ARG A 77 33.85 19.11 -26.57
C ARG A 77 32.57 19.65 -27.22
N ASP A 78 32.59 20.12 -28.48
CA ASP A 78 31.38 20.73 -29.13
C ASP A 78 30.43 19.67 -29.68
N LEU A 79 29.14 20.00 -29.80
CA LEU A 79 28.12 19.04 -30.25
C LEU A 79 27.77 19.41 -31.69
N PRO A 80 27.55 18.43 -32.58
CA PRO A 80 27.00 18.70 -33.91
C PRO A 80 25.67 19.48 -33.83
N GLN A 81 25.38 20.31 -34.85
CA GLN A 81 24.11 21.07 -34.95
C GLN A 81 22.92 20.11 -34.77
N ALA A 82 22.92 18.97 -35.45
CA ALA A 82 21.78 18.02 -35.46
C ALA A 82 21.53 17.51 -34.03
N LEU A 83 22.60 17.24 -33.27
CA LEU A 83 22.46 16.76 -31.86
C LEU A 83 21.83 17.87 -31.01
N LYS A 84 22.34 19.10 -31.08
CA LYS A 84 21.74 20.24 -30.36
C LYS A 84 20.23 20.28 -30.66
N GLU A 85 19.82 20.09 -31.92
CA GLU A 85 18.41 20.31 -32.31
C GLU A 85 17.58 19.20 -31.71
N VAL A 86 18.17 18.00 -31.54
CA VAL A 86 17.46 16.87 -30.88
C VAL A 86 17.24 17.19 -29.39
N LEU A 87 18.27 17.65 -28.70
CA LEU A 87 18.21 17.90 -27.23
C LEU A 87 17.19 19.02 -26.95
N GLU A 88 16.99 19.94 -27.90
CA GLU A 88 15.98 21.04 -27.76
C GLU A 88 14.57 20.48 -27.71
N ARG A 89 14.36 19.27 -28.17
CA ARG A 89 13.04 18.64 -28.29
C ARG A 89 12.83 17.67 -27.14
N ILE A 90 13.79 17.49 -26.20
CA ILE A 90 13.54 16.63 -25.03
C ILE A 90 12.92 17.50 -23.95
N PRO A 91 11.74 17.12 -23.40
CA PRO A 91 11.05 17.97 -22.41
C PRO A 91 11.86 18.33 -21.15
N LYS A 92 11.58 19.51 -20.58
CA LYS A 92 12.23 20.08 -19.37
C LYS A 92 12.14 19.12 -18.18
N ASP A 93 11.05 18.40 -18.04
CA ASP A 93 10.85 17.54 -16.86
C ASP A 93 11.26 16.08 -17.18
N ALA A 94 11.97 15.82 -18.29
CA ALA A 94 12.49 14.46 -18.59
C ALA A 94 13.50 14.03 -17.50
N HIS A 95 13.61 12.73 -17.24
CA HIS A 95 14.69 12.17 -16.39
C HIS A 95 16.02 12.53 -17.05
N PRO A 96 16.94 13.28 -16.39
CA PRO A 96 18.25 13.56 -16.98
C PRO A 96 19.09 12.34 -17.42
N MET A 97 18.86 11.17 -16.86
CA MET A 97 19.56 9.93 -17.34
C MET A 97 19.03 9.56 -18.75
N ASP A 98 17.73 9.76 -19.04
CA ASP A 98 17.14 9.55 -20.39
C ASP A 98 17.73 10.54 -21.41
N VAL A 99 18.22 11.67 -20.90
CA VAL A 99 18.88 12.69 -21.76
C VAL A 99 20.27 12.17 -22.15
N MET A 100 21.00 11.62 -21.19
CA MET A 100 22.34 11.05 -21.49
C MET A 100 22.18 9.85 -22.42
N ARG A 101 21.18 9.00 -22.19
CA ARG A 101 20.89 7.82 -23.03
C ARG A 101 20.62 8.28 -24.48
N THR A 102 19.72 9.26 -24.64
CA THR A 102 19.35 9.80 -25.97
C THR A 102 20.55 10.43 -26.67
N GLY A 103 21.36 11.18 -25.95
CA GLY A 103 22.53 11.85 -26.53
C GLY A 103 23.54 10.86 -27.11
N ALA A 104 23.85 9.81 -26.37
CA ALA A 104 24.80 8.79 -26.86
C ALA A 104 24.21 8.09 -28.08
N SER A 105 22.92 7.77 -28.08
CA SER A 105 22.25 7.08 -29.21
C SER A 105 22.34 7.92 -30.49
N VAL A 106 22.11 9.23 -30.38
CA VAL A 106 22.12 10.16 -31.55
C VAL A 106 23.55 10.36 -32.06
N LEU A 107 24.51 10.52 -31.16
CA LEU A 107 25.92 10.76 -31.54
C LEU A 107 26.47 9.55 -32.34
N GLY A 108 26.05 8.33 -32.02
CA GLY A 108 26.43 7.11 -32.74
C GLY A 108 25.94 7.07 -34.21
N THR A 109 24.84 7.76 -34.53
CA THR A 109 24.36 7.89 -35.96
C THR A 109 25.17 8.96 -36.68
N LEU A 110 25.75 9.92 -36.00
CA LEU A 110 26.39 11.09 -36.63
C LEU A 110 27.89 10.84 -36.78
N GLU A 111 28.54 10.10 -35.85
CA GLU A 111 30.01 9.87 -35.84
C GLU A 111 30.24 8.41 -35.57
N PRO A 112 29.85 7.54 -36.52
CA PRO A 112 29.77 6.10 -36.30
C PRO A 112 31.14 5.46 -36.03
N GLU A 113 31.10 4.36 -35.28
CA GLU A 113 32.24 3.45 -35.00
C GLU A 113 32.23 2.43 -36.14
N LEU A 114 32.98 2.73 -37.20
CA LEU A 114 33.00 1.92 -38.45
C LEU A 114 33.86 0.67 -38.24
N SER A 115 34.86 0.75 -37.36
CA SER A 115 35.85 -0.31 -37.10
C SER A 115 36.17 -0.30 -35.61
N PHE A 116 36.42 -1.47 -35.00
CA PHE A 116 36.96 -1.56 -33.62
C PHE A 116 38.29 -0.81 -33.57
N ASP A 117 38.93 -0.49 -34.72
CA ASP A 117 40.18 0.32 -34.71
C ASP A 117 39.93 1.74 -34.18
N GLN A 118 38.71 2.26 -34.30
CA GLN A 118 38.34 3.61 -33.83
C GLN A 118 37.96 3.58 -32.33
N GLN A 119 37.99 2.43 -31.65
CA GLN A 119 37.25 2.24 -30.35
C GLN A 119 37.74 3.24 -29.30
N ARG A 120 39.06 3.48 -29.16
CA ARG A 120 39.58 4.46 -28.14
C ARG A 120 39.21 5.89 -28.56
N ASP A 121 39.18 6.21 -29.87
CA ASP A 121 38.72 7.56 -30.34
C ASP A 121 37.24 7.82 -29.97
N VAL A 122 36.37 6.84 -30.13
CA VAL A 122 34.93 6.97 -29.74
C VAL A 122 34.82 7.12 -28.20
N ALA A 123 35.55 6.36 -27.38
CA ALA A 123 35.51 6.46 -25.89
C ALA A 123 35.92 7.87 -25.51
N ASP A 124 36.99 8.40 -26.12
CA ASP A 124 37.48 9.77 -25.86
C ASP A 124 36.41 10.82 -26.21
N ARG A 125 35.77 10.64 -27.36
CA ARG A 125 34.70 11.58 -27.77
C ARG A 125 33.61 11.59 -26.71
N LEU A 126 33.18 10.43 -26.25
CA LEU A 126 32.09 10.41 -25.25
C LEU A 126 32.53 11.11 -23.95
N LEU A 127 33.76 10.90 -23.50
CA LEU A 127 34.22 11.53 -22.23
C LEU A 127 34.22 13.05 -22.38
N ALA A 128 34.70 13.54 -23.51
CA ALA A 128 34.76 14.99 -23.81
C ALA A 128 33.37 15.64 -24.04
N ALA A 129 32.44 14.92 -24.67
CA ALA A 129 31.13 15.53 -25.05
C ALA A 129 30.01 15.36 -23.99
N PHE A 130 30.11 14.38 -23.12
CA PHE A 130 29.02 14.11 -22.16
C PHE A 130 28.66 15.37 -21.35
N PRO A 131 29.63 16.16 -20.85
CA PRO A 131 29.33 17.37 -20.11
C PRO A 131 28.44 18.35 -20.87
N ALA A 132 28.71 18.57 -22.15
CA ALA A 132 27.87 19.45 -23.02
C ALA A 132 26.51 18.82 -23.29
N ILE A 133 26.42 17.51 -23.48
CA ILE A 133 25.09 16.89 -23.70
C ILE A 133 24.20 17.17 -22.48
N MET A 134 24.73 17.01 -21.28
CA MET A 134 23.95 17.26 -20.05
C MET A 134 23.57 18.74 -19.88
N THR A 135 24.53 19.63 -20.07
CA THR A 135 24.32 21.06 -19.73
C THR A 135 23.57 21.81 -20.83
N TYR A 136 23.78 21.43 -22.08
CA TYR A 136 23.04 22.06 -23.23
C TYR A 136 21.55 21.80 -23.08
N TRP A 137 21.15 20.56 -22.86
CA TRP A 137 19.74 20.21 -22.56
C TRP A 137 19.23 20.95 -21.32
N TYR A 138 19.98 20.88 -20.20
CA TYR A 138 19.49 21.41 -18.91
C TYR A 138 19.26 22.92 -19.01
N ARG A 139 20.21 23.67 -19.58
CA ARG A 139 20.12 25.14 -19.56
C ARG A 139 19.16 25.63 -20.66
N PHE A 140 19.03 24.90 -21.77
CA PHE A 140 18.02 25.23 -22.81
C PHE A 140 16.64 25.12 -22.15
N THR A 141 16.34 24.00 -21.50
CA THR A 141 14.98 23.72 -20.99
C THR A 141 14.69 24.53 -19.73
N HIS A 142 15.66 24.80 -18.86
CA HIS A 142 15.47 25.37 -17.51
C HIS A 142 15.72 26.89 -17.56
N GLU A 143 16.55 27.38 -18.47
CA GLU A 143 16.80 28.84 -18.59
C GLU A 143 16.38 29.45 -19.93
N GLY A 144 16.02 28.67 -20.97
CA GLY A 144 15.75 29.17 -22.34
C GLY A 144 16.99 29.71 -23.05
N GLN A 145 18.20 29.28 -22.68
CA GLN A 145 19.47 29.75 -23.29
C GLN A 145 20.11 28.61 -24.08
N ARG A 146 20.65 28.91 -25.26
CA ARG A 146 21.53 28.01 -26.07
C ARG A 146 22.96 28.30 -25.67
N ILE A 147 23.67 27.41 -24.95
CA ILE A 147 25.02 27.76 -24.39
C ILE A 147 26.13 27.39 -25.37
N ASP A 148 27.24 28.10 -25.29
CA ASP A 148 28.53 27.66 -25.88
C ASP A 148 28.96 26.33 -25.21
N CYS A 149 29.35 25.34 -26.01
CA CYS A 149 29.67 23.97 -25.50
C CYS A 149 31.20 23.85 -25.31
N ASN A 150 31.96 24.90 -25.64
CA ASN A 150 33.39 25.11 -25.35
C ASN A 150 33.61 25.97 -24.10
N SER A 151 34.77 25.86 -23.46
CA SER A 151 35.17 26.67 -22.28
C SER A 151 36.68 26.91 -22.31
N ASP A 152 37.19 27.73 -21.40
CA ASP A 152 38.66 27.95 -21.20
C ASP A 152 39.23 27.04 -20.10
N GLU A 153 38.48 26.06 -19.57
CA GLU A 153 39.01 25.15 -18.52
C GLU A 153 39.79 24.03 -19.19
N PRO A 154 41.05 23.71 -18.78
CA PRO A 154 41.78 22.61 -19.42
C PRO A 154 41.32 21.17 -19.12
N THR A 155 40.69 20.95 -17.96
CA THR A 155 40.22 19.60 -17.50
C THR A 155 38.70 19.43 -17.68
N ILE A 156 38.25 18.20 -17.86
CA ILE A 156 36.80 17.86 -17.89
C ILE A 156 36.12 18.40 -16.63
N GLY A 157 36.71 18.20 -15.44
CA GLY A 157 36.14 18.59 -14.13
C GLY A 157 35.83 20.07 -14.09
N GLY A 158 36.77 20.89 -14.53
CA GLY A 158 36.54 22.34 -14.60
C GLY A 158 35.53 22.72 -15.69
N HIS A 159 35.65 22.10 -16.86
CA HIS A 159 34.79 22.32 -18.05
C HIS A 159 33.33 22.12 -17.65
N PHE A 160 33.01 21.03 -16.94
CA PHE A 160 31.61 20.77 -16.49
C PHE A 160 31.06 21.97 -15.70
N LEU A 161 31.85 22.51 -14.73
CA LEU A 161 31.42 23.63 -13.86
C LEU A 161 31.33 24.94 -14.66
N ALA A 162 32.22 25.17 -15.63
CA ALA A 162 32.13 26.34 -16.52
C ALA A 162 30.84 26.32 -17.37
N LEU A 163 30.42 25.17 -17.90
CA LEU A 163 29.21 25.06 -18.75
C LEU A 163 27.97 25.19 -17.84
N LEU A 164 28.01 24.65 -16.63
CA LEU A 164 26.80 24.61 -15.75
C LEU A 164 26.49 26.02 -15.24
N HIS A 165 27.51 26.77 -14.80
CA HIS A 165 27.33 28.07 -14.12
C HIS A 165 27.62 29.25 -15.07
N GLY A 166 28.22 29.01 -16.25
CA GLY A 166 28.51 30.06 -17.24
C GLY A 166 29.51 31.09 -16.74
N LYS A 167 30.43 30.68 -15.88
CA LYS A 167 31.53 31.53 -15.39
C LYS A 167 32.71 30.64 -14.97
N LYS A 168 33.85 31.26 -14.72
CA LYS A 168 35.10 30.60 -14.27
C LYS A 168 34.97 29.96 -12.89
N PRO A 169 35.17 28.63 -12.73
CA PRO A 169 35.11 28.01 -11.41
C PRO A 169 36.37 28.29 -10.56
N SER A 170 36.24 28.22 -9.25
CA SER A 170 37.41 28.35 -8.34
C SER A 170 38.28 27.10 -8.45
N GLU A 171 39.56 27.28 -8.18
CA GLU A 171 40.54 26.18 -8.10
C GLU A 171 40.03 25.04 -7.20
N LEU A 172 39.46 25.36 -6.03
CA LEU A 172 38.99 24.34 -5.06
C LEU A 172 37.89 23.52 -5.73
N HIS A 173 36.94 24.17 -6.41
CA HIS A 173 35.80 23.48 -7.08
C HIS A 173 36.31 22.56 -8.21
N VAL A 174 37.25 23.03 -9.00
CA VAL A 174 37.90 22.23 -10.08
C VAL A 174 38.59 21.01 -9.43
N LYS A 175 39.32 21.15 -8.32
CA LYS A 175 40.00 20.00 -7.68
C LYS A 175 38.96 18.97 -7.20
N VAL A 176 37.91 19.40 -6.52
CA VAL A 176 36.91 18.40 -6.00
C VAL A 176 36.25 17.65 -7.19
N MET A 177 35.83 18.33 -8.28
CA MET A 177 35.27 17.65 -9.47
C MET A 177 36.27 16.59 -10.01
N ASN A 178 37.54 16.92 -10.15
CA ASN A 178 38.62 15.96 -10.51
C ASN A 178 38.68 14.76 -9.54
N VAL A 179 38.58 14.99 -8.23
CA VAL A 179 38.60 13.90 -7.22
C VAL A 179 37.36 13.02 -7.46
N SER A 180 36.19 13.64 -7.61
CA SER A 180 34.92 12.84 -7.72
C SER A 180 35.03 11.91 -8.95
N LEU A 181 35.46 12.44 -10.09
CA LEU A 181 35.49 11.69 -11.37
C LEU A 181 36.49 10.53 -11.27
N ILE A 182 37.56 10.66 -10.50
CA ILE A 182 38.53 9.55 -10.24
C ILE A 182 37.87 8.52 -9.33
N LEU A 183 37.28 8.97 -8.23
CA LEU A 183 36.66 8.02 -7.26
C LEU A 183 35.59 7.13 -7.92
N TYR A 184 34.79 7.66 -8.87
CA TYR A 184 33.63 6.93 -9.48
C TYR A 184 34.01 6.24 -10.81
N ALA A 185 35.25 6.38 -11.28
CA ALA A 185 35.65 5.91 -12.64
C ALA A 185 35.45 4.42 -12.91
N GLU A 186 35.73 3.55 -11.95
CA GLU A 186 35.72 2.09 -12.26
C GLU A 186 35.37 1.29 -11.01
N HIS A 187 34.59 0.21 -11.17
CA HIS A 187 34.30 -0.62 -9.98
C HIS A 187 34.09 -2.09 -10.32
N GLU A 188 34.98 -2.65 -11.11
CA GLU A 188 34.93 -4.07 -11.50
C GLU A 188 33.57 -4.42 -12.10
N PHE A 189 32.99 -5.53 -11.69
CA PHE A 189 31.71 -6.00 -12.24
C PHE A 189 30.60 -5.52 -11.31
N ASN A 190 29.57 -5.05 -11.95
CA ASN A 190 28.31 -4.52 -11.36
C ASN A 190 27.24 -4.52 -12.47
N ALA A 191 26.01 -4.11 -12.17
CA ALA A 191 24.95 -4.25 -13.17
C ALA A 191 25.24 -3.48 -14.47
N SER A 192 25.69 -2.24 -14.39
CA SER A 192 25.96 -1.44 -15.61
C SER A 192 27.19 -1.95 -16.38
N THR A 193 28.26 -2.29 -15.68
CA THR A 193 29.45 -2.85 -16.38
C THR A 193 29.07 -4.21 -17.00
N PHE A 194 28.31 -5.03 -16.28
CA PHE A 194 27.91 -6.35 -16.85
C PHE A 194 27.04 -6.14 -18.10
N THR A 195 26.13 -5.16 -18.07
CA THR A 195 25.25 -4.80 -19.23
C THR A 195 26.14 -4.43 -20.42
N ALA A 196 27.13 -3.57 -20.20
CA ALA A 196 28.02 -3.16 -21.30
C ALA A 196 28.77 -4.37 -21.90
N ARG A 197 29.22 -5.29 -21.05
CA ARG A 197 29.94 -6.49 -21.54
C ARG A 197 29.00 -7.47 -22.24
N VAL A 198 27.76 -7.61 -21.79
CA VAL A 198 26.87 -8.55 -22.52
C VAL A 198 26.68 -7.98 -23.94
N CYS A 199 26.38 -6.69 -24.03
CA CYS A 199 26.22 -6.00 -25.34
C CYS A 199 27.53 -6.14 -26.17
N ALA A 200 28.69 -5.97 -25.55
CA ALA A 200 30.02 -6.11 -26.20
C ALA A 200 30.22 -7.54 -26.75
N SER A 201 29.65 -8.54 -26.09
CA SER A 201 29.85 -9.96 -26.47
C SER A 201 29.20 -10.34 -27.81
N THR A 202 28.26 -9.54 -28.30
CA THR A 202 27.59 -9.78 -29.61
C THR A 202 28.36 -9.07 -30.72
N LEU A 203 29.42 -8.38 -30.37
CA LEU A 203 30.23 -7.54 -31.27
C LEU A 203 29.42 -6.35 -31.76
N SER A 204 28.53 -5.78 -30.91
CA SER A 204 27.83 -4.51 -31.18
C SER A 204 28.80 -3.35 -31.10
N ASP A 205 28.37 -2.16 -31.52
CA ASP A 205 29.23 -0.96 -31.50
C ASP A 205 29.28 -0.36 -30.07
N LEU A 206 30.22 0.54 -29.87
CA LEU A 206 30.56 1.05 -28.52
C LEU A 206 29.41 1.95 -28.03
N TYR A 207 28.74 2.66 -28.94
CA TYR A 207 27.61 3.54 -28.55
C TYR A 207 26.49 2.67 -27.98
N SER A 208 26.18 1.50 -28.56
CA SER A 208 25.17 0.53 -28.05
C SER A 208 25.52 0.11 -26.59
N CYS A 209 26.79 -0.24 -26.36
CA CYS A 209 27.22 -0.73 -25.03
C CYS A 209 27.00 0.37 -23.97
N VAL A 210 27.39 1.59 -24.26
CA VAL A 210 27.19 2.72 -23.32
C VAL A 210 25.70 3.04 -23.12
N THR A 211 24.93 3.06 -24.20
CA THR A 211 23.49 3.38 -24.08
C THR A 211 22.84 2.32 -23.17
N GLY A 212 23.19 1.06 -23.35
CA GLY A 212 22.67 -0.05 -22.52
C GLY A 212 23.07 0.14 -21.05
N ALA A 213 24.32 0.55 -20.82
CA ALA A 213 24.85 0.72 -19.46
C ALA A 213 24.10 1.84 -18.74
N ILE A 214 23.86 2.95 -19.43
CA ILE A 214 23.12 4.08 -18.81
C ILE A 214 21.72 3.61 -18.41
N GLY A 215 21.06 2.84 -19.26
CA GLY A 215 19.73 2.30 -18.93
C GLY A 215 19.70 1.52 -17.62
N SER A 216 20.63 0.60 -17.43
CA SER A 216 20.75 -0.22 -16.20
C SER A 216 21.09 0.68 -15.00
N LEU A 217 21.95 1.68 -15.18
CA LEU A 217 22.32 2.59 -14.06
C LEU A 217 21.11 3.48 -13.68
N ARG A 218 20.16 3.73 -14.58
CA ARG A 218 18.91 4.48 -14.23
C ARG A 218 18.08 3.78 -13.12
N GLY A 219 18.13 2.46 -13.01
CA GLY A 219 17.34 1.69 -12.03
C GLY A 219 17.77 2.04 -10.60
N PRO A 220 16.81 2.27 -9.67
CA PRO A 220 17.18 2.67 -8.29
C PRO A 220 17.86 1.60 -7.42
N LEU A 221 17.92 0.32 -7.80
CA LEU A 221 18.76 -0.66 -7.05
C LEU A 221 20.23 -0.52 -7.48
N HIS A 222 20.57 0.36 -8.42
CA HIS A 222 21.98 0.57 -8.91
C HIS A 222 22.35 2.04 -8.84
N GLY A 223 21.62 2.90 -9.55
CA GLY A 223 21.89 4.33 -9.59
C GLY A 223 21.12 5.08 -8.53
N GLY A 224 21.54 6.31 -8.31
CA GLY A 224 20.74 7.31 -7.59
C GLY A 224 21.01 7.40 -6.10
N ALA A 225 21.90 6.61 -5.51
CA ALA A 225 22.07 6.59 -4.03
C ALA A 225 22.55 7.98 -3.54
N ASN A 226 23.37 8.71 -4.29
CA ASN A 226 23.86 10.01 -3.72
C ASN A 226 22.79 11.09 -3.87
N GLU A 227 21.82 10.93 -4.78
CA GLU A 227 20.56 11.74 -4.82
C GLU A 227 19.68 11.40 -3.62
N ALA A 228 19.52 10.11 -3.28
CA ALA A 228 18.76 9.72 -2.04
C ALA A 228 19.45 10.30 -0.80
N ALA A 229 20.79 10.26 -0.69
CA ALA A 229 21.49 10.83 0.49
C ALA A 229 21.20 12.35 0.57
N MET A 230 21.23 13.07 -0.55
CA MET A 230 20.89 14.52 -0.57
C MET A 230 19.46 14.74 -0.02
N GLU A 231 18.50 13.92 -0.44
CA GLU A 231 17.08 14.11 -0.03
C GLU A 231 16.94 13.81 1.47
N LEU A 232 17.80 12.98 2.06
CA LEU A 232 17.80 12.78 3.53
C LEU A 232 18.41 14.01 4.22
N ILE A 233 19.64 14.42 3.84
CA ILE A 233 20.36 15.44 4.68
C ILE A 233 19.69 16.84 4.56
N GLU A 234 19.00 17.13 3.47
CA GLU A 234 18.35 18.47 3.21
C GLU A 234 17.11 18.64 4.09
N ARG A 235 16.60 17.58 4.70
CA ARG A 235 15.39 17.67 5.54
C ARG A 235 15.62 18.38 6.88
N PHE A 236 16.87 18.54 7.38
CA PHE A 236 17.16 18.89 8.79
C PHE A 236 17.74 20.31 8.90
N SER A 237 17.25 21.12 9.86
CA SER A 237 17.82 22.48 10.10
C SER A 237 18.82 22.47 11.27
N SER A 238 18.93 21.36 12.03
CA SER A 238 19.96 21.18 13.08
C SER A 238 20.45 19.73 13.11
N PRO A 239 21.73 19.52 13.50
CA PRO A 239 22.28 18.18 13.67
C PRO A 239 21.53 17.39 14.76
N GLN A 240 21.02 18.08 15.79
CA GLN A 240 20.32 17.44 16.91
C GLN A 240 18.96 16.91 16.42
N GLU A 241 18.26 17.68 15.57
CA GLU A 241 17.04 17.20 14.85
C GLU A 241 17.38 15.98 13.95
N ALA A 242 18.45 16.03 13.15
CA ALA A 242 18.84 14.87 12.32
C ALA A 242 19.03 13.61 13.20
N THR A 243 19.69 13.74 14.34
CA THR A 243 19.99 12.58 15.21
C THR A 243 18.65 12.00 15.70
N ALA A 244 17.72 12.84 16.19
CA ALA A 244 16.44 12.36 16.78
C ALA A 244 15.60 11.68 15.70
N GLU A 245 15.57 12.24 14.48
CA GLU A 245 14.77 11.67 13.38
C GLU A 245 15.40 10.35 12.90
N LEU A 246 16.73 10.26 12.83
CA LEU A 246 17.41 9.02 12.38
C LEU A 246 17.10 7.88 13.37
N LEU A 247 17.07 8.18 14.68
CA LEU A 247 16.76 7.14 15.69
C LEU A 247 15.36 6.57 15.40
N LYS A 248 14.42 7.40 14.95
CA LYS A 248 13.05 6.93 14.61
C LYS A 248 13.04 6.14 13.31
N MET A 249 13.80 6.58 12.31
CA MET A 249 13.89 5.83 11.02
C MET A 249 14.45 4.43 11.28
N LEU A 250 15.44 4.30 12.15
CA LEU A 250 16.07 3.00 12.52
C LEU A 250 15.02 2.11 13.22
N GLU A 251 14.16 2.72 14.04
CA GLU A 251 13.05 1.99 14.70
C GLU A 251 12.07 1.43 13.66
N ARG A 252 11.86 2.13 12.56
CA ARG A 252 10.93 1.70 11.50
C ARG A 252 11.58 0.73 10.50
N LYS A 253 12.86 0.42 10.67
CA LYS A 253 13.65 -0.45 9.75
C LYS A 253 13.73 0.19 8.35
N ASP A 254 13.82 1.52 8.30
CA ASP A 254 13.98 2.23 7.01
C ASP A 254 15.40 1.96 6.50
N LYS A 255 15.60 1.90 5.19
CA LYS A 255 16.98 1.69 4.72
C LYS A 255 17.66 3.05 4.58
N ILE A 256 18.80 3.23 5.22
CA ILE A 256 19.52 4.54 5.19
C ILE A 256 20.50 4.49 4.02
N MET A 257 20.26 5.32 3.03
CA MET A 257 21.08 5.28 1.78
C MET A 257 22.44 5.96 2.05
N GLY A 258 23.52 5.40 1.49
CA GLY A 258 24.88 5.89 1.71
C GLY A 258 25.64 5.17 2.83
N PHE A 259 25.06 4.14 3.48
CA PHE A 259 25.67 3.40 4.61
C PHE A 259 25.83 1.90 4.29
N GLY A 260 26.94 1.30 4.72
CA GLY A 260 27.25 -0.14 4.58
C GLY A 260 27.63 -0.46 3.14
N HIS A 261 28.00 -1.70 2.86
CA HIS A 261 28.42 -2.09 1.51
C HIS A 261 28.34 -3.60 1.39
N ALA A 262 28.06 -4.12 0.18
CA ALA A 262 27.93 -5.57 -0.10
C ALA A 262 29.29 -6.26 -0.26
N ILE A 263 30.37 -5.50 -0.47
CA ILE A 263 31.73 -6.05 -0.75
C ILE A 263 32.73 -5.57 0.30
N TYR A 264 32.83 -4.26 0.57
CA TYR A 264 33.79 -3.72 1.56
C TYR A 264 33.40 -4.21 2.97
N LYS A 265 34.39 -4.66 3.75
CA LYS A 265 34.20 -5.20 5.12
C LYS A 265 34.13 -4.08 6.17
N ASP A 266 35.13 -3.20 6.23
CA ASP A 266 35.38 -2.29 7.37
C ASP A 266 35.21 -0.82 6.99
N SER A 267 35.43 -0.46 5.72
CA SER A 267 35.34 0.93 5.19
C SER A 267 35.36 0.90 3.67
N ASP A 268 34.87 1.99 3.08
CA ASP A 268 34.90 2.22 1.62
C ASP A 268 36.03 3.21 1.44
N PRO A 269 37.10 2.84 0.71
CA PRO A 269 38.26 3.75 0.60
C PRO A 269 37.89 5.11 -0.01
N ARG A 270 36.83 5.17 -0.81
CA ARG A 270 36.41 6.42 -1.47
C ARG A 270 35.82 7.38 -0.41
N ASN A 271 35.18 6.88 0.67
CA ASN A 271 34.59 7.75 1.72
C ASN A 271 35.63 8.70 2.35
N GLU A 272 36.74 8.19 2.87
CA GLU A 272 37.71 9.07 3.61
C GLU A 272 38.14 10.20 2.69
N VAL A 273 38.23 9.93 1.39
CA VAL A 273 38.72 10.98 0.43
C VAL A 273 37.66 12.08 0.26
N ILE A 274 36.42 11.73 -0.10
CA ILE A 274 35.39 12.77 -0.45
C ILE A 274 34.95 13.48 0.83
N LYS A 275 34.90 12.81 1.99
CA LYS A 275 34.58 13.48 3.27
C LYS A 275 35.53 14.68 3.51
N GLY A 276 36.85 14.52 3.37
CA GLY A 276 37.82 15.62 3.57
C GLY A 276 37.55 16.79 2.67
N TRP A 277 37.18 16.51 1.43
CA TRP A 277 36.96 17.56 0.43
C TRP A 277 35.60 18.26 0.67
N SER A 278 34.56 17.52 1.07
CA SER A 278 33.27 18.12 1.48
C SER A 278 33.46 19.12 2.65
N LYS A 279 34.28 18.76 3.64
CA LYS A 279 34.61 19.67 4.78
C LYS A 279 35.27 20.96 4.27
N GLN A 280 36.28 20.87 3.41
CA GLN A 280 36.94 22.09 2.85
C GLN A 280 35.92 22.97 2.10
N LEU A 281 35.01 22.38 1.33
CA LEU A 281 33.97 23.12 0.60
C LEU A 281 33.02 23.79 1.63
N ALA A 282 32.66 23.11 2.71
CA ALA A 282 31.73 23.66 3.72
C ALA A 282 32.36 24.95 4.30
N ASP A 283 33.64 24.89 4.63
CA ASP A 283 34.39 26.04 5.19
C ASP A 283 34.41 27.20 4.19
N GLU A 284 34.69 26.89 2.93
CA GLU A 284 34.78 27.92 1.87
C GLU A 284 33.43 28.65 1.70
N VAL A 285 32.30 27.95 1.67
CA VAL A 285 30.99 28.60 1.34
C VAL A 285 30.33 29.14 2.63
N GLY A 286 30.89 28.91 3.82
CA GLY A 286 30.34 29.41 5.09
C GLY A 286 29.18 28.54 5.60
N ASP A 287 29.10 27.27 5.21
CA ASP A 287 28.03 26.35 5.69
C ASP A 287 28.18 26.10 7.19
N LYS A 288 27.08 26.09 7.96
CA LYS A 288 27.13 25.60 9.35
C LYS A 288 26.00 24.60 9.65
N VAL A 289 25.29 24.12 8.64
CA VAL A 289 24.19 23.13 8.85
C VAL A 289 24.50 21.82 8.09
N LEU A 290 24.78 21.88 6.80
CA LEU A 290 24.69 20.66 5.92
C LEU A 290 25.82 19.66 6.23
N PHE A 291 27.06 20.10 6.44
CA PHE A 291 28.18 19.21 6.83
C PHE A 291 27.95 18.70 8.27
N ALA A 292 27.56 19.56 9.23
CA ALA A 292 27.24 19.13 10.61
C ALA A 292 26.11 18.09 10.63
N VAL A 293 25.04 18.30 9.88
CA VAL A 293 23.94 17.29 9.74
C VAL A 293 24.51 15.96 9.20
N SER A 294 25.32 16.02 8.14
CA SER A 294 25.96 14.82 7.57
C SER A 294 26.78 14.10 8.66
N GLU A 295 27.65 14.82 9.40
CA GLU A 295 28.51 14.17 10.41
C GLU A 295 27.65 13.55 11.51
N ALA A 296 26.57 14.20 11.90
CA ALA A 296 25.69 13.67 12.98
C ALA A 296 25.09 12.32 12.56
N ILE A 297 24.62 12.21 11.32
CA ILE A 297 24.01 10.96 10.77
C ILE A 297 25.11 9.89 10.69
N ASP A 298 26.34 10.26 10.29
CA ASP A 298 27.50 9.33 10.24
C ASP A 298 27.76 8.77 11.64
N LYS A 299 27.91 9.64 12.64
CA LYS A 299 28.24 9.27 14.04
C LYS A 299 27.11 8.39 14.61
N THR A 300 25.84 8.73 14.34
CA THR A 300 24.67 7.96 14.85
C THR A 300 24.62 6.57 14.19
N MET A 301 24.79 6.47 12.88
CA MET A 301 24.85 5.17 12.18
C MET A 301 25.96 4.26 12.77
N TRP A 302 27.15 4.78 13.10
CA TRP A 302 28.26 4.01 13.71
C TRP A 302 27.85 3.51 15.11
N GLU A 303 27.41 4.41 15.97
CA GLU A 303 27.07 4.08 17.39
C GLU A 303 25.93 3.07 17.43
N GLN A 304 24.89 3.26 16.64
CA GLN A 304 23.66 2.43 16.67
C GLN A 304 23.86 1.13 15.89
N LYS A 305 24.62 1.13 14.79
CA LYS A 305 24.58 -0.04 13.87
C LYS A 305 25.95 -0.47 13.33
N LYS A 306 27.04 0.17 13.75
CA LYS A 306 28.42 -0.06 13.23
C LYS A 306 28.32 -0.23 11.71
N LEU A 307 27.63 0.70 11.03
CA LEU A 307 27.70 0.84 9.55
C LEU A 307 28.47 2.13 9.21
N PHE A 308 29.47 1.98 8.36
CA PHE A 308 30.32 3.08 7.85
C PHE A 308 29.61 3.74 6.69
N PRO A 309 29.90 5.02 6.37
CA PRO A 309 29.39 5.64 5.15
C PRO A 309 30.17 5.08 3.94
N ASN A 310 29.47 4.86 2.83
CA ASN A 310 30.07 4.45 1.53
C ASN A 310 30.28 5.73 0.71
N ALA A 311 30.88 5.60 -0.49
CA ALA A 311 31.25 6.71 -1.39
C ALA A 311 30.07 7.66 -1.59
N ASP A 312 28.84 7.17 -1.52
CA ASP A 312 27.66 8.01 -1.89
C ASP A 312 27.42 9.14 -0.86
N PHE A 313 27.76 8.97 0.42
CA PHE A 313 27.16 9.79 1.51
C PHE A 313 27.67 11.25 1.46
N TYR A 314 29.00 11.45 1.54
CA TYR A 314 29.60 12.81 1.56
C TYR A 314 29.64 13.40 0.16
N HIS A 315 29.44 12.62 -0.90
CA HIS A 315 29.29 13.17 -2.28
C HIS A 315 28.09 14.14 -2.34
N ALA A 316 26.99 13.85 -1.65
CA ALA A 316 25.75 14.67 -1.74
C ALA A 316 26.07 16.13 -1.34
N SER A 317 26.64 16.31 -0.15
CA SER A 317 27.01 17.67 0.36
C SER A 317 28.07 18.31 -0.57
N ALA A 318 29.09 17.58 -1.02
CA ALA A 318 30.19 18.16 -1.85
C ALA A 318 29.58 18.75 -3.12
N TYR A 319 28.72 18.00 -3.83
CA TYR A 319 28.10 18.46 -5.09
C TYR A 319 27.19 19.69 -4.78
N HIS A 320 26.43 19.61 -3.70
CA HIS A 320 25.50 20.71 -3.31
C HIS A 320 26.28 22.02 -3.07
N PHE A 321 27.44 21.96 -2.40
CA PHE A 321 28.28 23.15 -2.10
C PHE A 321 28.83 23.76 -3.38
N MET A 322 28.99 22.97 -4.43
CA MET A 322 29.47 23.50 -5.74
C MET A 322 28.28 23.95 -6.63
N GLY A 323 27.04 23.95 -6.10
CA GLY A 323 25.85 24.53 -6.77
C GLY A 323 25.23 23.63 -7.79
N ILE A 324 25.39 22.30 -7.65
CA ILE A 324 24.89 21.31 -8.65
C ILE A 324 23.48 20.86 -8.24
N PRO A 325 22.48 20.98 -9.15
CA PRO A 325 21.16 20.40 -8.92
C PRO A 325 21.22 18.90 -8.65
N THR A 326 20.45 18.44 -7.65
CA THR A 326 20.44 17.02 -7.22
C THR A 326 20.21 16.10 -8.44
N LYS A 327 19.31 16.46 -9.37
CA LYS A 327 18.92 15.53 -10.47
C LYS A 327 20.05 15.39 -11.52
N LEU A 328 21.12 16.18 -11.40
CA LEU A 328 22.31 16.00 -12.26
C LEU A 328 23.36 15.11 -11.56
N PHE A 329 23.11 14.57 -10.36
CA PHE A 329 24.19 13.77 -9.70
C PHE A 329 24.49 12.49 -10.49
N THR A 330 23.51 11.63 -10.82
CA THR A 330 23.77 10.36 -11.52
C THR A 330 24.35 10.65 -12.92
N PRO A 331 23.89 11.69 -13.67
CA PRO A 331 24.56 12.08 -14.92
C PRO A 331 26.06 12.41 -14.75
N ILE A 332 26.48 13.05 -13.67
CA ILE A 332 27.96 13.26 -13.37
C ILE A 332 28.64 11.88 -13.22
N PHE A 333 27.96 10.92 -12.60
CA PHE A 333 28.55 9.55 -12.46
C PHE A 333 28.72 8.96 -13.87
N VAL A 334 27.82 9.27 -14.80
CA VAL A 334 27.94 8.74 -16.20
C VAL A 334 29.20 9.34 -16.82
N CYS A 335 29.47 10.61 -16.57
CA CYS A 335 30.68 11.25 -17.18
C CYS A 335 31.94 10.52 -16.69
N SER A 336 31.96 10.17 -15.41
CA SER A 336 33.09 9.43 -14.80
C SER A 336 33.19 7.95 -15.20
N ARG A 337 32.11 7.18 -15.04
CA ARG A 337 32.07 5.71 -15.23
C ARG A 337 32.15 5.28 -16.69
N THR A 338 32.01 6.20 -17.63
CA THR A 338 32.21 5.93 -19.07
C THR A 338 33.66 5.43 -19.29
N SER A 339 34.64 5.93 -18.54
CA SER A 339 36.03 5.42 -18.61
C SER A 339 36.05 3.91 -18.33
N GLY A 340 35.58 3.47 -17.16
CA GLY A 340 35.46 2.04 -16.80
C GLY A 340 34.64 1.20 -17.80
N TRP A 341 33.42 1.64 -18.14
CA TRP A 341 32.54 0.93 -19.10
C TRP A 341 33.30 0.65 -20.41
N THR A 342 33.97 1.65 -20.99
CA THR A 342 34.56 1.48 -22.34
C THR A 342 35.79 0.57 -22.22
N ALA A 343 36.61 0.74 -21.20
CA ALA A 343 37.78 -0.15 -21.01
C ALA A 343 37.30 -1.61 -20.87
N HIS A 344 36.19 -1.81 -20.18
CA HIS A 344 35.61 -3.17 -20.04
C HIS A 344 35.18 -3.72 -21.41
N VAL A 345 34.62 -2.87 -22.27
CA VAL A 345 34.18 -3.32 -23.63
C VAL A 345 35.40 -3.74 -24.45
N PHE A 346 36.47 -2.96 -24.41
CA PHE A 346 37.70 -3.36 -25.12
C PHE A 346 38.20 -4.75 -24.64
N GLU A 347 38.16 -5.05 -23.34
CA GLU A 347 38.61 -6.34 -22.79
C GLU A 347 37.71 -7.43 -23.37
N GLN A 348 36.39 -7.18 -23.41
CA GLN A 348 35.40 -8.18 -23.89
C GLN A 348 35.67 -8.49 -25.37
N ARG A 349 36.06 -7.47 -26.14
CA ARG A 349 36.34 -7.57 -27.60
C ARG A 349 37.61 -8.42 -27.78
N ALA A 350 38.62 -8.21 -26.94
CA ALA A 350 39.94 -8.91 -27.04
C ALA A 350 39.86 -10.34 -26.53
N ASN A 351 38.87 -10.69 -25.70
CA ASN A 351 38.79 -11.97 -24.99
C ASN A 351 37.31 -12.28 -24.76
N ASN A 352 36.61 -12.69 -25.80
CA ASN A 352 35.14 -12.77 -25.83
C ASN A 352 34.62 -14.04 -25.15
N ARG A 353 34.75 -14.10 -23.83
CA ARG A 353 34.15 -15.16 -22.98
C ARG A 353 33.21 -14.49 -21.97
N ILE A 354 32.02 -15.06 -21.80
CA ILE A 354 31.00 -14.57 -20.82
C ILE A 354 30.04 -15.75 -20.51
N ILE A 355 29.38 -15.76 -19.34
CA ILE A 355 28.25 -16.71 -19.09
C ILE A 355 26.96 -15.93 -18.93
N ARG A 356 25.89 -16.42 -19.55
CA ARG A 356 24.55 -15.79 -19.62
C ARG A 356 23.46 -16.80 -19.22
N PRO A 357 23.47 -17.27 -17.94
CA PRO A 357 22.76 -18.49 -17.58
C PRO A 357 21.31 -18.50 -18.12
N SER A 358 20.99 -19.56 -18.87
CA SER A 358 19.62 -19.97 -19.26
C SER A 358 18.65 -19.85 -18.07
N ALA A 359 17.35 -19.79 -18.34
CA ALA A 359 16.29 -19.77 -17.30
C ALA A 359 15.72 -21.18 -17.15
N GLU A 360 15.02 -21.40 -16.02
CA GLU A 360 14.26 -22.65 -15.73
C GLU A 360 12.80 -22.42 -16.15
N TYR A 361 12.18 -23.37 -16.86
CA TYR A 361 10.75 -23.32 -17.23
C TYR A 361 9.88 -23.67 -16.02
N THR A 362 8.91 -22.81 -15.73
CA THR A 362 7.94 -22.97 -14.61
C THR A 362 6.53 -22.75 -15.19
N GLY A 363 6.37 -22.81 -16.50
CA GLY A 363 5.08 -22.54 -17.14
C GLY A 363 4.30 -23.81 -17.38
N VAL A 364 3.22 -23.70 -18.15
CA VAL A 364 2.22 -24.80 -18.32
C VAL A 364 2.76 -25.82 -19.34
N GLU A 365 2.32 -27.07 -19.21
CA GLU A 365 2.65 -28.17 -20.15
C GLU A 365 1.92 -27.89 -21.47
N GLN A 366 2.34 -28.61 -22.52
CA GLN A 366 1.94 -28.34 -23.92
C GLN A 366 0.43 -28.62 -24.04
N ARG A 367 -0.33 -27.76 -24.73
CA ARG A 367 -1.81 -27.83 -24.82
C ARG A 367 -2.25 -27.48 -26.24
N ALA A 368 -3.42 -27.96 -26.68
CA ALA A 368 -3.93 -27.79 -28.06
C ALA A 368 -4.40 -26.35 -28.25
N PHE A 369 -4.24 -25.80 -29.46
CA PHE A 369 -4.80 -24.49 -29.87
C PHE A 369 -6.31 -24.51 -29.66
N VAL A 370 -6.85 -23.45 -29.07
CA VAL A 370 -8.32 -23.25 -28.87
C VAL A 370 -8.73 -22.17 -29.87
N PRO A 371 -9.51 -22.48 -30.95
CA PRO A 371 -9.94 -21.45 -31.88
C PRO A 371 -10.72 -20.37 -31.12
N LEU A 372 -10.85 -19.19 -31.75
CA LEU A 372 -11.42 -17.95 -31.16
C LEU A 372 -12.80 -18.24 -30.53
N GLU A 373 -13.64 -19.03 -31.21
CA GLU A 373 -15.09 -19.23 -30.93
C GLU A 373 -15.31 -19.88 -29.55
N GLN A 374 -14.31 -20.63 -29.06
CA GLN A 374 -14.43 -21.51 -27.88
C GLN A 374 -13.58 -20.97 -26.73
N ARG A 375 -13.24 -19.68 -26.76
CA ARG A 375 -12.44 -18.99 -25.71
C ARG A 375 -13.43 -18.32 -24.75
N GLY B 18 16.83 -17.32 -12.46
CA GLY B 18 15.70 -16.81 -13.29
C GLY B 18 14.71 -17.90 -13.64
N GLN B 19 13.43 -17.61 -13.50
CA GLN B 19 12.34 -18.52 -13.95
C GLN B 19 11.60 -17.83 -15.10
N THR B 20 10.92 -18.61 -15.94
CA THR B 20 10.04 -18.08 -17.01
C THR B 20 8.89 -19.06 -17.28
N ALA B 21 7.71 -18.51 -17.54
CA ALA B 21 6.55 -19.29 -18.02
C ALA B 21 6.24 -18.97 -19.50
N LEU B 22 7.10 -18.20 -20.15
CA LEU B 22 6.82 -17.67 -21.50
C LEU B 22 7.01 -18.67 -22.65
N SER B 23 8.13 -19.38 -22.67
CA SER B 23 8.41 -20.30 -23.78
C SER B 23 9.37 -21.38 -23.32
N THR B 24 9.44 -22.44 -24.12
CA THR B 24 10.39 -23.54 -23.87
C THR B 24 10.55 -24.31 -25.17
N VAL B 25 11.71 -24.94 -25.33
CA VAL B 25 12.02 -25.84 -26.47
C VAL B 25 11.87 -27.26 -25.92
N GLY B 31 8.40 -28.67 -30.42
CA GLY B 31 9.53 -27.86 -30.93
C GLY B 31 9.70 -26.58 -30.13
N LEU B 32 8.87 -25.57 -30.42
CA LEU B 32 8.79 -24.28 -29.69
C LEU B 32 7.34 -23.99 -29.27
N THR B 33 7.12 -23.71 -27.98
CA THR B 33 5.80 -23.33 -27.46
C THR B 33 5.86 -21.95 -26.83
N TYR B 34 4.73 -21.21 -26.94
CA TYR B 34 4.47 -19.92 -26.23
C TYR B 34 3.36 -20.22 -25.19
N ARG B 35 3.68 -20.15 -23.89
CA ARG B 35 2.77 -20.57 -22.77
C ARG B 35 1.99 -21.84 -23.16
N GLY B 36 2.70 -22.88 -23.64
CA GLY B 36 2.17 -24.26 -23.89
C GLY B 36 1.68 -24.48 -25.32
N TYR B 37 1.51 -23.43 -26.13
CA TYR B 37 0.88 -23.47 -27.47
C TYR B 37 1.94 -23.57 -28.58
N ASP B 38 1.78 -24.50 -29.53
CA ASP B 38 2.81 -24.74 -30.59
C ASP B 38 2.83 -23.53 -31.52
N VAL B 39 4.01 -22.95 -31.74
CA VAL B 39 4.17 -21.70 -32.56
C VAL B 39 3.60 -21.98 -33.95
N ARG B 40 3.62 -23.26 -34.39
CA ARG B 40 3.10 -23.68 -35.72
C ARG B 40 1.58 -23.46 -35.80
N ASP B 41 0.83 -23.91 -34.79
CA ASP B 41 -0.64 -23.70 -34.63
C ASP B 41 -0.93 -22.19 -34.63
N LEU B 42 -0.18 -21.41 -33.81
CA LEU B 42 -0.37 -19.95 -33.71
C LEU B 42 -0.21 -19.28 -35.08
N ALA B 43 0.84 -19.60 -35.83
CA ALA B 43 1.15 -18.96 -37.13
C ALA B 43 0.09 -19.32 -38.18
N ALA B 44 -0.44 -20.55 -38.12
CA ALA B 44 -1.50 -21.03 -39.04
C ALA B 44 -2.79 -20.23 -38.81
N ALA B 45 -3.24 -20.12 -37.55
CA ALA B 45 -4.65 -19.83 -37.18
C ALA B 45 -4.83 -18.48 -36.48
N ALA B 46 -3.76 -17.73 -36.20
CA ALA B 46 -3.84 -16.49 -35.38
C ALA B 46 -3.23 -15.30 -36.14
N ILE B 47 -3.70 -14.10 -35.82
CA ILE B 47 -3.02 -12.81 -36.16
C ILE B 47 -2.05 -12.45 -35.01
N PHE B 48 -1.03 -11.66 -35.32
CA PHE B 48 0.08 -11.36 -34.37
C PHE B 48 -0.51 -10.83 -33.06
N GLU B 49 -1.53 -9.95 -33.13
CA GLU B 49 -2.15 -9.30 -31.94
C GLU B 49 -2.65 -10.37 -30.97
N GLU B 50 -3.17 -11.51 -31.47
CA GLU B 50 -3.61 -12.60 -30.59
C GLU B 50 -2.39 -13.14 -29.82
N VAL B 51 -1.21 -13.18 -30.45
CA VAL B 51 0.02 -13.75 -29.82
C VAL B 51 0.63 -12.71 -28.84
N ALA B 52 0.69 -11.44 -29.21
CA ALA B 52 1.18 -10.37 -28.31
C ALA B 52 0.31 -10.34 -27.05
N TYR B 53 -1.00 -10.58 -27.21
CA TYR B 53 -1.95 -10.59 -26.07
C TYR B 53 -1.61 -11.77 -25.16
N LEU B 54 -1.43 -12.95 -25.75
CA LEU B 54 -1.04 -14.18 -25.01
C LEU B 54 0.20 -13.91 -24.14
N LEU B 55 1.25 -13.35 -24.73
CA LEU B 55 2.55 -13.18 -23.99
C LEU B 55 2.39 -12.09 -22.91
N LEU B 56 1.82 -10.94 -23.26
CA LEU B 56 1.79 -9.72 -22.38
C LEU B 56 0.72 -9.86 -21.30
N TYR B 57 -0.40 -10.54 -21.61
CA TYR B 57 -1.61 -10.60 -20.74
C TYR B 57 -1.89 -12.01 -20.19
N GLY B 58 -1.37 -13.09 -20.77
CA GLY B 58 -1.39 -14.40 -20.12
C GLY B 58 -2.27 -15.45 -20.80
N GLU B 59 -3.16 -15.08 -21.71
CA GLU B 59 -4.10 -16.04 -22.40
C GLU B 59 -4.40 -15.59 -23.83
N LEU B 60 -4.81 -16.52 -24.70
CA LEU B 60 -5.41 -16.15 -26.01
C LEU B 60 -6.69 -15.35 -25.74
N PRO B 61 -6.92 -14.23 -26.45
CA PRO B 61 -8.08 -13.38 -26.20
C PRO B 61 -9.38 -13.78 -26.93
N ASN B 62 -10.51 -13.83 -26.21
CA ASN B 62 -11.86 -14.11 -26.79
C ASN B 62 -12.19 -12.95 -27.73
N LYS B 63 -13.26 -13.07 -28.53
CA LYS B 63 -13.62 -12.10 -29.59
C LYS B 63 -13.82 -10.69 -29.02
N GLN B 64 -14.36 -10.57 -27.80
CA GLN B 64 -14.57 -9.24 -27.14
C GLN B 64 -13.21 -8.60 -26.82
N GLN B 65 -12.32 -9.35 -26.16
CA GLN B 65 -10.97 -8.86 -25.76
C GLN B 65 -10.14 -8.53 -26.99
N LEU B 66 -10.12 -9.46 -27.97
CA LEU B 66 -9.38 -9.24 -29.24
C LEU B 66 -9.90 -7.98 -29.93
N ASP B 67 -11.23 -7.77 -29.99
CA ASP B 67 -11.82 -6.59 -30.68
C ASP B 67 -11.41 -5.30 -29.94
N ALA B 68 -11.44 -5.29 -28.60
CA ALA B 68 -11.01 -4.15 -27.76
C ALA B 68 -9.51 -3.91 -27.95
N TYR B 69 -8.72 -4.99 -27.97
CA TYR B 69 -7.24 -4.88 -28.08
C TYR B 69 -6.90 -4.20 -29.40
N LEU B 70 -7.45 -4.73 -30.49
CA LEU B 70 -7.21 -4.23 -31.87
C LEU B 70 -7.54 -2.71 -31.93
N LYS B 71 -8.66 -2.27 -31.34
CA LYS B 71 -9.02 -0.83 -31.35
C LYS B 71 -8.04 -0.04 -30.49
N LYS B 72 -7.57 -0.61 -29.41
CA LYS B 72 -6.58 0.12 -28.58
C LYS B 72 -5.30 0.36 -29.36
N LEU B 73 -4.79 -0.66 -30.06
CA LEU B 73 -3.52 -0.53 -30.81
C LEU B 73 -3.69 0.39 -32.02
N GLN B 74 -4.80 0.30 -32.72
CA GLN B 74 -5.09 1.17 -33.88
C GLN B 74 -5.03 2.63 -33.44
N GLY B 75 -5.29 2.92 -32.17
CA GLY B 75 -5.23 4.29 -31.63
C GLY B 75 -3.85 4.70 -31.16
N GLN B 76 -2.86 3.81 -31.14
CA GLN B 76 -1.50 4.11 -30.60
C GLN B 76 -0.45 4.12 -31.73
N ARG B 77 -0.84 4.31 -33.01
CA ARG B 77 0.10 4.21 -34.18
C ARG B 77 0.80 5.52 -34.53
N ASP B 78 0.25 6.70 -34.24
CA ASP B 78 0.84 7.97 -34.73
C ASP B 78 2.00 8.37 -33.81
N LEU B 79 2.94 9.14 -34.34
CA LEU B 79 4.13 9.64 -33.58
C LEU B 79 3.88 11.08 -33.16
N PRO B 80 4.33 11.48 -31.95
CA PRO B 80 4.36 12.89 -31.54
C PRO B 80 5.21 13.70 -32.50
N GLN B 81 4.87 14.99 -32.70
CA GLN B 81 5.58 15.95 -33.58
C GLN B 81 7.06 16.01 -33.19
N ALA B 82 7.37 16.04 -31.90
CA ALA B 82 8.77 16.17 -31.43
C ALA B 82 9.59 14.96 -31.93
N LEU B 83 9.03 13.77 -31.86
CA LEU B 83 9.72 12.50 -32.29
C LEU B 83 9.90 12.56 -33.82
N LYS B 84 8.90 13.05 -34.58
CA LYS B 84 9.06 13.19 -36.07
C LYS B 84 10.25 14.09 -36.36
N GLU B 85 10.39 15.18 -35.63
CA GLU B 85 11.43 16.19 -35.89
C GLU B 85 12.80 15.58 -35.54
N VAL B 86 12.83 14.71 -34.53
CA VAL B 86 14.11 14.01 -34.17
C VAL B 86 14.53 13.07 -35.31
N LEU B 87 13.64 12.19 -35.77
CA LEU B 87 13.92 11.20 -36.85
C LEU B 87 14.44 11.92 -38.11
N GLU B 88 13.94 13.14 -38.38
CA GLU B 88 14.36 13.93 -39.57
C GLU B 88 15.83 14.29 -39.44
N ARG B 89 16.46 14.26 -38.24
CA ARG B 89 17.88 14.69 -38.12
C ARG B 89 18.81 13.46 -38.10
N ILE B 90 18.28 12.24 -38.19
CA ILE B 90 19.17 11.05 -38.29
C ILE B 90 19.56 10.86 -39.76
N PRO B 91 20.88 10.80 -40.09
CA PRO B 91 21.34 10.69 -41.47
C PRO B 91 20.79 9.50 -42.27
N LYS B 92 20.63 9.70 -43.58
CA LYS B 92 20.14 8.66 -44.53
C LYS B 92 20.96 7.38 -44.41
N ASP B 93 22.28 7.50 -44.22
CA ASP B 93 23.22 6.35 -44.24
C ASP B 93 23.37 5.75 -42.83
N ALA B 94 22.53 6.12 -41.86
CA ALA B 94 22.55 5.55 -40.48
C ALA B 94 22.16 4.08 -40.48
N HIS B 95 22.66 3.32 -39.50
CA HIS B 95 22.27 1.92 -39.30
C HIS B 95 20.83 1.95 -38.84
N PRO B 96 19.89 1.30 -39.56
CA PRO B 96 18.49 1.34 -39.19
C PRO B 96 18.28 0.91 -37.71
N MET B 97 19.10 0.00 -37.17
CA MET B 97 18.92 -0.41 -35.74
C MET B 97 19.22 0.75 -34.78
N ASP B 98 20.05 1.73 -35.17
CA ASP B 98 20.32 2.93 -34.37
C ASP B 98 19.08 3.83 -34.44
N VAL B 99 18.34 3.77 -35.54
CA VAL B 99 17.06 4.54 -35.69
C VAL B 99 16.05 3.99 -34.67
N MET B 100 15.93 2.67 -34.58
CA MET B 100 14.96 1.98 -33.68
C MET B 100 15.37 2.27 -32.22
N ARG B 101 16.67 2.19 -31.94
CA ARG B 101 17.25 2.51 -30.59
C ARG B 101 16.86 3.96 -30.21
N THR B 102 17.18 4.93 -31.08
CA THR B 102 16.94 6.37 -30.87
C THR B 102 15.44 6.63 -30.71
N GLY B 103 14.60 6.05 -31.55
CA GLY B 103 13.13 6.21 -31.39
C GLY B 103 12.65 5.80 -30.00
N ALA B 104 13.00 4.60 -29.54
CA ALA B 104 12.53 4.07 -28.24
C ALA B 104 13.01 5.02 -27.15
N SER B 105 14.25 5.51 -27.28
CA SER B 105 14.88 6.36 -26.26
C SER B 105 14.13 7.70 -26.13
N VAL B 106 13.82 8.34 -27.26
CA VAL B 106 13.08 9.64 -27.30
C VAL B 106 11.64 9.43 -26.84
N LEU B 107 10.93 8.38 -27.29
CA LEU B 107 9.53 8.12 -26.87
C LEU B 107 9.43 8.01 -25.33
N GLY B 108 10.46 7.43 -24.67
CA GLY B 108 10.56 7.35 -23.21
C GLY B 108 10.53 8.70 -22.50
N THR B 109 11.03 9.78 -23.10
CA THR B 109 11.04 11.15 -22.52
C THR B 109 9.71 11.90 -22.78
N LEU B 110 8.90 11.43 -23.71
CA LEU B 110 7.66 12.14 -24.17
C LEU B 110 6.45 11.52 -23.48
N GLU B 111 6.44 10.20 -23.36
CA GLU B 111 5.34 9.43 -22.75
C GLU B 111 5.96 8.47 -21.72
N PRO B 112 6.56 8.99 -20.64
CA PRO B 112 7.25 8.16 -19.66
C PRO B 112 6.47 7.09 -18.88
N GLU B 113 7.20 6.07 -18.42
CA GLU B 113 6.64 5.02 -17.53
C GLU B 113 6.90 5.53 -16.12
N LEU B 114 5.95 6.29 -15.59
CA LEU B 114 6.01 6.92 -14.26
C LEU B 114 5.95 5.87 -13.15
N SER B 115 5.25 4.77 -13.40
CA SER B 115 5.19 3.65 -12.45
C SER B 115 5.00 2.36 -13.24
N PHE B 116 5.22 1.21 -12.60
CA PHE B 116 5.05 -0.14 -13.21
C PHE B 116 3.58 -0.46 -13.51
N ASP B 117 2.62 0.28 -12.95
CA ASP B 117 1.17 0.12 -13.26
C ASP B 117 0.95 0.33 -14.77
N GLN B 118 1.68 1.22 -15.43
CA GLN B 118 1.58 1.55 -16.87
C GLN B 118 2.34 0.55 -17.76
N GLN B 119 2.99 -0.49 -17.21
CA GLN B 119 3.90 -1.35 -18.02
C GLN B 119 3.23 -2.01 -19.23
N ARG B 120 2.01 -2.54 -19.13
CA ARG B 120 1.35 -3.20 -20.29
C ARG B 120 0.95 -2.14 -21.35
N ASP B 121 0.45 -1.00 -20.91
CA ASP B 121 0.13 0.13 -21.81
C ASP B 121 1.38 0.57 -22.60
N VAL B 122 2.55 0.64 -21.97
CA VAL B 122 3.80 1.08 -22.67
C VAL B 122 4.21 0.00 -23.70
N ALA B 123 4.13 -1.27 -23.36
CA ALA B 123 4.47 -2.42 -24.23
C ALA B 123 3.60 -2.33 -25.48
N ASP B 124 2.31 -2.05 -25.24
CA ASP B 124 1.33 -1.90 -26.35
C ASP B 124 1.74 -0.73 -27.24
N ARG B 125 2.15 0.41 -26.66
CA ARG B 125 2.49 1.65 -27.38
C ARG B 125 3.70 1.36 -28.29
N LEU B 126 4.71 0.68 -27.76
CA LEU B 126 5.91 0.29 -28.56
C LEU B 126 5.51 -0.61 -29.72
N LEU B 127 4.72 -1.64 -29.45
CA LEU B 127 4.27 -2.55 -30.54
C LEU B 127 3.56 -1.75 -31.64
N ALA B 128 2.76 -0.73 -31.29
CA ALA B 128 1.90 -0.01 -32.28
C ALA B 128 2.73 1.04 -33.03
N ALA B 129 3.68 1.67 -32.33
CA ALA B 129 4.45 2.79 -32.88
C ALA B 129 5.68 2.35 -33.69
N PHE B 130 6.31 1.20 -33.38
CA PHE B 130 7.66 0.91 -33.95
C PHE B 130 7.56 0.93 -35.48
N PRO B 131 6.48 0.40 -36.10
CA PRO B 131 6.37 0.42 -37.58
C PRO B 131 6.53 1.83 -38.15
N ALA B 132 5.87 2.83 -37.55
CA ALA B 132 5.98 4.26 -37.93
C ALA B 132 7.37 4.83 -37.64
N ILE B 133 8.01 4.49 -36.51
CA ILE B 133 9.39 5.01 -36.25
C ILE B 133 10.31 4.58 -37.44
N MET B 134 10.22 3.35 -37.88
CA MET B 134 11.12 2.81 -38.93
C MET B 134 10.84 3.50 -40.28
N THR B 135 9.57 3.56 -40.68
CA THR B 135 9.12 3.96 -42.05
C THR B 135 9.11 5.48 -42.17
N TYR B 136 8.75 6.24 -41.11
CA TYR B 136 8.82 7.72 -41.12
C TYR B 136 10.26 8.11 -41.39
N TRP B 137 11.20 7.52 -40.64
CA TRP B 137 12.63 7.81 -40.90
C TRP B 137 13.00 7.40 -42.33
N TYR B 138 12.75 6.16 -42.71
CA TYR B 138 13.22 5.59 -44.00
C TYR B 138 12.68 6.46 -45.16
N ARG B 139 11.38 6.74 -45.17
CA ARG B 139 10.73 7.36 -46.37
C ARG B 139 11.12 8.83 -46.41
N PHE B 140 11.37 9.46 -45.24
CA PHE B 140 11.86 10.86 -45.20
C PHE B 140 13.24 10.95 -45.82
N THR B 141 14.14 10.02 -45.48
CA THR B 141 15.57 10.19 -45.82
C THR B 141 15.88 9.63 -47.22
N HIS B 142 15.13 8.62 -47.64
CA HIS B 142 15.34 7.88 -48.90
C HIS B 142 14.41 8.38 -50.01
N GLU B 143 13.20 8.87 -49.69
CA GLU B 143 12.19 9.30 -50.70
C GLU B 143 11.78 10.76 -50.50
N GLY B 144 12.36 11.46 -49.53
CA GLY B 144 12.07 12.88 -49.22
C GLY B 144 10.59 13.16 -48.97
N GLN B 145 9.80 12.17 -48.52
CA GLN B 145 8.37 12.32 -48.11
C GLN B 145 8.28 12.38 -46.58
N ARG B 146 7.51 13.32 -46.01
CA ARG B 146 6.97 13.21 -44.62
C ARG B 146 5.65 12.44 -44.65
N ILE B 147 5.58 11.23 -44.13
CA ILE B 147 4.39 10.32 -44.29
C ILE B 147 3.41 10.46 -43.11
N ASP B 148 2.15 10.10 -43.37
CA ASP B 148 1.08 9.90 -42.38
C ASP B 148 1.32 8.55 -41.72
N CYS B 149 1.29 8.49 -40.38
CA CYS B 149 1.76 7.34 -39.58
C CYS B 149 0.56 6.44 -39.21
N ASN B 150 -0.65 6.79 -39.69
CA ASN B 150 -1.88 5.97 -39.59
C ASN B 150 -2.16 5.32 -40.96
N SER B 151 -2.85 4.17 -40.97
CA SER B 151 -3.28 3.41 -42.19
C SER B 151 -4.71 2.90 -41.96
N ASP B 152 -5.27 2.20 -42.93
CA ASP B 152 -6.62 1.55 -42.83
C ASP B 152 -6.50 0.06 -42.51
N GLU B 153 -5.28 -0.50 -42.47
CA GLU B 153 -5.09 -1.94 -42.14
C GLU B 153 -5.37 -2.14 -40.65
N PRO B 154 -6.20 -3.13 -40.27
CA PRO B 154 -6.47 -3.38 -38.86
C PRO B 154 -5.37 -4.13 -38.08
N THR B 155 -4.44 -4.82 -38.78
CA THR B 155 -3.30 -5.57 -38.15
C THR B 155 -1.99 -4.77 -38.31
N ILE B 156 -1.09 -4.89 -37.33
CA ILE B 156 0.31 -4.33 -37.36
C ILE B 156 1.04 -4.78 -38.62
N GLY B 157 1.01 -6.08 -38.92
CA GLY B 157 1.61 -6.68 -40.12
C GLY B 157 1.16 -5.99 -41.41
N GLY B 158 -0.15 -5.77 -41.59
CA GLY B 158 -0.65 -4.99 -42.74
C GLY B 158 -0.21 -3.55 -42.68
N HIS B 159 -0.31 -2.94 -41.48
CA HIS B 159 -0.02 -1.51 -41.24
C HIS B 159 1.42 -1.22 -41.68
N PHE B 160 2.34 -2.11 -41.32
CA PHE B 160 3.77 -1.97 -41.69
C PHE B 160 3.93 -1.81 -43.22
N LEU B 161 3.33 -2.72 -44.00
CA LEU B 161 3.44 -2.76 -45.48
C LEU B 161 2.77 -1.51 -46.07
N ALA B 162 1.67 -1.06 -45.47
CA ALA B 162 0.92 0.15 -45.90
C ALA B 162 1.82 1.38 -45.75
N LEU B 163 2.47 1.54 -44.58
CA LEU B 163 3.45 2.64 -44.37
C LEU B 163 4.67 2.48 -45.27
N LEU B 164 5.23 1.28 -45.47
CA LEU B 164 6.52 1.15 -46.23
C LEU B 164 6.30 1.48 -47.72
N HIS B 165 5.24 0.98 -48.34
CA HIS B 165 4.98 1.14 -49.81
C HIS B 165 3.91 2.21 -50.12
N GLY B 166 3.20 2.71 -49.11
CA GLY B 166 2.18 3.76 -49.26
C GLY B 166 1.05 3.35 -50.17
N LYS B 167 0.68 2.07 -50.17
CA LYS B 167 -0.42 1.51 -50.98
C LYS B 167 -0.98 0.32 -50.20
N LYS B 168 -2.22 -0.09 -50.48
CA LYS B 168 -2.85 -1.20 -49.76
C LYS B 168 -2.08 -2.47 -50.11
N PRO B 169 -1.66 -3.27 -49.12
CA PRO B 169 -1.02 -4.57 -49.40
C PRO B 169 -2.02 -5.64 -49.83
N SER B 170 -1.59 -6.62 -50.61
CA SER B 170 -2.37 -7.83 -50.96
C SER B 170 -2.64 -8.64 -49.68
N GLU B 171 -3.71 -9.44 -49.66
CA GLU B 171 -4.12 -10.28 -48.50
C GLU B 171 -3.02 -11.31 -48.21
N LEU B 172 -2.41 -11.87 -49.26
CA LEU B 172 -1.30 -12.83 -49.09
C LEU B 172 -0.16 -12.15 -48.31
N HIS B 173 0.27 -10.95 -48.71
CA HIS B 173 1.41 -10.22 -48.09
C HIS B 173 1.03 -9.84 -46.64
N VAL B 174 -0.23 -9.53 -46.34
CA VAL B 174 -0.69 -9.21 -44.95
C VAL B 174 -0.57 -10.50 -44.11
N LYS B 175 -0.94 -11.65 -44.71
CA LYS B 175 -0.88 -12.98 -44.03
C LYS B 175 0.59 -13.29 -43.67
N VAL B 176 1.52 -13.13 -44.62
CA VAL B 176 2.94 -13.58 -44.44
C VAL B 176 3.60 -12.65 -43.40
N MET B 177 3.23 -11.36 -43.37
CA MET B 177 3.74 -10.41 -42.34
C MET B 177 3.26 -10.85 -40.96
N ASN B 178 2.02 -11.31 -40.85
CA ASN B 178 1.45 -11.80 -39.56
C ASN B 178 2.13 -13.11 -39.14
N VAL B 179 2.44 -13.94 -40.13
CA VAL B 179 3.12 -15.22 -39.84
C VAL B 179 4.52 -14.94 -39.28
N SER B 180 5.25 -14.00 -39.88
CA SER B 180 6.65 -13.69 -39.48
C SER B 180 6.74 -13.10 -38.07
N LEU B 181 5.85 -12.18 -37.73
CA LEU B 181 5.81 -11.53 -36.40
C LEU B 181 5.53 -12.59 -35.32
N ILE B 182 4.68 -13.58 -35.62
CA ILE B 182 4.41 -14.69 -34.69
C ILE B 182 5.63 -15.62 -34.51
N LEU B 183 6.28 -16.01 -35.61
CA LEU B 183 7.43 -16.95 -35.55
C LEU B 183 8.60 -16.34 -34.76
N TYR B 184 8.85 -15.03 -34.87
CA TYR B 184 10.00 -14.44 -34.16
C TYR B 184 9.64 -13.80 -32.81
N ALA B 185 8.38 -13.86 -32.40
CA ALA B 185 7.93 -13.10 -31.20
C ALA B 185 8.72 -13.35 -29.91
N GLU B 186 9.10 -14.59 -29.65
CA GLU B 186 9.73 -14.91 -28.33
C GLU B 186 10.67 -16.10 -28.46
N HIS B 187 11.83 -16.05 -27.82
CA HIS B 187 12.69 -17.25 -27.92
C HIS B 187 13.54 -17.50 -26.68
N GLU B 188 12.90 -17.79 -25.55
CA GLU B 188 13.56 -18.13 -24.26
C GLU B 188 14.64 -17.11 -23.92
N PHE B 189 15.83 -17.57 -23.56
CA PHE B 189 16.94 -16.66 -23.25
C PHE B 189 17.97 -16.74 -24.40
N ASN B 190 18.51 -15.58 -24.69
CA ASN B 190 19.52 -15.20 -25.70
C ASN B 190 20.13 -13.85 -25.27
N ALA B 191 21.06 -13.28 -26.03
CA ALA B 191 21.75 -12.05 -25.57
C ALA B 191 20.80 -10.86 -25.39
N SER B 192 19.89 -10.63 -26.33
CA SER B 192 18.98 -9.46 -26.23
C SER B 192 17.97 -9.63 -25.08
N THR B 193 17.38 -10.82 -24.95
CA THR B 193 16.43 -11.06 -23.83
C THR B 193 17.20 -10.96 -22.52
N PHE B 194 18.42 -11.47 -22.46
CA PHE B 194 19.22 -11.36 -21.20
C PHE B 194 19.53 -9.89 -20.87
N THR B 195 19.88 -9.09 -21.86
CA THR B 195 20.16 -7.65 -21.66
C THR B 195 18.90 -6.98 -21.09
N ALA B 196 17.69 -7.29 -21.60
CA ALA B 196 16.40 -6.73 -21.13
C ALA B 196 16.21 -7.07 -19.64
N ARG B 197 16.52 -8.31 -19.26
CA ARG B 197 16.35 -8.82 -17.85
C ARG B 197 17.38 -8.18 -16.90
N VAL B 198 18.64 -8.04 -17.32
CA VAL B 198 19.67 -7.40 -16.47
C VAL B 198 19.27 -5.97 -16.15
N CYS B 199 18.95 -5.17 -17.17
CA CYS B 199 18.36 -3.82 -17.02
C CYS B 199 17.11 -3.86 -16.12
N ALA B 200 16.16 -4.78 -16.35
CA ALA B 200 14.90 -4.90 -15.54
C ALA B 200 15.23 -5.11 -14.06
N SER B 201 16.26 -5.92 -13.76
CA SER B 201 16.67 -6.37 -12.40
C SER B 201 17.13 -5.18 -11.53
N THR B 202 17.53 -4.05 -12.11
CA THR B 202 17.86 -2.82 -11.33
C THR B 202 16.61 -1.95 -11.06
N LEU B 203 15.42 -2.41 -11.46
CA LEU B 203 14.09 -1.72 -11.45
C LEU B 203 14.11 -0.47 -12.35
N SER B 204 14.86 -0.52 -13.46
CA SER B 204 14.83 0.57 -14.46
C SER B 204 13.49 0.58 -15.23
N ASP B 205 13.25 1.60 -16.06
CA ASP B 205 11.97 1.73 -16.83
C ASP B 205 11.94 0.87 -18.11
N LEU B 206 10.74 0.67 -18.69
CA LEU B 206 10.53 -0.34 -19.76
C LEU B 206 11.31 0.13 -21.00
N TYR B 207 11.35 1.44 -21.23
CA TYR B 207 12.05 2.04 -22.39
C TYR B 207 13.56 1.72 -22.31
N SER B 208 14.19 1.82 -21.12
CA SER B 208 15.61 1.41 -20.92
C SER B 208 15.84 -0.05 -21.31
N CYS B 209 15.00 -0.97 -20.84
CA CYS B 209 15.15 -2.42 -21.06
C CYS B 209 15.06 -2.73 -22.58
N VAL B 210 14.14 -2.06 -23.30
CA VAL B 210 14.01 -2.22 -24.79
C VAL B 210 15.17 -1.58 -25.56
N THR B 211 15.60 -0.39 -25.17
CA THR B 211 16.75 0.34 -25.76
C THR B 211 18.00 -0.54 -25.66
N GLY B 212 18.23 -1.13 -24.49
CA GLY B 212 19.41 -2.01 -24.29
C GLY B 212 19.28 -3.29 -25.10
N ALA B 213 18.11 -3.91 -25.14
CA ALA B 213 17.90 -5.14 -25.92
C ALA B 213 18.19 -4.88 -27.41
N ILE B 214 17.74 -3.74 -27.99
CA ILE B 214 18.02 -3.32 -29.40
C ILE B 214 19.54 -3.21 -29.67
N GLY B 215 20.25 -2.54 -28.76
CA GLY B 215 21.72 -2.43 -28.88
C GLY B 215 22.42 -3.77 -28.93
N SER B 216 22.02 -4.73 -28.09
CA SER B 216 22.62 -6.08 -28.10
C SER B 216 22.29 -6.81 -29.41
N LEU B 217 21.08 -6.61 -29.92
CA LEU B 217 20.63 -7.29 -31.17
C LEU B 217 21.41 -6.71 -32.36
N ARG B 218 21.93 -5.50 -32.22
CA ARG B 218 22.68 -4.85 -33.32
C ARG B 218 23.96 -5.62 -33.67
N GLY B 219 24.55 -6.29 -32.68
CA GLY B 219 25.80 -7.03 -32.87
C GLY B 219 25.66 -8.18 -33.83
N PRO B 220 26.61 -8.36 -34.76
CA PRO B 220 26.54 -9.43 -35.77
C PRO B 220 26.61 -10.88 -35.27
N LEU B 221 26.96 -11.12 -34.01
CA LEU B 221 26.87 -12.51 -33.47
C LEU B 221 25.46 -12.81 -33.00
N HIS B 222 24.59 -11.82 -32.93
CA HIS B 222 23.21 -12.03 -32.47
C HIS B 222 22.17 -11.70 -33.55
N GLY B 223 22.25 -10.50 -34.13
CA GLY B 223 21.30 -10.08 -35.18
C GLY B 223 21.91 -10.07 -36.56
N GLY B 224 21.10 -9.90 -37.60
CA GLY B 224 21.59 -9.80 -38.99
C GLY B 224 21.62 -11.12 -39.73
N ALA B 225 21.09 -12.19 -39.14
CA ALA B 225 21.16 -13.53 -39.77
C ALA B 225 20.33 -13.58 -41.05
N ASN B 226 19.12 -13.07 -41.04
CA ASN B 226 18.31 -13.15 -42.28
C ASN B 226 18.86 -12.21 -43.36
N GLU B 227 19.56 -11.14 -42.97
CA GLU B 227 20.27 -10.22 -43.87
C GLU B 227 21.44 -10.96 -44.54
N ALA B 228 22.21 -11.74 -43.76
CA ALA B 228 23.36 -12.52 -44.27
C ALA B 228 22.87 -13.66 -45.18
N ALA B 229 21.73 -14.31 -44.87
CA ALA B 229 21.15 -15.35 -45.74
C ALA B 229 20.79 -14.74 -47.09
N MET B 230 20.33 -13.49 -47.09
CA MET B 230 19.91 -12.77 -48.31
C MET B 230 21.14 -12.43 -49.16
N GLU B 231 22.23 -11.98 -48.55
CA GLU B 231 23.50 -11.72 -49.31
C GLU B 231 24.04 -13.03 -49.93
N LEU B 232 23.74 -14.20 -49.36
CA LEU B 232 24.20 -15.51 -49.88
C LEU B 232 23.35 -15.90 -51.08
N ILE B 233 22.02 -15.92 -50.93
CA ILE B 233 21.13 -16.40 -52.03
C ILE B 233 21.20 -15.43 -53.23
N GLU B 234 21.47 -14.14 -53.04
CA GLU B 234 21.40 -13.15 -54.16
C GLU B 234 22.64 -13.23 -55.07
N ARG B 235 23.69 -13.96 -54.70
CA ARG B 235 24.89 -14.13 -55.56
C ARG B 235 24.61 -14.98 -56.81
N PHE B 236 23.65 -15.92 -56.77
CA PHE B 236 23.56 -17.07 -57.71
C PHE B 236 22.45 -16.90 -58.77
N SER B 237 22.82 -16.99 -60.05
CA SER B 237 21.92 -16.76 -61.21
C SER B 237 21.11 -18.02 -61.52
N SER B 238 21.42 -19.16 -60.90
CA SER B 238 20.64 -20.40 -61.07
C SER B 238 20.89 -21.35 -59.91
N PRO B 239 19.97 -22.31 -59.69
CA PRO B 239 20.19 -23.35 -58.69
C PRO B 239 21.41 -24.26 -58.98
N GLN B 240 21.75 -24.47 -60.26
CA GLN B 240 22.98 -25.21 -60.67
C GLN B 240 24.19 -24.51 -60.05
N GLU B 241 24.35 -23.22 -60.36
CA GLU B 241 25.49 -22.36 -59.95
C GLU B 241 25.56 -22.35 -58.42
N ALA B 242 24.39 -22.34 -57.75
CA ALA B 242 24.29 -22.25 -56.27
C ALA B 242 24.88 -23.51 -55.63
N THR B 243 24.36 -24.68 -56.02
CA THR B 243 24.83 -26.02 -55.56
C THR B 243 26.33 -26.17 -55.82
N ALA B 244 26.80 -25.76 -57.01
CA ALA B 244 28.21 -25.91 -57.45
C ALA B 244 29.11 -25.10 -56.50
N GLU B 245 28.69 -23.87 -56.20
CA GLU B 245 29.44 -22.94 -55.31
C GLU B 245 29.31 -23.37 -53.83
N LEU B 246 28.16 -23.86 -53.41
CA LEU B 246 27.98 -24.35 -52.02
C LEU B 246 28.94 -25.52 -51.75
N LEU B 247 28.98 -26.49 -52.68
CA LEU B 247 29.88 -27.67 -52.49
C LEU B 247 31.33 -27.18 -52.31
N LYS B 248 31.71 -26.10 -52.98
CA LYS B 248 33.07 -25.54 -52.83
C LYS B 248 33.21 -24.90 -51.44
N MET B 249 32.20 -24.17 -50.99
CA MET B 249 32.21 -23.53 -49.66
C MET B 249 32.26 -24.60 -48.58
N LEU B 250 31.50 -25.69 -48.75
CA LEU B 250 31.45 -26.75 -47.72
C LEU B 250 32.82 -27.43 -47.56
N GLU B 251 33.47 -27.73 -48.68
CA GLU B 251 34.85 -28.30 -48.67
C GLU B 251 35.83 -27.31 -48.03
N ARG B 252 35.63 -26.01 -48.24
CA ARG B 252 36.50 -24.95 -47.65
C ARG B 252 36.12 -24.68 -46.20
N LYS B 253 35.13 -25.39 -45.67
CA LYS B 253 34.64 -25.29 -44.27
C LYS B 253 34.05 -23.90 -43.96
N ASP B 254 33.51 -23.20 -44.94
CA ASP B 254 32.91 -21.85 -44.74
C ASP B 254 31.66 -21.95 -43.86
N LYS B 255 31.40 -20.96 -43.03
CA LYS B 255 30.13 -20.93 -42.27
C LYS B 255 28.99 -20.66 -43.26
N ILE B 256 27.91 -21.41 -43.16
CA ILE B 256 26.80 -21.16 -44.11
C ILE B 256 25.64 -20.56 -43.33
N MET B 257 25.30 -19.32 -43.66
CA MET B 257 24.28 -18.57 -42.90
C MET B 257 22.87 -19.17 -43.10
N GLY B 258 22.15 -19.34 -42.00
CA GLY B 258 20.78 -19.86 -42.02
C GLY B 258 20.68 -21.34 -41.69
N PHE B 259 21.80 -22.00 -41.37
CA PHE B 259 21.80 -23.46 -41.10
C PHE B 259 22.33 -23.78 -39.70
N GLY B 260 21.70 -24.73 -39.03
CA GLY B 260 22.07 -25.22 -37.68
C GLY B 260 21.54 -24.39 -36.54
N HIS B 261 21.42 -25.00 -35.36
CA HIS B 261 20.89 -24.29 -34.17
C HIS B 261 21.62 -24.73 -32.92
N ALA B 262 21.61 -23.89 -31.89
CA ALA B 262 22.27 -24.25 -30.63
C ALA B 262 21.39 -25.26 -29.87
N ILE B 263 20.07 -25.12 -29.93
CA ILE B 263 19.19 -26.02 -29.13
C ILE B 263 18.49 -27.14 -29.92
N TYR B 264 17.89 -26.86 -31.08
CA TYR B 264 17.19 -27.94 -31.82
C TYR B 264 18.17 -28.95 -32.43
N LYS B 265 17.71 -30.19 -32.65
CA LYS B 265 18.61 -31.17 -33.32
C LYS B 265 17.94 -31.77 -34.59
N ASP B 266 16.62 -31.89 -34.63
CA ASP B 266 16.08 -32.48 -35.89
C ASP B 266 15.66 -31.36 -36.84
N SER B 267 15.11 -30.27 -36.27
CA SER B 267 14.64 -29.11 -37.07
C SER B 267 14.33 -27.93 -36.15
N ASP B 268 14.03 -26.80 -36.77
CA ASP B 268 13.58 -25.55 -36.13
C ASP B 268 12.12 -25.44 -36.59
N PRO B 269 11.13 -25.62 -35.71
CA PRO B 269 9.72 -25.62 -36.08
C PRO B 269 9.33 -24.47 -37.00
N ARG B 270 10.01 -23.35 -36.86
CA ARG B 270 9.66 -22.09 -37.57
C ARG B 270 10.06 -22.21 -39.05
N ASN B 271 11.05 -23.05 -39.38
CA ASN B 271 11.48 -23.24 -40.79
C ASN B 271 10.30 -23.83 -41.60
N GLU B 272 9.69 -24.89 -41.06
CA GLU B 272 8.51 -25.60 -41.63
C GLU B 272 7.56 -24.57 -42.24
N VAL B 273 7.14 -23.64 -41.40
CA VAL B 273 6.11 -22.61 -41.71
C VAL B 273 6.55 -21.60 -42.75
N ILE B 274 7.66 -20.90 -42.51
CA ILE B 274 8.07 -19.82 -43.45
C ILE B 274 8.37 -20.37 -44.85
N LYS B 275 8.92 -21.57 -44.95
CA LYS B 275 9.24 -22.18 -46.27
C LYS B 275 8.02 -22.13 -47.20
N GLY B 276 6.87 -22.64 -46.76
CA GLY B 276 5.65 -22.74 -47.57
C GLY B 276 5.09 -21.39 -47.99
N TRP B 277 5.20 -20.37 -47.14
CA TRP B 277 4.75 -18.99 -47.45
C TRP B 277 5.70 -18.34 -48.46
N SER B 278 7.00 -18.61 -48.35
CA SER B 278 8.01 -18.02 -49.28
C SER B 278 7.69 -18.50 -50.70
N LYS B 279 7.26 -19.76 -50.83
CA LYS B 279 6.93 -20.44 -52.10
C LYS B 279 5.72 -19.72 -52.74
N GLN B 280 4.65 -19.52 -51.98
CA GLN B 280 3.41 -18.85 -52.48
C GLN B 280 3.76 -17.44 -52.96
N LEU B 281 4.67 -16.77 -52.27
CA LEU B 281 5.12 -15.41 -52.68
C LEU B 281 5.91 -15.50 -53.98
N ALA B 282 6.77 -16.51 -54.15
CA ALA B 282 7.58 -16.68 -55.39
C ALA B 282 6.62 -16.82 -56.59
N ASP B 283 5.57 -17.63 -56.42
CA ASP B 283 4.47 -17.89 -57.40
C ASP B 283 3.78 -16.58 -57.72
N GLU B 284 3.48 -15.80 -56.67
CA GLU B 284 2.71 -14.54 -56.78
C GLU B 284 3.48 -13.54 -57.64
N VAL B 285 4.79 -13.39 -57.41
CA VAL B 285 5.58 -12.30 -58.05
C VAL B 285 6.22 -12.81 -59.35
N GLY B 286 6.01 -14.08 -59.70
CA GLY B 286 6.61 -14.74 -60.89
C GLY B 286 8.14 -14.76 -60.82
N ASP B 287 8.68 -15.05 -59.63
CA ASP B 287 10.14 -15.26 -59.41
C ASP B 287 10.57 -16.54 -60.11
N LYS B 288 11.71 -16.52 -60.78
CA LYS B 288 12.26 -17.74 -61.46
C LYS B 288 13.56 -18.22 -60.81
N VAL B 289 14.21 -17.43 -59.93
CA VAL B 289 15.63 -17.67 -59.56
C VAL B 289 15.77 -17.83 -58.04
N LEU B 290 15.27 -16.87 -57.28
CA LEU B 290 15.58 -16.69 -55.83
C LEU B 290 15.08 -17.88 -55.01
N PHE B 291 13.84 -18.31 -55.19
CA PHE B 291 13.33 -19.44 -54.36
C PHE B 291 13.96 -20.77 -54.80
N ALA B 292 14.25 -20.92 -56.10
CA ALA B 292 14.85 -22.15 -56.65
C ALA B 292 16.25 -22.28 -56.07
N VAL B 293 16.98 -21.17 -56.03
CA VAL B 293 18.35 -21.11 -55.42
C VAL B 293 18.26 -21.49 -53.94
N SER B 294 17.26 -20.97 -53.22
CA SER B 294 17.10 -21.27 -51.77
C SER B 294 16.88 -22.76 -51.56
N GLU B 295 16.00 -23.36 -52.37
CA GLU B 295 15.69 -24.80 -52.26
C GLU B 295 16.91 -25.65 -52.60
N ALA B 296 17.71 -25.26 -53.58
CA ALA B 296 18.91 -26.02 -53.96
C ALA B 296 19.90 -26.06 -52.81
N ILE B 297 20.08 -24.95 -52.11
CA ILE B 297 21.00 -24.84 -50.95
C ILE B 297 20.45 -25.68 -49.80
N ASP B 298 19.15 -25.65 -49.60
CA ASP B 298 18.51 -26.43 -48.51
C ASP B 298 18.73 -27.94 -48.74
N LYS B 299 18.50 -28.42 -49.96
CA LYS B 299 18.63 -29.86 -50.29
C LYS B 299 20.09 -30.32 -50.13
N THR B 300 21.02 -29.50 -50.62
CA THR B 300 22.47 -29.79 -50.61
C THR B 300 22.97 -29.86 -49.17
N MET B 301 22.53 -28.96 -48.31
CA MET B 301 22.99 -28.96 -46.91
C MET B 301 22.52 -30.25 -46.25
N TRP B 302 21.30 -30.68 -46.52
CA TRP B 302 20.85 -31.96 -45.92
C TRP B 302 21.63 -33.16 -46.49
N GLU B 303 21.81 -33.25 -47.80
CA GLU B 303 22.52 -34.42 -48.40
C GLU B 303 23.96 -34.47 -47.91
N GLN B 304 24.64 -33.35 -47.86
CA GLN B 304 26.08 -33.33 -47.52
C GLN B 304 26.36 -33.23 -46.02
N LYS B 305 25.50 -32.59 -45.24
CA LYS B 305 25.84 -32.32 -43.81
C LYS B 305 24.74 -32.77 -42.84
N LYS B 306 23.61 -33.28 -43.34
CA LYS B 306 22.40 -33.56 -42.52
C LYS B 306 22.09 -32.35 -41.63
N LEU B 307 22.21 -31.13 -42.19
CA LEU B 307 21.93 -29.86 -41.47
C LEU B 307 20.60 -29.29 -41.99
N PHE B 308 19.65 -29.06 -41.10
CA PHE B 308 18.33 -28.47 -41.47
C PHE B 308 18.45 -26.95 -41.45
N PRO B 309 17.66 -26.17 -42.22
CA PRO B 309 17.76 -24.73 -42.16
C PRO B 309 16.96 -24.19 -40.97
N ASN B 310 17.43 -23.10 -40.37
CA ASN B 310 16.70 -22.49 -39.24
C ASN B 310 15.72 -21.43 -39.78
N ALA B 311 15.13 -20.65 -38.89
CA ALA B 311 14.07 -19.69 -39.23
C ALA B 311 14.57 -18.61 -40.18
N ASP B 312 15.79 -18.16 -40.04
CA ASP B 312 16.31 -17.06 -40.89
C ASP B 312 16.35 -17.36 -42.39
N PHE B 313 16.58 -18.61 -42.80
CA PHE B 313 16.85 -18.94 -44.23
C PHE B 313 15.70 -18.62 -45.21
N TYR B 314 14.48 -19.06 -44.93
CA TYR B 314 13.39 -18.80 -45.92
C TYR B 314 12.76 -17.44 -45.67
N HIS B 315 13.06 -16.83 -44.52
CA HIS B 315 12.55 -15.48 -44.19
C HIS B 315 13.15 -14.47 -45.17
N ALA B 316 14.40 -14.67 -45.53
CA ALA B 316 14.98 -13.67 -46.42
C ALA B 316 14.20 -13.67 -47.74
N SER B 317 13.95 -14.80 -48.41
CA SER B 317 13.31 -14.67 -49.74
C SER B 317 11.93 -14.03 -49.63
N ALA B 318 11.18 -14.42 -48.60
CA ALA B 318 9.80 -13.95 -48.36
C ALA B 318 9.80 -12.44 -48.17
N TYR B 319 10.70 -11.89 -47.36
CA TYR B 319 10.69 -10.43 -47.16
C TYR B 319 10.99 -9.75 -48.49
N HIS B 320 11.98 -10.26 -49.21
CA HIS B 320 12.37 -9.70 -50.51
C HIS B 320 11.20 -9.68 -51.49
N PHE B 321 10.41 -10.75 -51.52
CA PHE B 321 9.25 -10.87 -52.46
C PHE B 321 8.18 -9.82 -52.12
N MET B 322 8.14 -9.33 -50.87
CA MET B 322 7.18 -8.27 -50.45
C MET B 322 7.78 -6.87 -50.64
N GLY B 323 8.98 -6.76 -51.23
CA GLY B 323 9.63 -5.50 -51.60
C GLY B 323 10.31 -4.80 -50.44
N ILE B 324 10.72 -5.52 -49.40
CA ILE B 324 11.38 -4.96 -48.17
C ILE B 324 12.89 -4.85 -48.41
N PRO B 325 13.48 -3.63 -48.24
CA PRO B 325 14.93 -3.40 -48.28
C PRO B 325 15.64 -4.30 -47.27
N THR B 326 16.74 -4.96 -47.65
CA THR B 326 17.45 -5.95 -46.80
C THR B 326 17.76 -5.35 -45.41
N LYS B 327 18.22 -4.10 -45.38
CA LYS B 327 18.67 -3.39 -44.15
C LYS B 327 17.49 -3.11 -43.18
N LEU B 328 16.23 -3.44 -43.53
CA LEU B 328 15.06 -3.32 -42.61
C LEU B 328 14.67 -4.68 -42.04
N PHE B 329 15.36 -5.77 -42.39
CA PHE B 329 14.98 -7.11 -41.91
C PHE B 329 15.08 -7.15 -40.37
N THR B 330 16.22 -6.75 -39.82
CA THR B 330 16.45 -6.86 -38.36
C THR B 330 15.54 -5.87 -37.63
N PRO B 331 15.35 -4.62 -38.12
CA PRO B 331 14.28 -3.77 -37.60
C PRO B 331 12.88 -4.42 -37.52
N ILE B 332 12.44 -5.17 -38.54
CA ILE B 332 11.14 -5.94 -38.43
C ILE B 332 11.20 -6.94 -37.26
N PHE B 333 12.32 -7.63 -37.05
CA PHE B 333 12.50 -8.56 -35.90
C PHE B 333 12.26 -7.78 -34.59
N VAL B 334 12.68 -6.52 -34.51
CA VAL B 334 12.47 -5.68 -33.29
C VAL B 334 10.95 -5.46 -33.09
N CYS B 335 10.22 -5.13 -34.15
CA CYS B 335 8.73 -5.00 -34.10
C CYS B 335 8.10 -6.25 -33.50
N SER B 336 8.62 -7.45 -33.82
CA SER B 336 8.08 -8.76 -33.34
C SER B 336 8.55 -9.05 -31.90
N ARG B 337 9.86 -9.07 -31.70
CA ARG B 337 10.49 -9.56 -30.44
C ARG B 337 10.28 -8.55 -29.30
N THR B 338 9.87 -7.32 -29.57
CA THR B 338 9.44 -6.39 -28.48
C THR B 338 8.38 -7.07 -27.61
N SER B 339 7.50 -7.93 -28.17
CA SER B 339 6.46 -8.64 -27.38
C SER B 339 7.12 -9.56 -26.35
N GLY B 340 8.01 -10.46 -26.76
CA GLY B 340 8.75 -11.33 -25.83
C GLY B 340 9.57 -10.53 -24.80
N TRP B 341 10.31 -9.52 -25.25
CA TRP B 341 11.23 -8.71 -24.38
C TRP B 341 10.42 -8.09 -23.23
N THR B 342 9.33 -7.43 -23.55
CA THR B 342 8.50 -6.72 -22.54
C THR B 342 7.92 -7.75 -21.59
N ALA B 343 7.41 -8.85 -22.12
CA ALA B 343 6.85 -9.90 -21.26
C ALA B 343 7.93 -10.42 -20.29
N HIS B 344 9.18 -10.54 -20.75
CA HIS B 344 10.29 -10.99 -19.87
C HIS B 344 10.54 -9.95 -18.77
N VAL B 345 10.45 -8.68 -19.11
CA VAL B 345 10.64 -7.62 -18.09
C VAL B 345 9.57 -7.74 -17.01
N PHE B 346 8.33 -8.03 -17.39
CA PHE B 346 7.19 -8.15 -16.42
C PHE B 346 7.52 -9.30 -15.47
N GLU B 347 8.04 -10.43 -15.98
CA GLU B 347 8.42 -11.59 -15.12
C GLU B 347 9.52 -11.17 -14.13
N GLN B 348 10.60 -10.56 -14.61
CA GLN B 348 11.76 -10.11 -13.80
C GLN B 348 11.32 -9.15 -12.69
N ARG B 349 10.42 -8.20 -12.97
CA ARG B 349 9.87 -7.28 -11.95
C ARG B 349 9.10 -8.03 -10.84
N ALA B 350 8.26 -9.02 -11.19
CA ALA B 350 7.39 -9.79 -10.25
C ALA B 350 8.22 -10.83 -9.47
N ASN B 351 9.35 -11.29 -10.01
CA ASN B 351 10.14 -12.35 -9.36
C ASN B 351 11.62 -12.05 -9.64
N ASN B 352 12.19 -11.05 -8.94
CA ASN B 352 13.51 -10.43 -9.28
C ASN B 352 14.66 -11.36 -8.86
N ARG B 353 14.79 -12.53 -9.53
CA ARG B 353 15.90 -13.52 -9.44
C ARG B 353 16.84 -13.47 -10.69
N ILE B 354 18.15 -13.33 -10.48
CA ILE B 354 19.16 -13.42 -11.59
C ILE B 354 20.58 -13.64 -11.02
N ILE B 355 21.49 -14.27 -11.77
CA ILE B 355 22.92 -14.43 -11.33
C ILE B 355 23.50 -13.03 -11.05
N ARG B 356 24.33 -12.90 -10.03
CA ARG B 356 25.13 -11.67 -9.78
C ARG B 356 26.58 -11.97 -10.11
N PRO B 357 27.14 -11.30 -11.14
CA PRO B 357 28.43 -11.71 -11.71
C PRO B 357 29.64 -11.19 -10.94
N SER B 358 30.68 -12.04 -10.90
CA SER B 358 32.00 -11.72 -10.32
C SER B 358 33.04 -11.88 -11.43
N ALA B 359 34.18 -11.24 -11.29
CA ALA B 359 35.24 -11.36 -12.32
C ALA B 359 36.46 -12.10 -11.78
N GLU B 360 37.19 -12.76 -12.67
CA GLU B 360 38.49 -13.34 -12.29
C GLU B 360 39.50 -12.23 -12.57
N TYR B 361 40.22 -11.75 -11.56
CA TYR B 361 41.26 -10.70 -11.73
C TYR B 361 42.51 -11.33 -12.30
N THR B 362 42.97 -10.79 -13.43
CA THR B 362 44.18 -11.23 -14.16
C THR B 362 45.16 -10.07 -14.31
N GLY B 363 44.96 -8.95 -13.63
CA GLY B 363 45.88 -7.80 -13.79
C GLY B 363 47.09 -7.83 -12.87
N VAL B 364 47.79 -6.70 -12.78
CA VAL B 364 49.08 -6.59 -12.04
C VAL B 364 48.88 -6.52 -10.52
N GLU B 365 49.95 -6.82 -9.78
CA GLU B 365 49.92 -6.72 -8.30
C GLU B 365 49.89 -5.23 -7.88
N GLN B 366 49.51 -4.98 -6.63
CA GLN B 366 49.46 -3.58 -6.13
C GLN B 366 50.85 -2.95 -6.27
N ARG B 367 50.89 -1.71 -6.74
CA ARG B 367 52.17 -1.00 -6.97
C ARG B 367 52.09 0.46 -6.50
N ALA B 368 53.25 0.99 -6.14
CA ALA B 368 53.36 2.38 -5.65
C ALA B 368 52.97 3.36 -6.76
N PHE B 369 52.43 4.51 -6.37
CA PHE B 369 52.08 5.58 -7.33
C PHE B 369 53.37 6.13 -7.93
N VAL B 370 53.36 6.37 -9.24
CA VAL B 370 54.56 6.93 -9.92
C VAL B 370 54.23 8.35 -10.35
N PRO B 371 54.99 9.35 -9.91
CA PRO B 371 54.74 10.73 -10.29
C PRO B 371 55.02 10.95 -11.77
N LEU B 372 54.45 12.00 -12.34
CA LEU B 372 54.55 12.32 -13.78
C LEU B 372 56.02 12.31 -14.26
N GLU B 373 56.92 12.91 -13.48
CA GLU B 373 58.37 13.01 -13.82
C GLU B 373 59.10 11.67 -13.91
N GLN B 374 58.60 10.59 -13.32
CA GLN B 374 59.32 9.29 -13.35
C GLN B 374 58.69 8.33 -14.37
N ARG B 375 57.72 8.77 -15.17
CA ARG B 375 57.01 7.83 -16.08
C ARG B 375 57.78 7.56 -17.39
N GLY C 18 -39.88 -4.03 23.06
CA GLY C 18 -39.35 -5.39 23.27
C GLY C 18 -40.05 -6.14 24.39
N GLN C 19 -39.72 -7.41 24.57
CA GLN C 19 -40.29 -8.25 25.66
C GLN C 19 -39.14 -8.87 26.44
N THR C 20 -39.32 -9.05 27.75
CA THR C 20 -38.34 -9.71 28.64
C THR C 20 -39.07 -10.59 29.65
N ALA C 21 -38.39 -11.65 30.08
CA ALA C 21 -38.82 -12.54 31.20
C ALA C 21 -37.99 -12.27 32.44
N LEU C 22 -36.96 -11.43 32.34
CA LEU C 22 -35.90 -11.35 33.40
C LEU C 22 -36.33 -10.65 34.67
N SER C 23 -37.07 -9.55 34.54
CA SER C 23 -37.39 -8.74 35.72
C SER C 23 -38.67 -7.93 35.54
N THR C 24 -39.27 -7.52 36.65
CA THR C 24 -40.41 -6.59 36.57
C THR C 24 -40.63 -5.86 37.88
N VAL C 25 -41.35 -4.75 37.81
CA VAL C 25 -41.82 -4.06 39.05
C VAL C 25 -43.34 -4.19 39.08
N GLY C 26 -43.97 -3.88 40.21
CA GLY C 26 -45.45 -3.93 40.29
C GLY C 26 -46.05 -3.01 39.25
N GLY C 31 -42.98 -3.76 44.19
CA GLY C 31 -41.69 -4.41 44.48
C GLY C 31 -40.91 -4.69 43.21
N LEU C 32 -39.86 -5.50 43.31
CA LEU C 32 -38.93 -5.85 42.21
C LEU C 32 -38.67 -7.36 42.25
N THR C 33 -38.87 -8.06 41.14
CA THR C 33 -38.64 -9.51 41.02
C THR C 33 -37.64 -9.80 39.91
N TYR C 34 -36.87 -10.87 40.11
CA TYR C 34 -35.95 -11.50 39.13
C TYR C 34 -36.53 -12.90 38.81
N ARG C 35 -37.06 -13.11 37.60
CA ARG C 35 -37.69 -14.39 37.16
C ARG C 35 -38.70 -14.83 38.26
N GLY C 36 -39.48 -13.86 38.79
CA GLY C 36 -40.57 -14.14 39.75
C GLY C 36 -40.14 -14.13 41.22
N TYR C 37 -38.84 -14.11 41.53
CA TYR C 37 -38.36 -14.13 42.92
C TYR C 37 -38.20 -12.70 43.45
N ASP C 38 -38.80 -12.43 44.63
CA ASP C 38 -38.70 -11.11 45.30
C ASP C 38 -37.22 -10.84 45.59
N VAL C 39 -36.70 -9.67 45.19
CA VAL C 39 -35.26 -9.30 45.40
C VAL C 39 -34.92 -9.21 46.90
N ARG C 40 -35.88 -8.92 47.79
CA ARG C 40 -35.58 -8.88 49.25
C ARG C 40 -35.31 -10.30 49.75
N ASP C 41 -36.03 -11.30 49.26
CA ASP C 41 -35.81 -12.74 49.63
C ASP C 41 -34.39 -13.14 49.16
N LEU C 42 -34.07 -12.84 47.88
CA LEU C 42 -32.76 -13.20 47.29
C LEU C 42 -31.64 -12.55 48.12
N ALA C 43 -31.73 -11.26 48.42
CA ALA C 43 -30.64 -10.52 49.11
C ALA C 43 -30.42 -11.07 50.55
N ALA C 44 -31.49 -11.51 51.21
CA ALA C 44 -31.41 -12.02 52.60
C ALA C 44 -30.65 -13.36 52.62
N ALA C 45 -30.95 -14.29 51.69
CA ALA C 45 -30.65 -15.74 51.88
C ALA C 45 -29.71 -16.32 50.81
N ALA C 46 -29.26 -15.57 49.80
CA ALA C 46 -28.42 -16.10 48.69
C ALA C 46 -27.09 -15.37 48.61
N ILE C 47 -26.09 -15.98 47.99
CA ILE C 47 -24.85 -15.29 47.51
C ILE C 47 -25.11 -14.81 46.08
N PHE C 48 -24.33 -13.83 45.64
CA PHE C 48 -24.49 -13.17 44.31
C PHE C 48 -24.47 -14.25 43.20
N GLU C 49 -23.57 -15.24 43.30
CA GLU C 49 -23.42 -16.35 42.32
C GLU C 49 -24.75 -17.06 42.09
N GLU C 50 -25.61 -17.24 43.12
CA GLU C 50 -26.93 -17.90 42.95
C GLU C 50 -27.81 -17.07 42.01
N VAL C 51 -27.73 -15.73 42.15
CA VAL C 51 -28.55 -14.74 41.39
C VAL C 51 -27.98 -14.55 39.98
N ALA C 52 -26.67 -14.54 39.80
CA ALA C 52 -26.03 -14.55 38.47
C ALA C 52 -26.45 -15.84 37.75
N TYR C 53 -26.48 -16.98 38.44
CA TYR C 53 -26.86 -18.27 37.81
C TYR C 53 -28.33 -18.21 37.39
N LEU C 54 -29.21 -17.72 38.28
CA LEU C 54 -30.66 -17.50 37.97
C LEU C 54 -30.85 -16.68 36.68
N LEU C 55 -30.15 -15.55 36.53
CA LEU C 55 -30.30 -14.64 35.35
C LEU C 55 -29.71 -15.28 34.08
N LEU C 56 -28.51 -15.83 34.16
CA LEU C 56 -27.73 -16.35 33.00
C LEU C 56 -28.25 -17.74 32.58
N TYR C 57 -28.62 -18.61 33.54
CA TYR C 57 -28.93 -20.05 33.30
C TYR C 57 -30.43 -20.37 33.49
N GLY C 58 -31.21 -19.59 34.26
CA GLY C 58 -32.68 -19.61 34.15
C GLY C 58 -33.42 -20.10 35.40
N GLU C 59 -32.72 -20.64 36.39
CA GLU C 59 -33.33 -21.16 37.65
C GLU C 59 -32.35 -20.95 38.79
N LEU C 60 -32.81 -20.97 40.05
CA LEU C 60 -31.85 -21.03 41.17
C LEU C 60 -31.09 -22.36 41.09
N PRO C 61 -29.76 -22.39 41.31
CA PRO C 61 -28.96 -23.62 41.20
C PRO C 61 -29.15 -24.52 42.44
N ASN C 62 -29.10 -25.84 42.25
CA ASN C 62 -29.13 -26.79 43.40
C ASN C 62 -27.70 -26.85 43.97
N LYS C 63 -27.44 -27.68 44.97
CA LYS C 63 -26.12 -27.70 45.64
C LYS C 63 -25.01 -28.17 44.67
N GLN C 64 -25.27 -29.16 43.81
CA GLN C 64 -24.24 -29.68 42.86
C GLN C 64 -23.94 -28.58 41.81
N GLN C 65 -24.97 -27.95 41.24
CA GLN C 65 -24.82 -26.90 40.19
C GLN C 65 -24.06 -25.72 40.82
N LEU C 66 -24.43 -25.32 42.04
CA LEU C 66 -23.79 -24.15 42.73
C LEU C 66 -22.32 -24.45 43.07
N ASP C 67 -21.96 -25.64 43.58
CA ASP C 67 -20.53 -25.92 43.91
C ASP C 67 -19.66 -25.92 42.65
N ALA C 68 -20.19 -26.44 41.54
CA ALA C 68 -19.49 -26.51 40.23
C ALA C 68 -19.34 -25.08 39.68
N TYR C 69 -20.36 -24.23 39.84
CA TYR C 69 -20.37 -22.83 39.30
C TYR C 69 -19.30 -22.04 40.07
N LEU C 70 -19.28 -22.16 41.40
CA LEU C 70 -18.26 -21.48 42.24
C LEU C 70 -16.87 -21.90 41.82
N LYS C 71 -16.65 -23.21 41.62
CA LYS C 71 -15.33 -23.72 41.19
C LYS C 71 -14.96 -23.12 39.83
N LYS C 72 -15.89 -23.12 38.88
CA LYS C 72 -15.70 -22.54 37.52
C LYS C 72 -15.23 -21.08 37.65
N LEU C 73 -16.01 -20.23 38.35
CA LEU C 73 -15.75 -18.76 38.51
C LEU C 73 -14.43 -18.50 39.24
N GLN C 74 -14.11 -19.32 40.27
CA GLN C 74 -12.82 -19.21 41.04
C GLN C 74 -11.60 -19.46 40.15
N GLY C 75 -11.74 -20.22 39.07
CA GLY C 75 -10.69 -20.48 38.07
C GLY C 75 -10.61 -19.39 36.98
N GLN C 76 -11.54 -18.43 36.91
CA GLN C 76 -11.63 -17.39 35.83
C GLN C 76 -11.33 -15.98 36.38
N ARG C 77 -10.56 -15.84 37.47
CA ARG C 77 -10.28 -14.52 38.13
C ARG C 77 -9.00 -13.83 37.62
N ASP C 78 -8.01 -14.58 37.16
CA ASP C 78 -6.68 -13.98 36.92
C ASP C 78 -6.70 -13.25 35.58
N LEU C 79 -5.80 -12.27 35.38
CA LEU C 79 -5.70 -11.51 34.11
C LEU C 79 -4.50 -12.01 33.28
N PRO C 80 -4.66 -12.14 31.95
CA PRO C 80 -3.55 -12.40 31.04
C PRO C 80 -2.48 -11.30 31.18
N GLN C 81 -1.22 -11.69 31.02
CA GLN C 81 -0.08 -10.75 31.13
C GLN C 81 -0.28 -9.56 30.16
N ALA C 82 -0.76 -9.77 28.93
CA ALA C 82 -0.98 -8.65 27.97
C ALA C 82 -2.00 -7.66 28.55
N LEU C 83 -3.05 -8.14 29.25
CA LEU C 83 -4.07 -7.22 29.85
C LEU C 83 -3.46 -6.45 31.03
N LYS C 84 -2.64 -7.08 31.88
CA LYS C 84 -1.98 -6.37 33.00
C LYS C 84 -1.12 -5.24 32.41
N GLU C 85 -0.42 -5.51 31.33
CA GLU C 85 0.51 -4.52 30.74
C GLU C 85 -0.30 -3.35 30.13
N VAL C 86 -1.44 -3.63 29.49
CA VAL C 86 -2.32 -2.53 28.99
C VAL C 86 -2.79 -1.64 30.15
N LEU C 87 -3.34 -2.21 31.23
CA LEU C 87 -3.88 -1.45 32.37
C LEU C 87 -2.77 -0.56 32.98
N GLU C 88 -1.50 -1.00 32.97
CA GLU C 88 -0.35 -0.19 33.48
C GLU C 88 -0.17 1.08 32.63
N ARG C 89 -0.72 1.14 31.42
CA ARG C 89 -0.52 2.32 30.53
C ARG C 89 -1.70 3.31 30.62
N ILE C 90 -2.76 3.00 31.39
CA ILE C 90 -3.91 3.90 31.60
C ILE C 90 -3.55 4.87 32.74
N PRO C 91 -3.53 6.21 32.53
CA PRO C 91 -3.10 7.15 33.56
C PRO C 91 -3.82 7.04 34.90
N LYS C 92 -3.10 7.39 35.97
CA LYS C 92 -3.61 7.41 37.36
C LYS C 92 -4.91 8.23 37.45
N ASP C 93 -5.00 9.34 36.72
CA ASP C 93 -6.11 10.30 36.82
C ASP C 93 -7.21 9.97 35.78
N ALA C 94 -7.19 8.80 35.13
CA ALA C 94 -8.29 8.35 34.23
C ALA C 94 -9.59 8.17 35.02
N HIS C 95 -10.73 8.32 34.35
CA HIS C 95 -12.06 7.96 34.90
C HIS C 95 -12.07 6.45 35.10
N PRO C 96 -12.36 5.93 36.32
CA PRO C 96 -12.36 4.48 36.52
C PRO C 96 -13.35 3.73 35.61
N MET C 97 -14.43 4.38 35.16
CA MET C 97 -15.37 3.69 34.21
C MET C 97 -14.66 3.44 32.87
N ASP C 98 -13.70 4.26 32.48
CA ASP C 98 -12.94 4.11 31.23
C ASP C 98 -11.98 2.92 31.37
N VAL C 99 -11.59 2.59 32.60
CA VAL C 99 -10.70 1.44 32.94
C VAL C 99 -11.54 0.17 32.74
N MET C 100 -12.76 0.16 33.25
CA MET C 100 -13.68 -1.02 33.09
C MET C 100 -13.97 -1.18 31.58
N ARG C 101 -14.30 -0.09 30.88
CA ARG C 101 -14.56 -0.11 29.40
C ARG C 101 -13.34 -0.70 28.64
N THR C 102 -12.14 -0.21 28.90
CA THR C 102 -10.91 -0.63 28.23
C THR C 102 -10.63 -2.11 28.56
N GLY C 103 -10.83 -2.54 29.81
CA GLY C 103 -10.57 -3.93 30.21
C GLY C 103 -11.48 -4.94 29.50
N ALA C 104 -12.78 -4.64 29.40
CA ALA C 104 -13.72 -5.46 28.59
C ALA C 104 -13.27 -5.50 27.12
N SER C 105 -12.95 -4.35 26.52
CA SER C 105 -12.57 -4.31 25.08
C SER C 105 -11.32 -5.17 24.86
N VAL C 106 -10.30 -5.05 25.72
CA VAL C 106 -9.01 -5.78 25.54
C VAL C 106 -9.24 -7.28 25.77
N LEU C 107 -10.00 -7.65 26.80
CA LEU C 107 -10.21 -9.09 27.09
C LEU C 107 -10.79 -9.76 25.85
N GLY C 108 -11.67 -9.09 25.08
CA GLY C 108 -12.27 -9.67 23.88
C GLY C 108 -11.27 -9.96 22.76
N THR C 109 -10.17 -9.21 22.69
CA THR C 109 -9.10 -9.47 21.70
C THR C 109 -8.27 -10.70 22.12
N LEU C 110 -8.28 -11.07 23.41
CA LEU C 110 -7.40 -12.16 23.95
C LEU C 110 -8.18 -13.46 24.02
N GLU C 111 -9.46 -13.38 24.39
CA GLU C 111 -10.33 -14.57 24.59
C GLU C 111 -11.66 -14.34 23.87
N PRO C 112 -11.66 -14.33 22.53
CA PRO C 112 -12.85 -14.00 21.79
C PRO C 112 -14.06 -14.96 21.85
N GLU C 113 -15.26 -14.41 21.69
CA GLU C 113 -16.51 -15.20 21.60
C GLU C 113 -16.57 -15.68 20.15
N LEU C 114 -16.12 -16.91 19.91
CA LEU C 114 -16.03 -17.42 18.52
C LEU C 114 -17.41 -17.84 18.03
N SER C 115 -18.32 -18.17 18.94
CA SER C 115 -19.71 -18.51 18.56
C SER C 115 -20.65 -18.17 19.72
N PHE C 116 -21.93 -17.95 19.42
CA PHE C 116 -22.95 -17.67 20.46
C PHE C 116 -23.02 -18.85 21.45
N ASP C 117 -22.67 -20.05 21.00
CA ASP C 117 -22.61 -21.23 21.90
C ASP C 117 -21.72 -20.94 23.12
N GLN C 118 -20.75 -20.05 22.96
CA GLN C 118 -19.80 -19.66 24.04
C GLN C 118 -20.39 -18.55 24.95
N GLN C 119 -21.61 -18.04 24.70
CA GLN C 119 -22.06 -16.74 25.31
C GLN C 119 -22.08 -16.80 26.87
N ARG C 120 -22.56 -17.89 27.50
CA ARG C 120 -22.60 -17.95 28.99
C ARG C 120 -21.21 -18.05 29.57
N ASP C 121 -20.26 -18.73 28.90
CA ASP C 121 -18.86 -18.82 29.39
C ASP C 121 -18.22 -17.42 29.37
N VAL C 122 -18.49 -16.63 28.34
CA VAL C 122 -17.93 -15.25 28.25
C VAL C 122 -18.53 -14.39 29.39
N ALA C 123 -19.84 -14.48 29.64
CA ALA C 123 -20.50 -13.70 30.71
C ALA C 123 -19.90 -14.08 32.08
N ASP C 124 -19.68 -15.38 32.33
CA ASP C 124 -19.03 -15.87 33.56
C ASP C 124 -17.61 -15.32 33.69
N ARG C 125 -16.84 -15.29 32.59
CA ARG C 125 -15.44 -14.78 32.62
C ARG C 125 -15.45 -13.28 32.99
N LEU C 126 -16.38 -12.49 32.45
CA LEU C 126 -16.41 -11.04 32.79
C LEU C 126 -16.79 -10.87 34.28
N LEU C 127 -17.77 -11.62 34.78
CA LEU C 127 -18.20 -11.52 36.20
C LEU C 127 -17.02 -11.84 37.11
N ALA C 128 -16.22 -12.85 36.76
CA ALA C 128 -15.05 -13.26 37.58
C ALA C 128 -13.87 -12.29 37.45
N ALA C 129 -13.59 -11.73 36.26
CA ALA C 129 -12.36 -10.92 36.00
C ALA C 129 -12.54 -9.42 36.35
N PHE C 130 -13.76 -8.87 36.31
CA PHE C 130 -13.98 -7.39 36.46
C PHE C 130 -13.43 -6.90 37.81
N PRO C 131 -13.57 -7.64 38.95
CA PRO C 131 -12.92 -7.18 40.18
C PRO C 131 -11.40 -6.94 40.07
N ALA C 132 -10.67 -7.84 39.40
CA ALA C 132 -9.22 -7.73 39.17
C ALA C 132 -8.90 -6.59 38.19
N ILE C 133 -9.68 -6.46 37.11
CA ILE C 133 -9.46 -5.32 36.17
C ILE C 133 -9.41 -4.01 37.00
N MET C 134 -10.40 -3.79 37.84
CA MET C 134 -10.57 -2.51 38.59
C MET C 134 -9.43 -2.36 39.60
N THR C 135 -9.17 -3.39 40.39
CA THR C 135 -8.19 -3.28 41.51
C THR C 135 -6.74 -3.33 41.01
N TYR C 136 -6.39 -4.11 39.96
CA TYR C 136 -5.00 -4.22 39.45
C TYR C 136 -4.61 -2.84 38.96
N TRP C 137 -5.49 -2.21 38.17
CA TRP C 137 -5.25 -0.80 37.72
C TRP C 137 -5.13 0.15 38.92
N TYR C 138 -6.09 0.13 39.82
CA TYR C 138 -6.16 1.11 40.92
C TYR C 138 -4.88 1.00 41.78
N ARG C 139 -4.52 -0.21 42.21
CA ARG C 139 -3.39 -0.37 43.15
C ARG C 139 -2.06 -0.13 42.45
N PHE C 140 -1.96 -0.43 41.15
CA PHE C 140 -0.73 -0.09 40.38
C PHE C 140 -0.52 1.42 40.34
N THR C 141 -1.56 2.20 39.98
CA THR C 141 -1.41 3.63 39.65
C THR C 141 -1.40 4.45 40.95
N HIS C 142 -2.11 4.00 41.99
CA HIS C 142 -2.30 4.74 43.26
C HIS C 142 -1.36 4.25 44.37
N GLU C 143 -0.82 3.03 44.28
CA GLU C 143 0.09 2.49 45.35
C GLU C 143 1.40 1.96 44.77
N GLY C 144 1.60 1.95 43.46
CA GLY C 144 2.81 1.42 42.82
C GLY C 144 3.02 -0.07 43.06
N GLN C 145 1.98 -0.85 43.35
CA GLN C 145 2.07 -2.32 43.54
C GLN C 145 1.51 -3.04 42.32
N ARG C 146 2.16 -4.11 41.87
CA ARG C 146 1.57 -5.11 40.94
C ARG C 146 0.96 -6.24 41.78
N ILE C 147 -0.36 -6.35 41.86
CA ILE C 147 -1.03 -7.29 42.80
C ILE C 147 -1.28 -8.65 42.12
N ASP C 148 -1.36 -9.71 42.95
CA ASP C 148 -1.83 -11.04 42.56
C ASP C 148 -3.34 -10.90 42.39
N CYS C 149 -3.90 -11.42 41.30
CA CYS C 149 -5.33 -11.20 40.97
C CYS C 149 -6.20 -12.31 41.54
N ASN C 150 -5.58 -13.28 42.23
CA ASN C 150 -6.30 -14.39 42.89
C ASN C 150 -6.35 -14.10 44.40
N SER C 151 -7.36 -14.64 45.09
CA SER C 151 -7.49 -14.57 46.56
C SER C 151 -8.04 -15.90 47.10
N ASP C 152 -8.16 -16.01 48.43
CA ASP C 152 -8.75 -17.18 49.13
C ASP C 152 -10.27 -17.08 49.26
N GLU C 153 -10.87 -15.93 48.93
CA GLU C 153 -12.32 -15.72 49.15
C GLU C 153 -13.13 -16.56 48.17
N PRO C 154 -14.08 -17.37 48.68
CA PRO C 154 -14.92 -18.14 47.77
C PRO C 154 -15.89 -17.34 46.88
N THR C 155 -16.34 -16.15 47.29
CA THR C 155 -17.41 -15.39 46.57
C THR C 155 -16.82 -14.13 45.91
N ILE C 156 -17.40 -13.73 44.77
CA ILE C 156 -16.99 -12.48 44.05
C ILE C 156 -17.00 -11.32 45.07
N GLY C 157 -18.06 -11.20 45.87
CA GLY C 157 -18.17 -10.11 46.88
C GLY C 157 -16.95 -10.03 47.79
N GLY C 158 -16.55 -11.15 48.40
CA GLY C 158 -15.34 -11.17 49.26
C GLY C 158 -14.05 -10.98 48.48
N HIS C 159 -13.88 -11.66 47.33
CA HIS C 159 -12.69 -11.54 46.45
C HIS C 159 -12.39 -10.06 46.15
N PHE C 160 -13.42 -9.26 45.84
CA PHE C 160 -13.23 -7.82 45.50
C PHE C 160 -12.55 -7.08 46.67
N LEU C 161 -13.04 -7.27 47.89
CA LEU C 161 -12.50 -6.57 49.08
C LEU C 161 -11.09 -7.08 49.40
N ALA C 162 -10.83 -8.37 49.20
CA ALA C 162 -9.47 -8.96 49.36
C ALA C 162 -8.46 -8.30 48.42
N LEU C 163 -8.83 -8.19 47.14
CA LEU C 163 -7.95 -7.50 46.15
C LEU C 163 -7.83 -6.02 46.52
N LEU C 164 -8.91 -5.34 46.93
CA LEU C 164 -8.84 -3.84 47.10
C LEU C 164 -7.91 -3.50 48.27
N HIS C 165 -8.04 -4.22 49.40
CA HIS C 165 -7.32 -3.87 50.65
C HIS C 165 -6.13 -4.80 50.90
N GLY C 166 -6.07 -5.97 50.22
CA GLY C 166 -4.92 -6.88 50.34
C GLY C 166 -4.89 -7.56 51.70
N LYS C 167 -6.05 -7.76 52.30
CA LYS C 167 -6.22 -8.48 53.58
C LYS C 167 -7.58 -9.17 53.59
N LYS C 168 -7.70 -10.21 54.41
CA LYS C 168 -8.97 -10.94 54.65
C LYS C 168 -10.02 -9.92 55.09
N PRO C 169 -11.20 -9.88 54.42
CA PRO C 169 -12.30 -9.05 54.90
C PRO C 169 -13.13 -9.77 55.98
N SER C 170 -13.75 -8.97 56.85
CA SER C 170 -14.70 -9.42 57.90
C SER C 170 -15.89 -10.12 57.23
N GLU C 171 -16.48 -11.11 57.91
CA GLU C 171 -17.67 -11.84 57.42
C GLU C 171 -18.81 -10.83 57.14
N LEU C 172 -18.93 -9.78 57.95
CA LEU C 172 -20.04 -8.79 57.80
C LEU C 172 -19.86 -8.05 56.46
N HIS C 173 -18.63 -7.65 56.16
CA HIS C 173 -18.29 -6.93 54.91
C HIS C 173 -18.57 -7.84 53.70
N VAL C 174 -18.27 -9.13 53.83
CA VAL C 174 -18.49 -10.08 52.71
C VAL C 174 -19.99 -10.18 52.47
N LYS C 175 -20.80 -10.26 53.53
CA LYS C 175 -22.27 -10.37 53.41
C LYS C 175 -22.79 -9.12 52.70
N VAL C 176 -22.36 -7.93 53.10
CA VAL C 176 -22.93 -6.67 52.54
C VAL C 176 -22.52 -6.52 51.07
N MET C 177 -21.29 -6.90 50.71
CA MET C 177 -20.88 -6.93 49.27
C MET C 177 -21.79 -7.88 48.47
N ASN C 178 -22.11 -9.08 48.99
CA ASN C 178 -23.08 -10.03 48.38
C ASN C 178 -24.46 -9.39 48.27
N VAL C 179 -24.96 -8.73 49.32
CA VAL C 179 -26.28 -8.02 49.29
C VAL C 179 -26.30 -6.98 48.15
N SER C 180 -25.29 -6.13 48.06
CA SER C 180 -25.20 -5.00 47.08
C SER C 180 -25.17 -5.53 45.63
N LEU C 181 -24.35 -6.54 45.36
CA LEU C 181 -24.26 -7.16 44.00
C LEU C 181 -25.61 -7.74 43.60
N ILE C 182 -26.32 -8.40 44.52
CA ILE C 182 -27.71 -8.87 44.25
C ILE C 182 -28.69 -7.69 43.99
N LEU C 183 -28.75 -6.69 44.85
CA LEU C 183 -29.73 -5.55 44.72
C LEU C 183 -29.58 -4.81 43.36
N TYR C 184 -28.35 -4.74 42.84
CA TYR C 184 -28.01 -3.97 41.62
C TYR C 184 -27.97 -4.86 40.37
N ALA C 185 -28.20 -6.17 40.49
CA ALA C 185 -28.00 -7.10 39.36
C ALA C 185 -28.79 -6.76 38.09
N GLU C 186 -30.06 -6.39 38.23
CA GLU C 186 -30.93 -6.23 37.05
C GLU C 186 -32.04 -5.20 37.31
N HIS C 187 -32.44 -4.46 36.28
CA HIS C 187 -33.56 -3.50 36.47
C HIS C 187 -34.26 -3.17 35.15
N GLU C 188 -34.89 -4.16 34.52
CA GLU C 188 -35.66 -4.06 33.24
C GLU C 188 -34.98 -3.32 32.08
N PHE C 189 -35.69 -2.36 31.50
CA PHE C 189 -35.07 -1.54 30.44
C PHE C 189 -34.61 -0.25 31.10
N ASN C 190 -33.48 0.26 30.63
CA ASN C 190 -32.79 1.52 31.03
C ASN C 190 -31.74 1.85 29.95
N ALA C 191 -31.04 2.97 30.06
CA ALA C 191 -30.14 3.35 28.94
C ALA C 191 -29.04 2.31 28.68
N SER C 192 -28.42 1.78 29.74
CA SER C 192 -27.30 0.82 29.58
C SER C 192 -27.79 -0.53 29.05
N THR C 193 -28.91 -1.03 29.59
CA THR C 193 -29.47 -2.30 29.07
C THR C 193 -29.91 -2.16 27.61
N PHE C 194 -30.55 -1.04 27.27
CA PHE C 194 -31.02 -0.79 25.89
C PHE C 194 -29.81 -0.70 24.93
N THR C 195 -28.72 -0.08 25.38
CA THR C 195 -27.50 0.05 24.53
C THR C 195 -26.99 -1.37 24.20
N ALA C 196 -27.02 -2.24 25.21
CA ALA C 196 -26.56 -3.63 25.03
C ALA C 196 -27.45 -4.36 24.01
N ARG C 197 -28.76 -4.13 24.07
CA ARG C 197 -29.70 -4.79 23.15
C ARG C 197 -29.56 -4.20 21.73
N VAL C 198 -29.39 -2.90 21.59
CA VAL C 198 -29.21 -2.37 20.21
C VAL C 198 -27.97 -3.02 19.60
N CYS C 199 -26.85 -3.09 20.32
CA CYS C 199 -25.61 -3.71 19.79
C CYS C 199 -25.85 -5.20 19.48
N ALA C 200 -26.52 -5.91 20.41
CA ALA C 200 -26.85 -7.35 20.23
C ALA C 200 -27.67 -7.59 18.94
N SER C 201 -28.56 -6.65 18.60
CA SER C 201 -29.49 -6.76 17.44
C SER C 201 -28.79 -6.82 16.08
N THR C 202 -27.54 -6.36 15.99
CA THR C 202 -26.80 -6.42 14.71
C THR C 202 -26.03 -7.76 14.59
N LEU C 203 -26.15 -8.62 15.61
CA LEU C 203 -25.45 -9.90 15.78
C LEU C 203 -23.96 -9.70 16.06
N SER C 204 -23.63 -8.55 16.67
CA SER C 204 -22.28 -8.28 17.21
C SER C 204 -21.94 -9.16 18.46
N ASP C 205 -20.68 -9.14 18.88
CA ASP C 205 -20.12 -10.02 19.94
C ASP C 205 -20.51 -9.53 21.35
N LEU C 206 -20.41 -10.41 22.33
CA LEU C 206 -20.87 -10.06 23.69
C LEU C 206 -19.97 -8.98 24.33
N TYR C 207 -18.67 -8.98 24.04
CA TYR C 207 -17.79 -7.96 24.63
C TYR C 207 -18.19 -6.58 24.10
N SER C 208 -18.57 -6.45 22.82
CA SER C 208 -19.05 -5.16 22.23
C SER C 208 -20.30 -4.66 22.98
N CYS C 209 -21.26 -5.55 23.24
CA CYS C 209 -22.51 -5.22 23.97
C CYS C 209 -22.17 -4.67 25.37
N VAL C 210 -21.25 -5.30 26.11
CA VAL C 210 -20.84 -4.86 27.49
C VAL C 210 -20.06 -3.52 27.47
N THR C 211 -19.09 -3.40 26.55
CA THR C 211 -18.28 -2.18 26.34
C THR C 211 -19.25 -1.01 26.09
N GLY C 212 -20.24 -1.18 25.21
CA GLY C 212 -21.24 -0.14 24.91
C GLY C 212 -22.06 0.27 26.11
N ALA C 213 -22.52 -0.72 26.89
CA ALA C 213 -23.32 -0.51 28.10
C ALA C 213 -22.54 0.32 29.13
N ILE C 214 -21.27 -0.01 29.34
CA ILE C 214 -20.40 0.73 30.30
C ILE C 214 -20.31 2.20 29.87
N GLY C 215 -20.11 2.47 28.57
CA GLY C 215 -20.05 3.87 28.07
C GLY C 215 -21.31 4.64 28.40
N SER C 216 -22.48 4.02 28.26
CA SER C 216 -23.78 4.70 28.51
C SER C 216 -23.95 4.90 30.02
N LEU C 217 -23.50 3.95 30.84
CA LEU C 217 -23.56 4.07 32.33
C LEU C 217 -22.57 5.15 32.87
N ARG C 218 -21.52 5.49 32.14
CA ARG C 218 -20.55 6.55 32.55
C ARG C 218 -21.28 7.91 32.59
N GLY C 219 -22.34 8.10 31.81
CA GLY C 219 -22.97 9.45 31.75
C GLY C 219 -23.71 9.77 33.03
N PRO C 220 -23.60 11.01 33.54
CA PRO C 220 -24.19 11.38 34.82
C PRO C 220 -25.72 11.46 34.92
N LEU C 221 -26.47 11.37 33.81
CA LEU C 221 -27.95 11.21 33.89
C LEU C 221 -28.33 9.74 34.07
N HIS C 222 -27.36 8.83 34.12
CA HIS C 222 -27.65 7.38 34.31
C HIS C 222 -26.79 6.82 35.45
N GLY C 223 -25.47 6.93 35.39
CA GLY C 223 -24.58 6.40 36.47
C GLY C 223 -24.19 7.49 37.46
N GLY C 224 -23.54 7.15 38.57
CA GLY C 224 -22.95 8.11 39.53
C GLY C 224 -23.87 8.49 40.68
N ALA C 225 -25.11 8.02 40.75
CA ALA C 225 -26.06 8.50 41.76
C ALA C 225 -25.52 8.20 43.17
N ASN C 226 -24.89 7.06 43.41
CA ASN C 226 -24.47 6.77 44.81
C ASN C 226 -23.17 7.54 45.10
N GLU C 227 -22.39 7.91 44.09
CA GLU C 227 -21.26 8.87 44.25
C GLU C 227 -21.79 10.27 44.63
N ALA C 228 -22.85 10.73 43.99
CA ALA C 228 -23.45 12.06 44.32
C ALA C 228 -24.04 12.06 45.75
N ALA C 229 -24.68 10.97 46.17
CA ALA C 229 -25.20 10.83 47.56
C ALA C 229 -24.04 10.93 48.56
N MET C 230 -22.90 10.29 48.27
CA MET C 230 -21.69 10.38 49.14
C MET C 230 -21.21 11.85 49.23
N GLU C 231 -21.16 12.57 48.11
CA GLU C 231 -20.74 14.01 48.11
C GLU C 231 -21.70 14.89 48.91
N LEU C 232 -22.98 14.55 48.98
CA LEU C 232 -23.96 15.31 49.80
C LEU C 232 -23.66 15.03 51.28
N ILE C 233 -23.81 13.77 51.69
CA ILE C 233 -23.72 13.38 53.12
C ILE C 233 -22.36 13.70 53.72
N GLU C 234 -21.29 13.78 52.94
CA GLU C 234 -19.94 14.05 53.51
C GLU C 234 -19.72 15.55 53.84
N ARG C 235 -20.65 16.43 53.49
CA ARG C 235 -20.47 17.88 53.75
C ARG C 235 -20.82 18.25 55.20
N PHE C 236 -21.48 17.38 55.96
CA PHE C 236 -22.02 17.79 57.27
C PHE C 236 -21.39 17.11 58.49
N SER C 237 -21.23 17.90 59.57
CA SER C 237 -20.64 17.46 60.87
C SER C 237 -21.67 16.93 61.85
N SER C 238 -22.96 17.14 61.61
CA SER C 238 -23.96 16.63 62.57
C SER C 238 -25.30 16.50 61.90
N PRO C 239 -26.26 15.73 62.43
CA PRO C 239 -27.59 15.69 61.85
C PRO C 239 -28.29 17.06 61.85
N GLN C 240 -28.02 17.91 62.84
CA GLN C 240 -28.60 19.26 62.93
C GLN C 240 -28.13 20.14 61.76
N GLU C 241 -26.84 20.11 61.45
CA GLU C 241 -26.30 20.93 60.34
C GLU C 241 -26.88 20.43 59.01
N ALA C 242 -27.00 19.12 58.88
CA ALA C 242 -27.54 18.53 57.63
C ALA C 242 -29.02 18.94 57.49
N THR C 243 -29.78 18.90 58.57
CA THR C 243 -31.21 19.31 58.52
C THR C 243 -31.28 20.78 58.06
N ALA C 244 -30.46 21.67 58.63
CA ALA C 244 -30.57 23.13 58.40
C ALA C 244 -30.20 23.44 56.95
N GLU C 245 -29.21 22.73 56.40
CA GLU C 245 -28.77 23.01 55.01
C GLU C 245 -29.78 22.41 54.04
N LEU C 246 -30.33 21.24 54.34
CA LEU C 246 -31.32 20.58 53.45
C LEU C 246 -32.56 21.47 53.31
N LEU C 247 -33.06 22.02 54.43
CA LEU C 247 -34.27 22.87 54.39
C LEU C 247 -34.01 24.10 53.51
N LYS C 248 -32.79 24.63 53.51
CA LYS C 248 -32.41 25.71 52.57
C LYS C 248 -32.37 25.18 51.12
N MET C 249 -31.76 24.03 50.87
CA MET C 249 -31.76 23.42 49.50
C MET C 249 -33.19 23.17 49.03
N LEU C 250 -34.10 22.69 49.89
CA LEU C 250 -35.50 22.38 49.45
C LEU C 250 -36.21 23.68 49.08
N GLU C 251 -35.95 24.78 49.80
CA GLU C 251 -36.60 26.07 49.46
C GLU C 251 -36.12 26.54 48.09
N ARG C 252 -34.82 26.39 47.79
CA ARG C 252 -34.21 26.78 46.49
C ARG C 252 -34.57 25.76 45.41
N LYS C 253 -35.27 24.68 45.75
CA LYS C 253 -35.67 23.60 44.80
C LYS C 253 -34.43 22.94 44.15
N ASP C 254 -33.30 22.83 44.87
CA ASP C 254 -32.11 22.03 44.45
C ASP C 254 -32.50 20.56 44.27
N LYS C 255 -31.87 19.85 43.33
CA LYS C 255 -31.96 18.36 43.21
C LYS C 255 -31.30 17.74 44.45
N ILE C 256 -31.99 16.82 45.14
CA ILE C 256 -31.47 16.04 46.32
C ILE C 256 -31.18 14.62 45.81
N MET C 257 -29.91 14.31 45.62
CA MET C 257 -29.47 13.03 45.02
C MET C 257 -29.77 11.89 46.00
N GLY C 258 -30.39 10.83 45.49
CA GLY C 258 -30.80 9.61 46.20
C GLY C 258 -32.28 9.55 46.54
N PHE C 259 -33.13 10.48 46.05
CA PHE C 259 -34.57 10.53 46.44
C PHE C 259 -35.53 10.41 45.25
N GLY C 260 -36.56 9.58 45.41
CA GLY C 260 -37.66 9.38 44.46
C GLY C 260 -37.31 8.30 43.46
N HIS C 261 -38.22 8.01 42.53
CA HIS C 261 -38.00 7.02 41.45
C HIS C 261 -39.01 7.29 40.34
N ALA C 262 -38.70 6.94 39.09
CA ALA C 262 -39.65 7.11 37.96
C ALA C 262 -40.80 6.11 38.11
N ILE C 263 -40.57 4.95 38.74
CA ILE C 263 -41.58 3.84 38.75
C ILE C 263 -42.04 3.51 40.18
N TYR C 264 -41.19 3.46 41.21
CA TYR C 264 -41.63 2.98 42.55
C TYR C 264 -42.61 3.99 43.18
N LYS C 265 -43.76 3.49 43.61
CA LYS C 265 -44.90 4.33 44.09
C LYS C 265 -44.61 4.74 45.55
N ASP C 266 -44.59 3.77 46.48
CA ASP C 266 -44.54 4.03 47.95
C ASP C 266 -43.11 3.85 48.50
N SER C 267 -42.26 2.98 47.90
CA SER C 267 -40.83 2.82 48.27
C SER C 267 -40.05 1.98 47.23
N ASP C 268 -38.74 2.09 47.28
CA ASP C 268 -37.80 1.25 46.48
C ASP C 268 -37.44 0.08 47.39
N PRO C 269 -37.85 -1.16 47.03
CA PRO C 269 -37.59 -2.31 47.90
C PRO C 269 -36.09 -2.48 48.20
N ARG C 270 -35.19 -2.01 47.33
CA ARG C 270 -33.72 -2.12 47.53
C ARG C 270 -33.29 -1.23 48.70
N ASN C 271 -33.90 -0.06 48.93
CA ASN C 271 -33.53 0.88 50.04
C ASN C 271 -33.65 0.22 51.42
N GLU C 272 -34.80 -0.38 51.68
CA GLU C 272 -35.14 -1.02 52.98
C GLU C 272 -34.12 -2.10 53.31
N VAL C 273 -33.68 -2.84 52.28
CA VAL C 273 -32.66 -3.92 52.47
C VAL C 273 -31.34 -3.24 52.85
N ILE C 274 -30.81 -2.33 52.01
CA ILE C 274 -29.44 -1.79 52.22
C ILE C 274 -29.40 -0.85 53.44
N LYS C 275 -30.51 -0.20 53.81
CA LYS C 275 -30.53 0.71 55.01
C LYS C 275 -30.12 -0.11 56.26
N GLY C 276 -30.81 -1.23 56.49
CA GLY C 276 -30.54 -2.18 57.59
C GLY C 276 -29.07 -2.56 57.62
N TRP C 277 -28.52 -3.00 56.47
CA TRP C 277 -27.12 -3.47 56.42
C TRP C 277 -26.17 -2.28 56.64
N SER C 278 -26.50 -1.07 56.16
CA SER C 278 -25.67 0.14 56.44
C SER C 278 -25.65 0.38 57.97
N LYS C 279 -26.78 0.21 58.64
CA LYS C 279 -26.83 0.46 60.12
C LYS C 279 -25.86 -0.52 60.80
N GLN C 280 -26.04 -1.82 60.49
CA GLN C 280 -25.21 -2.91 61.08
C GLN C 280 -23.74 -2.55 60.84
N LEU C 281 -23.36 -1.99 59.67
CA LEU C 281 -21.94 -1.60 59.37
C LEU C 281 -21.53 -0.39 60.20
N ALA C 282 -22.42 0.59 60.37
CA ALA C 282 -22.13 1.82 61.18
C ALA C 282 -21.72 1.40 62.62
N ASP C 283 -22.47 0.50 63.23
CA ASP C 283 -22.16 -0.10 64.56
C ASP C 283 -20.76 -0.71 64.54
N GLU C 284 -20.53 -1.70 63.66
CA GLU C 284 -19.25 -2.46 63.52
C GLU C 284 -18.07 -1.50 63.49
N VAL C 285 -18.12 -0.41 62.73
CA VAL C 285 -16.95 0.51 62.52
C VAL C 285 -16.99 1.67 63.52
N GLY C 286 -17.98 1.70 64.43
CA GLY C 286 -18.10 2.75 65.46
C GLY C 286 -18.27 4.14 64.84
N ASP C 287 -18.93 4.25 63.68
CA ASP C 287 -19.33 5.56 63.10
C ASP C 287 -20.35 6.21 64.05
N LYS C 288 -20.37 7.50 64.30
CA LYS C 288 -21.41 8.22 65.07
C LYS C 288 -21.90 9.43 64.25
N VAL C 289 -21.51 9.56 62.99
CA VAL C 289 -21.89 10.76 62.18
C VAL C 289 -22.59 10.45 60.83
N LEU C 290 -21.99 9.61 59.99
CA LEU C 290 -22.50 9.39 58.61
C LEU C 290 -23.88 8.76 58.62
N PHE C 291 -24.08 7.70 59.36
CA PHE C 291 -25.42 7.07 59.41
C PHE C 291 -26.44 8.10 59.94
N ALA C 292 -26.10 8.88 60.97
CA ALA C 292 -27.05 9.79 61.66
C ALA C 292 -27.40 10.98 60.74
N VAL C 293 -26.42 11.51 60.03
CA VAL C 293 -26.62 12.49 58.90
C VAL C 293 -27.54 11.91 57.83
N SER C 294 -27.28 10.69 57.36
CA SER C 294 -28.10 10.01 56.33
C SER C 294 -29.56 9.92 56.82
N GLU C 295 -29.79 9.46 58.04
CA GLU C 295 -31.14 9.26 58.63
C GLU C 295 -31.90 10.59 58.78
N ALA C 296 -31.21 11.66 59.17
CA ALA C 296 -31.78 13.04 59.29
C ALA C 296 -32.24 13.52 57.91
N ILE C 297 -31.42 13.36 56.87
CA ILE C 297 -31.82 13.72 55.47
C ILE C 297 -33.06 12.91 55.09
N ASP C 298 -33.07 11.59 55.33
CA ASP C 298 -34.18 10.66 55.04
C ASP C 298 -35.48 11.17 55.69
N LYS C 299 -35.43 11.46 56.99
CA LYS C 299 -36.63 11.85 57.79
C LYS C 299 -37.15 13.22 57.32
N THR C 300 -36.23 14.15 57.02
CA THR C 300 -36.60 15.50 56.53
C THR C 300 -37.25 15.42 55.15
N MET C 301 -36.69 14.60 54.25
CA MET C 301 -37.28 14.40 52.90
C MET C 301 -38.71 13.83 53.03
N TRP C 302 -38.97 12.91 53.97
CA TRP C 302 -40.31 12.33 54.21
C TRP C 302 -41.27 13.40 54.75
N GLU C 303 -40.85 14.13 55.79
CA GLU C 303 -41.67 15.20 56.44
C GLU C 303 -42.01 16.31 55.45
N GLN C 304 -41.03 16.79 54.70
CA GLN C 304 -41.18 18.01 53.87
C GLN C 304 -41.81 17.60 52.54
N LYS C 305 -41.42 16.47 51.95
CA LYS C 305 -41.68 16.19 50.51
C LYS C 305 -42.42 14.86 50.26
N LYS C 306 -42.69 14.04 51.29
CA LYS C 306 -43.23 12.65 51.14
C LYS C 306 -42.44 11.88 50.07
N LEU C 307 -41.13 12.09 50.04
CA LEU C 307 -40.17 11.39 49.13
C LEU C 307 -39.38 10.37 49.96
N PHE C 308 -39.35 9.12 49.48
CA PHE C 308 -38.57 7.99 50.07
C PHE C 308 -37.20 7.95 49.42
N PRO C 309 -36.15 7.40 50.08
CA PRO C 309 -34.82 7.26 49.47
C PRO C 309 -34.84 6.09 48.46
N ASN C 310 -34.12 6.18 47.36
CA ASN C 310 -34.04 5.01 46.45
C ASN C 310 -32.80 4.18 46.81
N ALA C 311 -32.50 3.17 46.01
CA ALA C 311 -31.39 2.23 46.28
C ALA C 311 -30.06 2.97 46.53
N ASP C 312 -29.80 4.12 45.89
CA ASP C 312 -28.45 4.74 45.92
C ASP C 312 -28.11 5.39 47.29
N PHE C 313 -29.11 5.79 48.07
CA PHE C 313 -28.89 6.69 49.23
C PHE C 313 -28.04 5.99 50.33
N TYR C 314 -28.49 4.85 50.88
CA TYR C 314 -27.75 4.15 51.97
C TYR C 314 -26.62 3.29 51.42
N HIS C 315 -26.56 3.07 50.09
CA HIS C 315 -25.37 2.43 49.46
C HIS C 315 -24.13 3.31 49.69
N ALA C 316 -24.27 4.66 49.67
CA ALA C 316 -23.10 5.57 49.79
C ALA C 316 -22.40 5.31 51.13
N SER C 317 -23.16 5.31 52.24
CA SER C 317 -22.58 5.07 53.60
C SER C 317 -22.04 3.62 53.72
N ALA C 318 -22.77 2.63 53.23
CA ALA C 318 -22.39 1.20 53.28
C ALA C 318 -21.02 1.00 52.62
N TYR C 319 -20.82 1.48 51.39
CA TYR C 319 -19.52 1.34 50.69
C TYR C 319 -18.44 2.10 51.46
N HIS C 320 -18.72 3.31 51.95
CA HIS C 320 -17.69 4.13 52.63
C HIS C 320 -17.21 3.44 53.93
N PHE C 321 -18.13 2.79 54.64
CA PHE C 321 -17.82 2.06 55.91
C PHE C 321 -16.91 0.87 55.60
N MET C 322 -17.03 0.24 54.41
CA MET C 322 -16.19 -0.92 54.00
C MET C 322 -14.85 -0.43 53.40
N GLY C 323 -14.54 0.88 53.51
CA GLY C 323 -13.27 1.53 53.06
C GLY C 323 -13.11 1.70 51.54
N ILE C 324 -14.19 1.71 50.78
CA ILE C 324 -14.13 1.83 49.28
C ILE C 324 -14.04 3.29 48.87
N PRO C 325 -13.03 3.72 48.07
CA PRO C 325 -12.98 5.07 47.50
C PRO C 325 -14.24 5.41 46.69
N THR C 326 -14.74 6.65 46.80
CA THR C 326 -16.01 7.08 46.13
C THR C 326 -15.97 6.81 44.61
N LYS C 327 -14.85 7.02 43.95
CA LYS C 327 -14.71 6.91 42.47
C LYS C 327 -14.75 5.45 41.99
N LEU C 328 -14.82 4.44 42.91
CA LEU C 328 -15.01 3.00 42.54
C LEU C 328 -16.47 2.54 42.73
N PHE C 329 -17.40 3.41 43.16
CA PHE C 329 -18.82 3.03 43.37
C PHE C 329 -19.46 2.56 42.05
N THR C 330 -19.39 3.37 40.99
CA THR C 330 -20.07 3.00 39.73
C THR C 330 -19.35 1.79 39.11
N PRO C 331 -18.01 1.67 39.14
CA PRO C 331 -17.37 0.40 38.74
C PRO C 331 -17.84 -0.87 39.48
N ILE C 332 -18.15 -0.79 40.78
CA ILE C 332 -18.77 -1.95 41.50
C ILE C 332 -20.12 -2.27 40.87
N PHE C 333 -20.94 -1.26 40.53
CA PHE C 333 -22.25 -1.43 39.85
C PHE C 333 -22.00 -2.20 38.55
N VAL C 334 -20.91 -1.92 37.83
CA VAL C 334 -20.59 -2.70 36.58
C VAL C 334 -20.40 -4.19 36.93
N CYS C 335 -19.72 -4.49 38.04
CA CYS C 335 -19.44 -5.88 38.50
C CYS C 335 -20.77 -6.59 38.67
N SER C 336 -21.79 -5.91 39.17
CA SER C 336 -23.13 -6.48 39.47
C SER C 336 -23.98 -6.57 38.19
N ARG C 337 -24.16 -5.46 37.50
CA ARG C 337 -25.18 -5.32 36.42
C ARG C 337 -24.69 -6.02 35.15
N THR C 338 -23.41 -6.38 35.06
CA THR C 338 -22.95 -7.29 33.97
C THR C 338 -23.82 -8.57 33.92
N SER C 339 -24.38 -9.04 35.04
CA SER C 339 -25.28 -10.21 35.05
C SER C 339 -26.58 -9.90 34.27
N GLY C 340 -27.29 -8.80 34.60
CA GLY C 340 -28.49 -8.42 33.88
C GLY C 340 -28.16 -8.08 32.42
N TRP C 341 -27.10 -7.31 32.17
CA TRP C 341 -26.76 -6.91 30.75
C TRP C 341 -26.61 -8.16 29.86
N THR C 342 -25.83 -9.15 30.29
CA THR C 342 -25.52 -10.37 29.49
C THR C 342 -26.80 -11.19 29.33
N ALA C 343 -27.62 -11.33 30.37
CA ALA C 343 -28.91 -12.05 30.24
C ALA C 343 -29.83 -11.40 29.19
N HIS C 344 -29.87 -10.07 29.14
CA HIS C 344 -30.66 -9.31 28.14
C HIS C 344 -30.13 -9.57 26.73
N VAL C 345 -28.82 -9.63 26.57
CA VAL C 345 -28.26 -9.93 25.23
C VAL C 345 -28.72 -11.32 24.77
N PHE C 346 -28.71 -12.28 25.69
CA PHE C 346 -29.16 -13.65 25.34
C PHE C 346 -30.61 -13.62 24.85
N GLU C 347 -31.47 -12.86 25.53
CA GLU C 347 -32.88 -12.77 25.08
C GLU C 347 -32.95 -12.16 23.68
N GLN C 348 -32.23 -11.07 23.44
CA GLN C 348 -32.29 -10.41 22.10
C GLN C 348 -31.86 -11.39 21.00
N ARG C 349 -30.85 -12.19 21.26
CA ARG C 349 -30.23 -13.15 20.30
C ARG C 349 -31.23 -14.29 20.04
N ALA C 350 -31.93 -14.76 21.09
CA ALA C 350 -32.90 -15.88 20.98
C ALA C 350 -34.15 -15.44 20.17
N ASN C 351 -34.47 -14.15 20.17
CA ASN C 351 -35.70 -13.68 19.47
C ASN C 351 -35.43 -12.31 18.87
N ASN C 352 -34.49 -12.27 17.95
CA ASN C 352 -34.01 -10.97 17.40
C ASN C 352 -35.02 -10.28 16.48
N ARG C 353 -35.07 -8.96 16.61
CA ARG C 353 -35.78 -8.05 15.71
C ARG C 353 -34.79 -6.91 15.51
N ILE C 354 -34.44 -6.56 14.29
CA ILE C 354 -33.46 -5.45 14.12
C ILE C 354 -34.06 -4.14 14.69
N ILE C 355 -33.23 -3.36 15.35
CA ILE C 355 -33.65 -2.06 15.92
C ILE C 355 -33.09 -0.99 14.97
N ARG C 356 -33.98 -0.30 14.28
CA ARG C 356 -33.63 0.70 13.24
C ARG C 356 -34.78 1.70 13.18
N PRO C 357 -34.81 2.71 14.08
CA PRO C 357 -35.86 3.72 14.07
C PRO C 357 -35.62 4.79 12.99
N SER C 358 -36.55 5.74 12.89
CA SER C 358 -36.46 6.89 11.96
C SER C 358 -36.36 8.18 12.78
N ALA C 359 -36.00 9.27 12.10
CA ALA C 359 -35.86 10.62 12.67
C ALA C 359 -36.97 11.52 12.09
N GLU C 360 -37.33 12.57 12.85
CA GLU C 360 -38.07 13.71 12.27
C GLU C 360 -37.00 14.62 11.63
N TYR C 361 -37.05 14.85 10.33
CA TYR C 361 -36.07 15.70 9.61
C TYR C 361 -36.41 17.18 9.83
N THR C 362 -35.46 17.98 10.30
CA THR C 362 -35.67 19.44 10.60
C THR C 362 -34.63 20.25 9.81
N GLY C 363 -33.95 19.60 8.86
CA GLY C 363 -32.90 20.27 8.06
C GLY C 363 -33.42 21.00 6.84
N VAL C 364 -32.50 21.55 6.06
CA VAL C 364 -32.80 22.36 4.86
C VAL C 364 -33.38 21.52 3.71
N GLU C 365 -34.10 22.19 2.81
CA GLU C 365 -34.62 21.57 1.56
C GLU C 365 -33.47 21.14 0.63
N GLN C 366 -33.69 20.18 -0.28
CA GLN C 366 -32.70 19.76 -1.33
C GLN C 366 -32.18 20.98 -2.08
N ARG C 367 -30.88 21.06 -2.35
CA ARG C 367 -30.21 22.25 -2.93
C ARG C 367 -29.12 21.81 -3.90
N ALA C 368 -28.86 22.64 -4.90
CA ALA C 368 -27.82 22.35 -5.91
C ALA C 368 -26.41 22.40 -5.28
N PHE C 369 -25.55 21.52 -5.74
CA PHE C 369 -24.14 21.50 -5.30
C PHE C 369 -23.49 22.82 -5.67
N VAL C 370 -22.67 23.35 -4.77
CA VAL C 370 -21.96 24.63 -5.04
C VAL C 370 -20.46 24.32 -5.22
N PRO C 371 -19.87 24.57 -6.40
CA PRO C 371 -18.47 24.33 -6.64
C PRO C 371 -17.58 25.22 -5.77
N LEU C 372 -16.38 24.73 -5.46
CA LEU C 372 -15.41 25.42 -4.57
C LEU C 372 -15.25 26.92 -4.88
N GLU C 373 -15.07 27.27 -6.16
CA GLU C 373 -14.82 28.68 -6.58
C GLU C 373 -16.01 29.61 -6.34
N GLN C 374 -17.23 29.08 -6.23
CA GLN C 374 -18.41 29.95 -5.99
C GLN C 374 -18.76 29.97 -4.51
N ARG C 375 -17.99 29.31 -3.67
CA ARG C 375 -18.33 29.36 -2.24
C ARG C 375 -17.77 30.65 -1.65
N GLY D 11 -38.60 -3.46 17.15
CA GLY D 11 -37.35 -2.80 16.58
C GLY D 11 -37.51 -1.30 16.36
N LEU D 12 -38.56 -0.70 16.91
CA LEU D 12 -38.86 0.75 16.74
C LEU D 12 -38.98 1.11 15.27
N ARG D 13 -39.27 0.14 14.37
CA ARG D 13 -39.31 0.34 12.89
C ARG D 13 -40.42 1.36 12.56
N GLY D 14 -40.08 2.42 11.81
CA GLY D 14 -40.98 3.52 11.43
C GLY D 14 -41.36 4.42 12.61
N GLN D 15 -40.75 4.24 13.78
CA GLN D 15 -41.02 5.07 14.99
C GLN D 15 -40.02 6.22 15.01
N VAL D 16 -40.49 7.44 15.28
CA VAL D 16 -39.60 8.63 15.37
C VAL D 16 -38.92 8.56 16.73
N ALA D 17 -37.60 8.50 16.74
CA ALA D 17 -36.86 8.41 18.01
C ALA D 17 -36.18 9.74 18.36
N GLY D 18 -36.33 10.75 17.52
CA GLY D 18 -35.65 12.04 17.74
C GLY D 18 -35.60 12.86 16.47
N GLN D 19 -34.86 13.96 16.48
CA GLN D 19 -34.82 14.86 15.32
C GLN D 19 -33.40 15.01 14.77
N THR D 20 -33.29 15.20 13.46
CA THR D 20 -31.98 15.52 12.85
C THR D 20 -32.11 16.49 11.67
N ALA D 21 -31.08 17.32 11.48
CA ALA D 21 -30.87 18.16 10.29
C ALA D 21 -29.84 17.53 9.33
N LEU D 22 -29.26 16.39 9.66
CA LEU D 22 -28.03 15.92 8.95
C LEU D 22 -28.33 15.25 7.62
N SER D 23 -29.38 14.45 7.50
CA SER D 23 -29.63 13.66 6.27
C SER D 23 -31.09 13.23 6.14
N THR D 24 -31.51 12.95 4.90
CA THR D 24 -32.77 12.26 4.56
C THR D 24 -32.45 10.95 3.84
N VAL D 25 -33.17 9.89 4.21
CA VAL D 25 -32.96 8.54 3.62
C VAL D 25 -34.28 8.07 2.97
N GLY D 26 -34.29 7.90 1.65
CA GLY D 26 -35.44 7.35 0.88
C GLY D 26 -36.54 8.36 0.55
N GLN D 27 -36.33 9.68 0.70
CA GLN D 27 -37.36 10.70 0.35
C GLN D 27 -37.40 10.90 -1.17
N GLU D 28 -38.57 11.34 -1.65
CA GLU D 28 -38.80 11.77 -3.06
C GLU D 28 -37.75 12.81 -3.41
N GLY D 29 -37.25 12.75 -4.65
CA GLY D 29 -36.11 13.55 -5.16
C GLY D 29 -34.85 12.72 -5.05
N ALA D 30 -33.79 13.28 -4.47
CA ALA D 30 -32.56 12.53 -4.10
C ALA D 30 -32.89 11.51 -3.00
N GLY D 31 -32.50 10.24 -3.17
CA GLY D 31 -32.67 9.18 -2.16
C GLY D 31 -31.77 9.40 -0.95
N LEU D 32 -30.68 10.16 -1.12
CA LEU D 32 -29.78 10.49 0.01
C LEU D 32 -29.22 11.89 -0.14
N THR D 33 -29.46 12.72 0.87
CA THR D 33 -28.89 14.09 0.97
C THR D 33 -28.21 14.22 2.34
N TYR D 34 -27.12 14.96 2.34
CA TYR D 34 -26.38 15.42 3.53
C TYR D 34 -26.57 16.94 3.60
N ARG D 35 -27.22 17.46 4.63
CA ARG D 35 -27.64 18.88 4.76
C ARG D 35 -28.14 19.42 3.39
N GLY D 36 -29.00 18.68 2.72
CA GLY D 36 -29.66 19.08 1.46
C GLY D 36 -28.89 18.81 0.17
N TYR D 37 -27.60 18.46 0.23
CA TYR D 37 -26.81 18.14 -0.99
C TYR D 37 -26.96 16.66 -1.34
N ASP D 38 -27.22 16.38 -2.63
CA ASP D 38 -27.32 15.00 -3.15
C ASP D 38 -25.97 14.28 -2.96
N VAL D 39 -25.98 13.09 -2.39
CA VAL D 39 -24.70 12.34 -2.16
C VAL D 39 -23.99 12.03 -3.49
N ARG D 40 -24.71 11.92 -4.61
CA ARG D 40 -24.05 11.55 -5.89
C ARG D 40 -23.26 12.77 -6.40
N ASP D 41 -23.76 13.99 -6.14
CA ASP D 41 -23.00 15.23 -6.52
C ASP D 41 -21.73 15.28 -5.66
N LEU D 42 -21.84 15.06 -4.36
CA LEU D 42 -20.69 15.13 -3.41
C LEU D 42 -19.64 14.06 -3.76
N ALA D 43 -20.06 12.82 -4.03
CA ALA D 43 -19.11 11.72 -4.40
C ALA D 43 -18.39 12.03 -5.71
N ALA D 44 -19.04 12.74 -6.63
CA ALA D 44 -18.41 13.04 -7.94
C ALA D 44 -17.39 14.17 -7.79
N ALA D 45 -17.70 15.25 -7.04
CA ALA D 45 -16.97 16.53 -7.21
C ALA D 45 -16.21 16.93 -5.95
N ALA D 46 -16.33 16.23 -4.82
CA ALA D 46 -15.65 16.63 -3.55
C ALA D 46 -14.60 15.61 -3.06
N ILE D 47 -13.65 16.05 -2.21
CA ILE D 47 -12.85 15.09 -1.35
C ILE D 47 -13.64 14.83 -0.06
N PHE D 48 -13.35 13.75 0.65
CA PHE D 48 -14.03 13.40 1.92
C PHE D 48 -13.93 14.53 2.96
N GLU D 49 -12.82 15.26 3.02
CA GLU D 49 -12.70 16.36 4.02
C GLU D 49 -13.78 17.43 3.81
N GLU D 50 -14.25 17.64 2.58
CA GLU D 50 -15.29 18.67 2.34
C GLU D 50 -16.61 18.23 2.99
N VAL D 51 -16.87 16.93 2.93
CA VAL D 51 -18.12 16.33 3.48
C VAL D 51 -18.04 16.22 5.00
N ALA D 52 -16.87 15.83 5.53
CA ALA D 52 -16.67 15.84 7.00
C ALA D 52 -16.91 17.26 7.50
N TYR D 53 -16.31 18.27 6.84
CA TYR D 53 -16.51 19.69 7.21
C TYR D 53 -18.00 20.04 7.16
N LEU D 54 -18.70 19.70 6.07
CA LEU D 54 -20.16 19.91 5.93
C LEU D 54 -20.96 19.36 7.13
N LEU D 55 -20.69 18.11 7.51
CA LEU D 55 -21.43 17.46 8.63
C LEU D 55 -21.07 18.11 9.99
N LEU D 56 -19.77 18.38 10.26
CA LEU D 56 -19.32 18.80 11.61
C LEU D 56 -19.47 20.32 11.81
N TYR D 57 -19.33 21.12 10.76
CA TYR D 57 -19.23 22.61 10.85
C TYR D 57 -20.46 23.28 10.20
N GLY D 58 -21.14 22.63 9.24
CA GLY D 58 -22.50 23.07 8.83
C GLY D 58 -22.64 23.55 7.40
N GLU D 59 -21.52 23.76 6.70
CA GLU D 59 -21.59 24.25 5.30
C GLU D 59 -20.41 23.67 4.51
N LEU D 60 -20.51 23.70 3.20
CA LEU D 60 -19.36 23.28 2.37
C LEU D 60 -18.29 24.35 2.57
N PRO D 61 -17.02 23.97 2.75
CA PRO D 61 -16.00 24.95 2.99
C PRO D 61 -15.51 25.67 1.74
N ASN D 62 -15.03 26.88 1.91
CA ASN D 62 -14.39 27.59 0.77
C ASN D 62 -12.92 27.14 0.67
N LYS D 63 -12.21 27.60 -0.34
CA LYS D 63 -10.80 27.16 -0.53
C LYS D 63 -9.94 27.46 0.69
N GLN D 64 -10.12 28.61 1.31
CA GLN D 64 -9.29 29.02 2.48
C GLN D 64 -9.65 28.16 3.70
N GLN D 65 -10.94 27.90 3.91
CA GLN D 65 -11.41 27.02 5.03
C GLN D 65 -10.95 25.55 4.83
N LEU D 66 -11.03 25.04 3.61
CA LEU D 66 -10.60 23.66 3.24
C LEU D 66 -9.08 23.51 3.42
N ASP D 67 -8.28 24.46 2.93
CA ASP D 67 -6.82 24.41 3.16
C ASP D 67 -6.51 24.35 4.68
N ALA D 68 -7.17 25.14 5.51
CA ALA D 68 -6.89 25.21 6.96
C ALA D 68 -7.31 23.87 7.63
N TYR D 69 -8.46 23.32 7.21
CA TYR D 69 -8.99 22.03 7.75
C TYR D 69 -8.07 20.87 7.37
N LEU D 70 -7.58 20.80 6.11
CA LEU D 70 -6.55 19.79 5.70
C LEU D 70 -5.28 19.89 6.57
N LYS D 71 -4.74 21.10 6.76
CA LYS D 71 -3.55 21.37 7.61
C LYS D 71 -3.80 20.89 9.05
N LYS D 72 -5.00 21.13 9.60
CA LYS D 72 -5.38 20.72 10.98
C LYS D 72 -5.29 19.19 11.10
N LEU D 73 -5.97 18.47 10.20
CA LEU D 73 -6.00 16.98 10.23
C LEU D 73 -4.60 16.41 9.96
N GLN D 74 -3.81 17.01 9.05
CA GLN D 74 -2.46 16.54 8.67
C GLN D 74 -1.52 16.63 9.87
N GLY D 75 -1.77 17.51 10.84
CA GLY D 75 -0.90 17.68 12.03
C GLY D 75 -1.27 16.73 13.17
N GLN D 76 -2.33 15.93 13.01
CA GLN D 76 -2.90 15.07 14.09
C GLN D 76 -2.95 13.58 13.67
N ARG D 77 -2.04 13.12 12.84
CA ARG D 77 -2.07 11.72 12.31
C ARG D 77 -1.26 10.75 13.20
N ASP D 78 -0.31 11.26 13.99
CA ASP D 78 0.58 10.36 14.80
C ASP D 78 -0.13 9.96 16.09
N LEU D 79 0.26 8.82 16.67
CA LEU D 79 -0.39 8.23 17.86
C LEU D 79 0.54 8.44 19.07
N PRO D 80 -0.03 8.67 20.26
CA PRO D 80 0.73 8.69 21.52
C PRO D 80 1.54 7.40 21.77
N GLN D 81 2.74 7.53 22.36
CA GLN D 81 3.62 6.36 22.58
C GLN D 81 2.84 5.29 23.38
N ALA D 82 2.09 5.66 24.42
CA ALA D 82 1.34 4.70 25.28
C ALA D 82 0.30 3.92 24.44
N LEU D 83 -0.33 4.57 23.46
CA LEU D 83 -1.30 3.87 22.56
C LEU D 83 -0.56 2.89 21.63
N LYS D 84 0.59 3.25 21.05
CA LYS D 84 1.39 2.32 20.21
C LYS D 84 1.79 1.08 21.04
N GLU D 85 2.13 1.28 22.33
CA GLU D 85 2.55 0.13 23.21
C GLU D 85 1.33 -0.77 23.48
N VAL D 86 0.14 -0.20 23.60
CA VAL D 86 -1.10 -1.00 23.80
C VAL D 86 -1.40 -1.79 22.51
N LEU D 87 -1.32 -1.18 21.31
CA LEU D 87 -1.63 -1.84 20.02
C LEU D 87 -0.68 -3.03 19.78
N GLU D 88 0.60 -2.91 20.19
CA GLU D 88 1.63 -3.96 20.03
C GLU D 88 1.25 -5.20 20.85
N ARG D 89 0.36 -5.04 21.83
CA ARG D 89 -0.05 -6.13 22.78
C ARG D 89 -1.38 -6.76 22.39
N ILE D 90 -2.03 -6.26 21.33
N ILE D 90 -2.05 -6.26 21.35
CA ILE D 90 -3.29 -6.89 20.84
CA ILE D 90 -3.31 -6.89 20.90
C ILE D 90 -2.93 -8.01 19.88
C ILE D 90 -2.98 -7.99 19.88
N PRO D 91 -3.42 -9.25 20.07
CA PRO D 91 -3.00 -10.36 19.21
C PRO D 91 -3.22 -10.15 17.70
N LYS D 92 -2.35 -10.75 16.89
CA LYS D 92 -2.43 -10.79 15.41
C LYS D 92 -3.81 -11.24 14.91
N ASP D 93 -4.42 -12.23 15.59
CA ASP D 93 -5.69 -12.85 15.15
C ASP D 93 -6.93 -12.18 15.79
N ALA D 94 -6.79 -11.06 16.49
CA ALA D 94 -7.93 -10.25 17.00
C ALA D 94 -8.81 -9.82 15.83
N HIS D 95 -10.12 -9.75 16.05
CA HIS D 95 -11.06 -9.07 15.12
C HIS D 95 -10.65 -7.60 14.97
N PRO D 96 -10.34 -7.11 13.75
CA PRO D 96 -9.87 -5.71 13.60
C PRO D 96 -10.85 -4.64 14.13
N MET D 97 -12.16 -4.93 14.14
CA MET D 97 -13.13 -3.99 14.73
C MET D 97 -12.86 -3.83 16.22
N ASP D 98 -12.41 -4.90 16.91
CA ASP D 98 -12.08 -4.87 18.34
C ASP D 98 -10.81 -4.07 18.58
N VAL D 99 -9.90 -4.02 17.60
CA VAL D 99 -8.71 -3.10 17.64
C VAL D 99 -9.19 -1.63 17.54
N MET D 100 -10.09 -1.29 16.59
CA MET D 100 -10.64 0.11 16.50
C MET D 100 -11.33 0.51 17.83
N ARG D 101 -12.15 -0.41 18.40
CA ARG D 101 -12.85 -0.26 19.68
C ARG D 101 -11.85 0.05 20.79
N THR D 102 -10.79 -0.75 20.88
CA THR D 102 -9.77 -0.64 21.93
C THR D 102 -9.02 0.70 21.76
N GLY D 103 -8.64 1.01 20.53
CA GLY D 103 -7.92 2.27 20.21
C GLY D 103 -8.72 3.51 20.67
N ALA D 104 -10.00 3.64 20.30
CA ALA D 104 -10.87 4.74 20.81
C ALA D 104 -10.96 4.74 22.35
N SER D 105 -11.23 3.57 22.97
CA SER D 105 -11.36 3.47 24.43
C SER D 105 -10.08 3.99 25.12
N VAL D 106 -8.89 3.61 24.65
CA VAL D 106 -7.60 4.01 25.31
C VAL D 106 -7.33 5.50 25.02
N LEU D 107 -7.57 5.97 23.79
CA LEU D 107 -7.30 7.39 23.47
C LEU D 107 -8.14 8.32 24.36
N GLY D 108 -9.36 7.92 24.76
CA GLY D 108 -10.20 8.69 25.68
C GLY D 108 -9.58 8.89 27.07
N THR D 109 -8.70 8.00 27.51
CA THR D 109 -7.95 8.12 28.79
C THR D 109 -6.70 8.99 28.61
N LEU D 110 -6.14 9.08 27.44
CA LEU D 110 -4.88 9.82 27.17
C LEU D 110 -5.16 11.26 26.78
N GLU D 111 -6.25 11.51 26.04
CA GLU D 111 -6.60 12.87 25.52
C GLU D 111 -8.07 13.11 25.84
N PRO D 112 -8.43 13.24 27.13
CA PRO D 112 -9.82 13.17 27.56
C PRO D 112 -10.61 14.41 27.11
N GLU D 113 -11.91 14.21 26.93
CA GLU D 113 -12.94 15.24 26.67
C GLU D 113 -13.43 15.70 28.04
N LEU D 114 -12.79 16.75 28.55
CA LEU D 114 -13.06 17.28 29.91
C LEU D 114 -14.29 18.20 29.86
N SER D 115 -14.62 18.76 28.70
CA SER D 115 -15.83 19.60 28.51
C SER D 115 -16.42 19.35 27.12
N PHE D 116 -17.73 19.56 26.95
CA PHE D 116 -18.35 19.52 25.59
C PHE D 116 -17.76 20.62 24.68
N ASP D 117 -17.10 21.66 25.20
CA ASP D 117 -16.44 22.69 24.36
C ASP D 117 -15.36 22.08 23.45
N GLN D 118 -14.76 20.95 23.84
CA GLN D 118 -13.68 20.27 23.09
C GLN D 118 -14.27 19.30 22.05
N GLN D 119 -15.61 19.14 21.93
CA GLN D 119 -16.26 18.03 21.15
C GLN D 119 -15.81 18.02 19.67
N ARG D 120 -15.65 19.19 19.00
CA ARG D 120 -15.28 19.17 17.55
C ARG D 120 -13.79 18.89 17.39
N ASP D 121 -12.97 19.32 18.35
CA ASP D 121 -11.53 18.97 18.37
C ASP D 121 -11.37 17.44 18.54
N VAL D 122 -12.17 16.80 19.40
CA VAL D 122 -12.02 15.32 19.58
C VAL D 122 -12.46 14.62 18.28
N ALA D 123 -13.56 15.04 17.66
CA ALA D 123 -14.06 14.44 16.39
C ALA D 123 -12.98 14.53 15.33
N ASP D 124 -12.32 15.69 15.18
CA ASP D 124 -11.26 15.86 14.16
C ASP D 124 -10.03 14.95 14.46
N ARG D 125 -9.66 14.83 15.74
CA ARG D 125 -8.55 13.95 16.19
C ARG D 125 -8.84 12.50 15.75
N LEU D 126 -10.05 12.01 15.98
CA LEU D 126 -10.42 10.61 15.63
C LEU D 126 -10.38 10.42 14.11
N LEU D 127 -10.92 11.39 13.33
CA LEU D 127 -10.81 11.32 11.85
C LEU D 127 -9.34 11.28 11.39
N ALA D 128 -8.45 12.02 12.03
CA ALA D 128 -7.03 12.10 11.63
C ALA D 128 -6.31 10.80 12.06
N ALA D 129 -6.62 10.25 13.25
CA ALA D 129 -5.85 9.17 13.93
C ALA D 129 -6.34 7.75 13.57
N PHE D 130 -7.62 7.58 13.20
CA PHE D 130 -8.19 6.22 13.02
C PHE D 130 -7.45 5.39 11.95
N PRO D 131 -7.01 5.96 10.78
CA PRO D 131 -6.24 5.17 9.83
C PRO D 131 -4.93 4.59 10.42
N ALA D 132 -4.15 5.38 11.17
CA ALA D 132 -2.92 4.94 11.91
C ALA D 132 -3.27 3.89 12.96
N ILE D 133 -4.35 4.05 13.74
CA ILE D 133 -4.78 2.99 14.70
C ILE D 133 -4.85 1.66 13.97
N MET D 134 -5.58 1.61 12.88
CA MET D 134 -5.84 0.35 12.13
C MET D 134 -4.54 -0.23 11.52
N THR D 135 -3.71 0.58 10.85
CA THR D 135 -2.55 0.13 10.05
C THR D 135 -1.33 -0.10 10.96
N TYR D 136 -1.14 0.66 12.03
CA TYR D 136 -0.02 0.45 12.99
C TYR D 136 -0.19 -0.94 13.61
N TRP D 137 -1.40 -1.24 14.12
CA TRP D 137 -1.66 -2.59 14.69
C TRP D 137 -1.43 -3.65 13.61
N TYR D 138 -2.10 -3.52 12.45
CA TYR D 138 -2.09 -4.58 11.43
C TYR D 138 -0.68 -4.89 10.95
N ARG D 139 0.11 -3.88 10.59
CA ARG D 139 1.46 -4.10 10.02
C ARG D 139 2.46 -4.50 11.14
N PHE D 140 2.29 -4.11 12.41
CA PHE D 140 3.13 -4.61 13.51
C PHE D 140 2.92 -6.12 13.66
N THR D 141 1.66 -6.57 13.71
CA THR D 141 1.41 -8.00 14.00
C THR D 141 1.51 -8.91 12.76
N HIS D 142 1.28 -8.39 11.57
CA HIS D 142 1.31 -9.21 10.34
C HIS D 142 2.66 -9.12 9.63
N GLU D 143 3.42 -8.05 9.83
CA GLU D 143 4.72 -7.89 9.14
C GLU D 143 5.89 -7.73 10.11
N GLY D 144 5.64 -7.49 11.39
CA GLY D 144 6.70 -7.30 12.40
C GLY D 144 7.37 -5.94 12.28
N GLN D 145 6.65 -4.97 11.75
CA GLN D 145 7.22 -3.64 11.49
C GLN D 145 6.49 -2.55 12.28
N ARG D 146 7.24 -1.58 12.81
CA ARG D 146 6.62 -0.40 13.44
C ARG D 146 6.60 0.64 12.33
N ILE D 147 5.43 1.10 11.90
CA ILE D 147 5.33 1.99 10.70
C ILE D 147 5.32 3.47 11.11
N ASP D 148 5.77 4.32 10.19
CA ASP D 148 5.54 5.79 10.23
C ASP D 148 4.02 6.03 10.17
N CYS D 149 3.46 6.82 11.07
CA CYS D 149 2.01 7.11 11.12
C CYS D 149 1.70 8.39 10.32
N ASN D 150 2.73 9.14 9.89
CA ASN D 150 2.65 10.25 8.89
C ASN D 150 2.87 9.79 7.45
N SER D 151 2.32 10.51 6.46
CA SER D 151 2.57 10.27 5.03
C SER D 151 2.60 11.58 4.26
N ASP D 152 2.94 11.51 2.97
CA ASP D 152 2.97 12.66 2.03
C ASP D 152 1.61 12.89 1.38
N GLU D 153 0.58 12.08 1.64
CA GLU D 153 -0.75 12.18 1.02
C GLU D 153 -1.57 13.25 1.72
N PRO D 154 -2.10 14.28 1.00
CA PRO D 154 -2.86 15.34 1.66
C PRO D 154 -4.22 14.87 2.22
N THR D 155 -4.87 13.89 1.60
CA THR D 155 -6.27 13.47 1.97
C THR D 155 -6.26 12.21 2.85
N ILE D 156 -7.30 12.06 3.66
CA ILE D 156 -7.50 10.84 4.52
C ILE D 156 -7.49 9.60 3.62
N GLY D 157 -8.25 9.63 2.51
CA GLY D 157 -8.35 8.43 1.67
C GLY D 157 -7.02 8.02 1.09
N GLY D 158 -6.21 8.96 0.61
CA GLY D 158 -4.84 8.61 0.17
C GLY D 158 -3.87 8.26 1.29
N HIS D 159 -3.89 8.96 2.43
CA HIS D 159 -3.10 8.64 3.64
C HIS D 159 -3.33 7.18 4.09
N PHE D 160 -4.60 6.73 4.17
CA PHE D 160 -4.90 5.31 4.54
C PHE D 160 -4.12 4.33 3.62
N LEU D 161 -4.15 4.54 2.29
CA LEU D 161 -3.47 3.60 1.37
C LEU D 161 -1.97 3.72 1.54
N ALA D 162 -1.43 4.92 1.80
CA ALA D 162 0.04 5.11 2.01
C ALA D 162 0.50 4.30 3.25
N LEU D 163 -0.28 4.35 4.33
CA LEU D 163 0.03 3.63 5.58
C LEU D 163 -0.11 2.11 5.35
N LEU D 164 -1.17 1.67 4.65
CA LEU D 164 -1.45 0.21 4.48
C LEU D 164 -0.34 -0.44 3.60
N HIS D 165 0.04 0.19 2.48
CA HIS D 165 0.93 -0.45 1.48
C HIS D 165 2.39 0.03 1.58
N GLY D 166 2.69 1.11 2.28
CA GLY D 166 4.08 1.62 2.38
C GLY D 166 4.61 2.24 1.09
N LYS D 167 3.74 2.66 0.18
CA LYS D 167 4.15 3.30 -1.10
C LYS D 167 3.10 4.31 -1.55
N LYS D 168 3.46 5.21 -2.46
CA LYS D 168 2.54 6.24 -3.04
C LYS D 168 1.40 5.57 -3.78
N PRO D 169 0.11 5.81 -3.44
CA PRO D 169 -1.01 5.24 -4.18
C PRO D 169 -1.23 5.96 -5.52
N SER D 170 -1.89 5.28 -6.45
CA SER D 170 -2.32 5.81 -7.78
C SER D 170 -3.45 6.84 -7.61
N GLU D 171 -3.56 7.79 -8.52
CA GLU D 171 -4.64 8.80 -8.53
C GLU D 171 -6.02 8.13 -8.53
N LEU D 172 -6.20 7.03 -9.29
CA LEU D 172 -7.49 6.30 -9.37
C LEU D 172 -7.84 5.71 -7.99
N HIS D 173 -6.90 5.07 -7.31
CA HIS D 173 -7.14 4.43 -5.97
C HIS D 173 -7.40 5.53 -4.93
N VAL D 174 -6.70 6.67 -4.98
CA VAL D 174 -7.01 7.81 -4.06
C VAL D 174 -8.45 8.31 -4.36
N LYS D 175 -8.86 8.41 -5.64
CA LYS D 175 -10.22 8.86 -6.00
C LYS D 175 -11.22 7.88 -5.39
N VAL D 176 -11.07 6.58 -5.56
CA VAL D 176 -12.14 5.62 -5.13
C VAL D 176 -12.21 5.63 -3.59
N MET D 177 -11.07 5.81 -2.91
CA MET D 177 -11.11 5.91 -1.43
C MET D 177 -11.95 7.10 -1.02
N ASN D 178 -11.75 8.26 -1.66
CA ASN D 178 -12.50 9.50 -1.34
C ASN D 178 -14.00 9.25 -1.57
N VAL D 179 -14.33 8.65 -2.70
CA VAL D 179 -15.72 8.30 -3.08
C VAL D 179 -16.33 7.42 -1.98
N SER D 180 -15.65 6.36 -1.59
CA SER D 180 -16.17 5.41 -0.57
C SER D 180 -16.36 6.11 0.79
N LEU D 181 -15.41 6.94 1.23
CA LEU D 181 -15.53 7.63 2.55
C LEU D 181 -16.75 8.58 2.51
N ILE D 182 -17.05 9.23 1.35
CA ILE D 182 -18.24 10.11 1.19
C ILE D 182 -19.48 9.21 1.23
N LEU D 183 -19.50 8.10 0.49
CA LEU D 183 -20.72 7.25 0.46
C LEU D 183 -21.12 6.69 1.84
N TYR D 184 -20.14 6.39 2.68
CA TYR D 184 -20.50 5.75 3.98
C TYR D 184 -20.57 6.75 5.15
N ALA D 185 -20.35 8.03 4.88
CA ALA D 185 -20.21 9.05 5.97
C ALA D 185 -21.39 9.18 6.93
N GLU D 186 -22.61 9.07 6.42
CA GLU D 186 -23.82 9.50 7.18
C GLU D 186 -25.02 8.72 6.67
N HIS D 187 -25.87 8.21 7.55
CA HIS D 187 -27.08 7.45 7.09
C HIS D 187 -28.19 7.51 8.13
N GLU D 188 -28.45 8.71 8.68
CA GLU D 188 -29.55 8.99 9.66
C GLU D 188 -29.51 7.95 10.81
N PHE D 189 -30.65 7.38 11.20
CA PHE D 189 -30.76 6.60 12.44
C PHE D 189 -30.57 5.11 12.23
N ASN D 190 -29.43 4.75 11.66
CA ASN D 190 -28.97 3.34 11.55
C ASN D 190 -28.55 2.85 12.95
N ALA D 191 -28.40 1.56 13.15
CA ALA D 191 -28.16 1.03 14.51
C ALA D 191 -26.91 1.62 15.18
N SER D 192 -25.80 1.77 14.47
CA SER D 192 -24.59 2.34 15.10
C SER D 192 -24.79 3.83 15.46
N THR D 193 -25.36 4.62 14.58
CA THR D 193 -25.66 6.03 14.95
C THR D 193 -26.66 6.06 16.12
N PHE D 194 -27.65 5.18 16.12
CA PHE D 194 -28.64 5.17 17.22
C PHE D 194 -27.93 4.85 18.54
N THR D 195 -26.98 3.92 18.52
CA THR D 195 -26.20 3.60 19.74
C THR D 195 -25.44 4.85 20.21
N ALA D 196 -24.82 5.57 19.28
CA ALA D 196 -24.08 6.81 19.62
C ALA D 196 -25.04 7.80 20.31
N ARG D 197 -26.26 7.95 19.78
CA ARG D 197 -27.26 8.90 20.34
C ARG D 197 -27.81 8.45 21.71
N VAL D 198 -28.08 7.16 21.89
CA VAL D 198 -28.56 6.72 23.22
C VAL D 198 -27.46 7.00 24.27
N CYS D 199 -26.21 6.69 23.93
CA CYS D 199 -25.07 6.93 24.84
C CYS D 199 -24.95 8.45 25.06
N ALA D 200 -25.13 9.24 23.99
CA ALA D 200 -25.03 10.70 24.13
C ALA D 200 -26.12 11.25 25.07
N SER D 201 -27.30 10.64 25.08
CA SER D 201 -28.45 11.10 25.90
C SER D 201 -28.18 11.07 27.41
N THR D 202 -27.25 10.23 27.88
CA THR D 202 -26.90 10.16 29.32
C THR D 202 -25.84 11.20 29.68
N LEU D 203 -25.42 12.03 28.72
CA LEU D 203 -24.31 13.05 28.82
C LEU D 203 -22.95 12.39 29.04
N SER D 204 -22.75 11.17 28.50
CA SER D 204 -21.44 10.50 28.44
C SER D 204 -20.50 11.25 27.49
N ASP D 205 -19.22 10.94 27.57
CA ASP D 205 -18.17 11.58 26.75
C ASP D 205 -18.21 11.06 25.29
N LEU D 206 -17.56 11.79 24.39
CA LEU D 206 -17.59 11.50 22.95
C LEU D 206 -16.90 10.15 22.71
N TYR D 207 -15.84 9.83 23.45
CA TYR D 207 -15.12 8.53 23.27
C TYR D 207 -16.04 7.35 23.60
N SER D 208 -16.87 7.42 24.63
CA SER D 208 -17.85 6.36 24.96
C SER D 208 -18.82 6.18 23.77
N CYS D 209 -19.32 7.30 23.24
CA CYS D 209 -20.34 7.25 22.18
C CYS D 209 -19.73 6.52 20.95
N VAL D 210 -18.51 6.89 20.51
CA VAL D 210 -17.85 6.25 19.35
C VAL D 210 -17.49 4.75 19.65
N THR D 211 -17.00 4.44 20.86
CA THR D 211 -16.63 3.04 21.25
C THR D 211 -17.89 2.17 21.12
N GLY D 212 -18.99 2.65 21.67
CA GLY D 212 -20.29 1.94 21.59
C GLY D 212 -20.80 1.80 20.15
N ALA D 213 -20.67 2.83 19.30
CA ALA D 213 -21.05 2.78 17.87
C ALA D 213 -20.20 1.76 17.08
N ILE D 214 -18.87 1.73 17.31
CA ILE D 214 -17.96 0.72 16.68
C ILE D 214 -18.49 -0.69 16.99
N GLY D 215 -18.88 -0.94 18.23
CA GLY D 215 -19.42 -2.25 18.61
C GLY D 215 -20.60 -2.66 17.75
N SER D 216 -21.56 -1.77 17.57
CA SER D 216 -22.78 -2.09 16.80
C SER D 216 -22.47 -2.23 15.30
N LEU D 217 -21.58 -1.40 14.75
CA LEU D 217 -21.27 -1.48 13.31
C LEU D 217 -20.64 -2.82 12.96
N ARG D 218 -19.96 -3.44 13.92
CA ARG D 218 -19.24 -4.72 13.74
C ARG D 218 -20.18 -5.84 13.27
N GLY D 219 -21.42 -5.85 13.76
CA GLY D 219 -22.37 -6.93 13.45
C GLY D 219 -22.53 -7.19 11.96
N PRO D 220 -22.69 -8.48 11.58
CA PRO D 220 -22.87 -8.82 10.17
C PRO D 220 -24.17 -8.30 9.55
N LEU D 221 -25.19 -7.98 10.34
CA LEU D 221 -26.43 -7.36 9.81
C LEU D 221 -26.21 -5.86 9.50
N HIS D 222 -25.13 -5.29 10.03
CA HIS D 222 -24.83 -3.86 9.85
C HIS D 222 -23.56 -3.71 9.00
N GLY D 223 -22.51 -3.08 9.54
CA GLY D 223 -21.29 -2.80 8.75
C GLY D 223 -20.47 -4.01 8.36
N GLY D 224 -20.67 -5.15 9.03
CA GLY D 224 -19.97 -6.40 8.72
C GLY D 224 -20.45 -7.06 7.43
N ALA D 225 -21.55 -6.59 6.85
CA ALA D 225 -22.12 -7.11 5.60
C ALA D 225 -21.13 -6.99 4.44
N ASN D 226 -20.32 -5.94 4.40
CA ASN D 226 -19.33 -5.80 3.31
C ASN D 226 -18.32 -6.96 3.33
N GLU D 227 -17.91 -7.41 4.52
CA GLU D 227 -16.97 -8.55 4.68
C GLU D 227 -17.70 -9.84 4.29
N ALA D 228 -18.94 -9.99 4.72
CA ALA D 228 -19.78 -11.17 4.36
C ALA D 228 -20.03 -11.24 2.85
N ALA D 229 -20.27 -10.12 2.14
CA ALA D 229 -20.41 -10.16 0.67
C ALA D 229 -19.08 -10.68 0.05
N MET D 230 -17.93 -10.17 0.50
CA MET D 230 -16.58 -10.59 -0.01
C MET D 230 -16.46 -12.12 0.14
N GLU D 231 -16.83 -12.67 1.30
CA GLU D 231 -16.71 -14.12 1.59
C GLU D 231 -17.62 -14.93 0.66
N LEU D 232 -18.74 -14.40 0.20
CA LEU D 232 -19.59 -15.04 -0.83
C LEU D 232 -18.94 -14.92 -2.23
N ILE D 233 -18.59 -13.72 -2.70
CA ILE D 233 -18.13 -13.58 -4.12
C ILE D 233 -16.79 -14.33 -4.35
N GLU D 234 -15.89 -14.44 -3.35
CA GLU D 234 -14.53 -15.03 -3.53
C GLU D 234 -14.62 -16.56 -3.76
N ARG D 235 -15.79 -17.20 -3.57
CA ARG D 235 -15.92 -18.67 -3.68
C ARG D 235 -15.88 -19.15 -5.14
N PHE D 236 -16.18 -18.31 -6.13
CA PHE D 236 -16.54 -18.77 -7.50
C PHE D 236 -15.48 -18.38 -8.53
N SER D 237 -15.16 -19.32 -9.44
CA SER D 237 -14.15 -19.12 -10.52
C SER D 237 -14.84 -18.84 -11.86
N SER D 238 -16.16 -18.94 -11.96
CA SER D 238 -16.93 -18.50 -13.14
C SER D 238 -18.27 -17.88 -12.71
N PRO D 239 -18.78 -16.91 -13.47
CA PRO D 239 -20.12 -16.35 -13.19
C PRO D 239 -21.22 -17.41 -13.26
N GLN D 240 -21.06 -18.40 -14.15
CA GLN D 240 -22.04 -19.49 -14.35
C GLN D 240 -22.08 -20.38 -13.10
N GLU D 241 -20.94 -20.70 -12.52
CA GLU D 241 -20.86 -21.42 -11.21
C GLU D 241 -21.51 -20.55 -10.12
N ALA D 242 -21.25 -19.24 -10.10
CA ALA D 242 -21.84 -18.39 -9.03
C ALA D 242 -23.37 -18.50 -9.10
N THR D 243 -23.96 -18.48 -10.30
CA THR D 243 -25.43 -18.52 -10.46
C THR D 243 -25.98 -19.86 -9.99
N ALA D 244 -25.36 -20.94 -10.44
CA ALA D 244 -25.76 -22.32 -10.06
C ALA D 244 -25.75 -22.46 -8.54
N GLU D 245 -24.67 -22.07 -7.88
CA GLU D 245 -24.53 -22.27 -6.39
C GLU D 245 -25.51 -21.36 -5.64
N LEU D 246 -25.67 -20.12 -6.10
CA LEU D 246 -26.60 -19.17 -5.42
C LEU D 246 -28.03 -19.74 -5.48
N LEU D 247 -28.44 -20.35 -6.59
CA LEU D 247 -29.82 -20.92 -6.68
C LEU D 247 -29.99 -21.97 -5.58
N LYS D 248 -28.96 -22.77 -5.32
CA LYS D 248 -29.02 -23.82 -4.26
C LYS D 248 -29.06 -23.15 -2.88
N MET D 249 -28.25 -22.10 -2.67
CA MET D 249 -28.21 -21.35 -1.38
C MET D 249 -29.60 -20.78 -1.08
N LEU D 250 -30.28 -20.28 -2.09
CA LEU D 250 -31.65 -19.72 -1.92
C LEU D 250 -32.62 -20.85 -1.60
N GLU D 251 -32.46 -22.06 -2.17
CA GLU D 251 -33.35 -23.20 -1.80
C GLU D 251 -33.12 -23.58 -0.32
N ARG D 252 -31.87 -23.60 0.14
CA ARG D 252 -31.52 -23.80 1.58
C ARG D 252 -32.03 -22.65 2.46
N LYS D 253 -32.53 -21.55 1.89
CA LYS D 253 -32.94 -20.32 2.61
C LYS D 253 -31.75 -19.71 3.38
N ASP D 254 -30.55 -19.78 2.82
CA ASP D 254 -29.37 -19.02 3.33
C ASP D 254 -29.70 -17.51 3.21
N LYS D 255 -29.27 -16.71 4.19
CA LYS D 255 -29.33 -15.22 4.09
C LYS D 255 -28.16 -14.72 3.24
N ILE D 256 -28.43 -13.86 2.28
CA ILE D 256 -27.43 -13.25 1.36
C ILE D 256 -27.19 -11.79 1.76
N MET D 257 -26.04 -11.47 2.35
CA MET D 257 -25.73 -10.12 2.90
C MET D 257 -25.46 -9.22 1.68
N GLY D 258 -25.77 -7.93 1.80
CA GLY D 258 -25.53 -6.93 0.73
C GLY D 258 -26.74 -6.72 -0.16
N PHE D 259 -27.90 -7.31 0.16
CA PHE D 259 -29.17 -7.23 -0.61
C PHE D 259 -30.31 -6.74 0.31
N GLY D 260 -31.19 -5.88 -0.20
CA GLY D 260 -32.33 -5.33 0.55
C GLY D 260 -31.91 -4.21 1.49
N HIS D 261 -32.84 -3.60 2.23
CA HIS D 261 -32.50 -2.54 3.20
C HIS D 261 -33.62 -2.34 4.21
N ALA D 262 -33.30 -1.81 5.39
CA ALA D 262 -34.25 -1.47 6.49
C ALA D 262 -35.20 -0.35 6.04
N ILE D 263 -34.77 0.55 5.16
CA ILE D 263 -35.54 1.77 4.76
C ILE D 263 -35.82 1.76 3.25
N TYR D 264 -34.80 1.66 2.42
CA TYR D 264 -34.93 1.82 0.94
C TYR D 264 -35.89 0.74 0.44
N LYS D 265 -36.80 1.14 -0.46
CA LYS D 265 -37.88 0.31 -1.06
C LYS D 265 -37.47 -0.23 -2.45
N ASP D 266 -36.85 0.57 -3.31
CA ASP D 266 -36.63 0.15 -4.73
C ASP D 266 -35.15 0.03 -5.10
N SER D 267 -34.29 0.91 -4.56
CA SER D 267 -32.84 0.93 -4.85
C SER D 267 -32.15 1.74 -3.76
N ASP D 268 -30.84 1.49 -3.60
CA ASP D 268 -29.95 2.28 -2.73
C ASP D 268 -29.15 3.22 -3.62
N PRO D 269 -29.27 4.55 -3.48
CA PRO D 269 -28.56 5.48 -4.35
C PRO D 269 -27.03 5.31 -4.33
N ARG D 270 -26.44 4.79 -3.23
CA ARG D 270 -24.97 4.56 -3.10
C ARG D 270 -24.50 3.40 -4.01
N ASN D 271 -25.36 2.42 -4.28
CA ASN D 271 -25.03 1.23 -5.12
C ASN D 271 -24.53 1.69 -6.49
N GLU D 272 -25.27 2.55 -7.19
CA GLU D 272 -24.95 2.87 -8.61
C GLU D 272 -23.59 3.56 -8.61
N VAL D 273 -23.28 4.34 -7.58
CA VAL D 273 -21.97 5.06 -7.52
C VAL D 273 -20.83 4.04 -7.34
N ILE D 274 -20.85 3.23 -6.27
CA ILE D 274 -19.69 2.33 -5.97
C ILE D 274 -19.61 1.24 -7.06
N LYS D 275 -20.72 0.79 -7.63
CA LYS D 275 -20.70 -0.23 -8.74
C LYS D 275 -19.90 0.30 -9.95
N GLY D 276 -20.05 1.59 -10.28
CA GLY D 276 -19.37 2.16 -11.47
C GLY D 276 -17.88 2.31 -11.21
N TRP D 277 -17.48 2.63 -9.98
CA TRP D 277 -16.06 2.70 -9.61
C TRP D 277 -15.42 1.31 -9.51
N SER D 278 -16.13 0.32 -9.01
CA SER D 278 -15.66 -1.07 -8.99
C SER D 278 -15.34 -1.54 -10.41
N LYS D 279 -16.20 -1.22 -11.37
CA LYS D 279 -16.02 -1.61 -12.80
C LYS D 279 -14.72 -0.96 -13.32
N GLN D 280 -14.47 0.30 -12.99
CA GLN D 280 -13.25 1.04 -13.42
C GLN D 280 -12.01 0.32 -12.85
N LEU D 281 -12.06 -0.09 -11.58
CA LEU D 281 -10.95 -0.81 -10.92
C LEU D 281 -10.78 -2.19 -11.54
N ALA D 282 -11.87 -2.92 -11.82
CA ALA D 282 -11.84 -4.25 -12.46
C ALA D 282 -11.03 -4.15 -13.75
N ASP D 283 -11.29 -3.12 -14.54
CA ASP D 283 -10.65 -2.94 -15.86
C ASP D 283 -9.19 -2.57 -15.64
N GLU D 284 -8.86 -1.69 -14.69
CA GLU D 284 -7.49 -1.24 -14.37
C GLU D 284 -6.59 -2.43 -13.97
N VAL D 285 -7.08 -3.32 -13.11
CA VAL D 285 -6.21 -4.42 -12.58
C VAL D 285 -6.27 -5.64 -13.49
N GLY D 286 -7.09 -5.64 -14.54
CA GLY D 286 -7.20 -6.80 -15.47
C GLY D 286 -8.03 -7.96 -14.93
N ASP D 287 -8.99 -7.71 -14.07
CA ASP D 287 -9.82 -8.80 -13.47
C ASP D 287 -10.71 -9.37 -14.57
N LYS D 288 -10.92 -10.68 -14.58
CA LYS D 288 -11.88 -11.32 -15.51
C LYS D 288 -12.90 -12.15 -14.73
N VAL D 289 -12.86 -12.19 -13.41
CA VAL D 289 -13.74 -13.11 -12.65
C VAL D 289 -14.59 -12.34 -11.61
N LEU D 290 -13.98 -11.56 -10.73
CA LEU D 290 -14.65 -11.07 -9.47
C LEU D 290 -15.82 -10.14 -9.81
N PHE D 291 -15.65 -9.22 -10.77
CA PHE D 291 -16.75 -8.27 -11.14
C PHE D 291 -17.88 -9.03 -11.84
N ALA D 292 -17.57 -9.94 -12.78
CA ALA D 292 -18.55 -10.79 -13.50
C ALA D 292 -19.33 -11.67 -12.53
N VAL D 293 -18.65 -12.26 -11.57
CA VAL D 293 -19.33 -13.04 -10.48
C VAL D 293 -20.28 -12.11 -9.68
N SER D 294 -19.84 -10.92 -9.31
CA SER D 294 -20.68 -9.93 -8.56
C SER D 294 -21.93 -9.59 -9.39
N GLU D 295 -21.78 -9.27 -10.68
CA GLU D 295 -22.94 -9.00 -11.57
C GLU D 295 -23.89 -10.21 -11.66
N ALA D 296 -23.38 -11.43 -11.83
CA ALA D 296 -24.24 -12.63 -11.90
C ALA D 296 -25.07 -12.79 -10.62
N ILE D 297 -24.47 -12.58 -9.43
CA ILE D 297 -25.18 -12.70 -8.11
C ILE D 297 -26.25 -11.57 -8.06
N ASP D 298 -25.90 -10.35 -8.47
CA ASP D 298 -26.82 -9.18 -8.51
C ASP D 298 -28.05 -9.53 -9.36
N LYS D 299 -27.82 -9.97 -10.59
CA LYS D 299 -28.91 -10.31 -11.55
C LYS D 299 -29.79 -11.45 -10.99
N THR D 300 -29.18 -12.51 -10.45
CA THR D 300 -29.90 -13.68 -9.91
C THR D 300 -30.77 -13.25 -8.72
N MET D 301 -30.25 -12.47 -7.75
CA MET D 301 -31.06 -11.94 -6.62
C MET D 301 -32.27 -11.11 -7.11
N TRP D 302 -32.16 -10.35 -8.20
CA TRP D 302 -33.33 -9.64 -8.78
C TRP D 302 -34.33 -10.68 -9.30
N GLU D 303 -33.88 -11.62 -10.13
CA GLU D 303 -34.81 -12.58 -10.82
C GLU D 303 -35.49 -13.49 -9.78
N GLN D 304 -34.79 -13.98 -8.76
CA GLN D 304 -35.36 -14.95 -7.78
C GLN D 304 -36.09 -14.26 -6.60
N LYS D 305 -35.61 -13.12 -6.09
CA LYS D 305 -36.13 -12.51 -4.84
C LYS D 305 -36.62 -11.06 -5.00
N LYS D 306 -36.44 -10.41 -6.16
CA LYS D 306 -36.77 -8.98 -6.37
C LYS D 306 -36.09 -8.15 -5.26
N LEU D 307 -34.83 -8.46 -4.96
CA LEU D 307 -33.97 -7.65 -4.03
C LEU D 307 -32.91 -6.94 -4.86
N PHE D 308 -32.63 -5.70 -4.51
CA PHE D 308 -31.55 -4.84 -5.08
C PHE D 308 -30.34 -4.94 -4.19
N PRO D 309 -29.12 -4.71 -4.74
CA PRO D 309 -27.93 -4.60 -3.92
C PRO D 309 -27.84 -3.24 -3.18
N ASN D 310 -27.46 -3.29 -1.89
CA ASN D 310 -27.21 -2.08 -1.07
C ASN D 310 -25.73 -1.69 -1.21
N ALA D 311 -25.38 -0.61 -0.54
CA ALA D 311 -24.00 -0.05 -0.59
C ALA D 311 -22.95 -1.12 -0.28
N ASP D 312 -23.23 -2.08 0.56
CA ASP D 312 -22.19 -3.05 0.98
C ASP D 312 -21.69 -3.99 -0.13
N PHE D 313 -22.52 -4.28 -1.12
CA PHE D 313 -22.20 -5.32 -2.14
C PHE D 313 -20.98 -5.04 -3.03
N TYR D 314 -21.02 -3.97 -3.80
CA TYR D 314 -19.93 -3.65 -4.75
C TYR D 314 -18.77 -3.01 -4.01
N HIS D 315 -18.94 -2.57 -2.75
CA HIS D 315 -17.79 -2.16 -1.90
C HIS D 315 -16.75 -3.34 -1.74
N ALA D 316 -17.22 -4.58 -1.63
CA ALA D 316 -16.38 -5.79 -1.42
C ALA D 316 -15.36 -5.90 -2.57
N SER D 317 -15.84 -5.87 -3.82
CA SER D 317 -14.96 -5.98 -5.01
C SER D 317 -14.07 -4.74 -5.08
N ALA D 318 -14.62 -3.54 -4.87
CA ALA D 318 -13.83 -2.29 -5.01
C ALA D 318 -12.63 -2.36 -4.05
N TYR D 319 -12.87 -2.61 -2.77
CA TYR D 319 -11.75 -2.62 -1.79
C TYR D 319 -10.74 -3.75 -2.16
N HIS D 320 -11.22 -4.93 -2.49
CA HIS D 320 -10.36 -6.10 -2.92
C HIS D 320 -9.42 -5.66 -4.07
N PHE D 321 -9.93 -4.96 -5.07
CA PHE D 321 -9.11 -4.48 -6.23
C PHE D 321 -8.01 -3.51 -5.79
N MET D 322 -8.16 -2.80 -4.67
CA MET D 322 -7.13 -1.82 -4.21
C MET D 322 -6.14 -2.49 -3.24
N GLY D 323 -6.19 -3.83 -3.12
CA GLY D 323 -5.23 -4.67 -2.37
C GLY D 323 -5.53 -4.68 -0.86
N ILE D 324 -6.77 -4.36 -0.45
CA ILE D 324 -7.16 -4.23 0.97
C ILE D 324 -7.59 -5.60 1.50
N PRO D 325 -6.95 -6.12 2.57
CA PRO D 325 -7.37 -7.36 3.20
C PRO D 325 -8.83 -7.30 3.64
N THR D 326 -9.57 -8.39 3.46
CA THR D 326 -11.02 -8.42 3.75
C THR D 326 -11.30 -7.94 5.18
N LYS D 327 -10.48 -8.35 6.13
CA LYS D 327 -10.74 -8.05 7.55
C LYS D 327 -10.64 -6.55 7.86
N LEU D 328 -10.15 -5.74 6.93
CA LEU D 328 -10.08 -4.29 7.19
C LEU D 328 -11.26 -3.53 6.55
N PHE D 329 -12.21 -4.23 5.91
CA PHE D 329 -13.32 -3.53 5.22
C PHE D 329 -14.21 -2.76 6.22
N THR D 330 -14.62 -3.37 7.33
CA THR D 330 -15.48 -2.64 8.29
C THR D 330 -14.68 -1.54 9.00
N PRO D 331 -13.40 -1.75 9.38
CA PRO D 331 -12.60 -0.66 9.91
C PRO D 331 -12.55 0.60 9.00
N ILE D 332 -12.50 0.42 7.68
CA ILE D 332 -12.57 1.59 6.75
C ILE D 332 -13.93 2.30 6.93
N PHE D 333 -15.00 1.54 7.12
CA PHE D 333 -16.33 2.12 7.37
C PHE D 333 -16.26 2.97 8.65
N VAL D 334 -15.55 2.51 9.69
CA VAL D 334 -15.41 3.33 10.93
C VAL D 334 -14.69 4.63 10.60
N CYS D 335 -13.67 4.59 9.75
CA CYS D 335 -12.94 5.85 9.42
C CYS D 335 -13.89 6.91 8.79
N SER D 336 -14.83 6.45 7.96
CA SER D 336 -15.80 7.35 7.29
C SER D 336 -16.95 7.80 8.19
N ARG D 337 -17.60 6.83 8.81
CA ARG D 337 -18.85 7.01 9.61
C ARG D 337 -18.62 7.81 10.89
N THR D 338 -17.38 7.84 11.38
CA THR D 338 -17.07 8.68 12.56
C THR D 338 -17.57 10.11 12.29
N SER D 339 -17.50 10.60 11.04
CA SER D 339 -18.02 11.96 10.73
C SER D 339 -19.51 12.06 11.09
N GLY D 340 -20.36 11.15 10.59
CA GLY D 340 -21.79 11.15 10.93
C GLY D 340 -22.03 10.93 12.43
N TRP D 341 -21.36 9.93 13.03
CA TRP D 341 -21.61 9.59 14.45
C TRP D 341 -21.37 10.83 15.32
N THR D 342 -20.25 11.53 15.14
CA THR D 342 -19.88 12.68 15.98
C THR D 342 -20.88 13.84 15.73
N ALA D 343 -21.22 14.16 14.47
CA ALA D 343 -22.23 15.21 14.16
C ALA D 343 -23.57 14.91 14.85
N HIS D 344 -23.98 13.64 14.93
CA HIS D 344 -25.21 13.21 15.61
C HIS D 344 -25.11 13.44 17.13
N VAL D 345 -23.98 13.08 17.74
CA VAL D 345 -23.75 13.32 19.19
C VAL D 345 -23.90 14.82 19.46
N PHE D 346 -23.33 15.70 18.63
CA PHE D 346 -23.48 17.15 18.87
C PHE D 346 -24.96 17.56 18.86
N GLU D 347 -25.76 16.97 17.98
CA GLU D 347 -27.21 17.28 17.92
C GLU D 347 -27.91 16.78 19.19
N GLN D 348 -27.58 15.58 19.62
CA GLN D 348 -28.23 15.01 20.84
C GLN D 348 -27.89 15.88 22.06
N ARG D 349 -26.67 16.40 22.15
CA ARG D 349 -26.27 17.22 23.32
C ARG D 349 -26.97 18.59 23.30
N ALA D 350 -27.19 19.14 22.12
CA ALA D 350 -27.86 20.45 21.96
C ALA D 350 -29.37 20.38 22.24
N ASN D 351 -29.99 19.26 21.90
CA ASN D 351 -31.46 19.06 21.98
C ASN D 351 -31.67 17.65 22.49
N ASN D 352 -31.61 17.49 23.81
CA ASN D 352 -31.57 16.12 24.39
C ASN D 352 -32.94 15.49 24.54
N ARG D 353 -33.54 15.12 23.43
CA ARG D 353 -34.85 14.44 23.39
C ARG D 353 -34.63 13.09 22.71
N ILE D 354 -35.11 12.02 23.32
CA ILE D 354 -34.97 10.67 22.73
C ILE D 354 -36.09 9.77 23.24
N ILE D 355 -36.48 8.80 22.42
CA ILE D 355 -37.51 7.81 22.76
C ILE D 355 -37.07 7.04 24.00
N ARG D 356 -37.98 6.86 24.96
CA ARG D 356 -37.66 6.06 26.16
C ARG D 356 -38.41 4.73 26.00
N PRO D 357 -37.75 3.66 25.52
CA PRO D 357 -38.44 2.41 25.29
C PRO D 357 -38.56 1.57 26.55
N SER D 358 -39.67 0.87 26.68
CA SER D 358 -39.91 -0.03 27.83
C SER D 358 -40.28 -1.41 27.29
N ALA D 359 -40.15 -2.43 28.13
CA ALA D 359 -40.42 -3.81 27.70
C ALA D 359 -41.77 -4.31 28.21
N GLU D 360 -42.32 -5.29 27.52
CA GLU D 360 -43.56 -5.95 27.99
C GLU D 360 -43.10 -7.17 28.78
N TYR D 361 -43.56 -7.37 30.01
CA TYR D 361 -43.13 -8.54 30.82
C TYR D 361 -43.83 -9.81 30.33
N THR D 362 -43.04 -10.84 30.01
CA THR D 362 -43.57 -12.11 29.42
C THR D 362 -43.10 -13.28 30.28
N GLY D 363 -42.65 -13.00 31.50
CA GLY D 363 -41.96 -13.94 32.35
C GLY D 363 -42.94 -14.61 33.32
N VAL D 364 -42.42 -15.25 34.35
CA VAL D 364 -43.24 -16.13 35.24
C VAL D 364 -43.83 -15.28 36.36
N GLU D 365 -45.01 -15.70 36.82
CA GLU D 365 -45.73 -15.06 37.95
C GLU D 365 -44.84 -15.15 39.19
N GLN D 366 -45.08 -14.27 40.15
CA GLN D 366 -44.36 -14.20 41.44
C GLN D 366 -44.49 -15.53 42.18
N ARG D 367 -43.39 -16.00 42.75
CA ARG D 367 -43.26 -17.33 43.38
C ARG D 367 -42.41 -17.13 44.63
N ALA D 368 -42.59 -17.95 45.67
CA ALA D 368 -41.85 -17.89 46.95
C ALA D 368 -40.41 -18.36 46.76
N PHE D 369 -39.47 -17.83 47.56
CA PHE D 369 -38.06 -18.27 47.59
C PHE D 369 -38.04 -19.79 47.86
N VAL D 370 -37.13 -20.53 47.23
CA VAL D 370 -36.85 -21.99 47.50
C VAL D 370 -35.44 -22.08 48.11
N PRO D 371 -35.24 -22.52 49.38
CA PRO D 371 -33.90 -22.63 49.96
C PRO D 371 -32.99 -23.67 49.26
N LEU D 372 -31.66 -23.55 49.40
CA LEU D 372 -30.66 -24.33 48.59
C LEU D 372 -30.93 -25.83 48.76
N GLU D 373 -31.31 -26.27 49.97
CA GLU D 373 -31.46 -27.70 50.36
C GLU D 373 -32.73 -28.31 49.75
N GLN D 374 -33.64 -27.50 49.19
CA GLN D 374 -34.95 -27.96 48.68
C GLN D 374 -35.05 -27.84 47.15
N ARG D 375 -33.95 -27.55 46.44
CA ARG D 375 -33.97 -27.44 44.95
C ARG D 375 -33.55 -28.77 44.31
#